data_5D39
#
_entry.id   5D39
#
_cell.length_a   68.395
_cell.length_b   94.697
_cell.length_c   145.642
_cell.angle_alpha   79.62
_cell.angle_beta   78.31
_cell.angle_gamma   89.58
#
_symmetry.space_group_name_H-M   'P 1'
#
loop_
_entity.id
_entity.type
_entity.pdbx_description
1 polymer 'Signal transducer and activator of transcription 6'
2 polymer "DNA (5'-D(P*TP*CP*TP*GP*TP*CP*TP*TP*CP*CP*AP*GP*GP*AP*AP*AP*TP*CP*CP*AP*T)-3')"
3 polymer "DNA (5'-D(P*AP*TP*GP*GP*AP*TP*TP*TP*CP*CP*TP*GP*GP*AP*AP*GP*AP*CP*AP*GP*A)-3')"
4 water water
#
loop_
_entity_poly.entity_id
_entity_poly.type
_entity_poly.pdbx_seq_one_letter_code
_entity_poly.pdbx_strand_id
1 'polypeptide(L)'
;SNAWKQEELKFKTGLRRLQHRVGEIHLLREALQKGAEAGQVSLHSLIETPANGTGPSEALAMLLQETTGELEAAKALVLK
RIQIWKRQQQLAGNGAPFEESLAPLQERCESLVDIYSQLQQEVGAAGGELEPKTRASLTGRLDEVLRTLVTSCFLVEKQP
PQVLKTQTKFQAGVRFLLGLRFLGAPAKPPLVRADMVTEKQARELSVPQGPGAGAESTGEIINNTVPLENSIPGNCCSAL
FKNLLLKKIKRCERKGTESVTEEKCAVLFSASFTLGPGKLPIQLQALSLPLVVIVHGNQDNNAKATILWDNAFSEMDRVP
FVVAERVPWEKMCETLNLKFMAEVGTNRGLLPEHFLFLAQKIFNDNSLSMEAFQHRSVSWSQFNKEILLGRGFTFWQWFD
GVLDLTKRCLRSYWSDRLIIGFISKQYVTSLLLNEPDGTFLLRFSDSEIGGITIAHVIRGQDGSPQIENIQPFSAKDLSI
RSLGDRIRDLAQLKNLYPKKPKDEAFRSHYKPEQMGKDGRG(PTR)VPATIKMTVERDQPLPT
;
A,B,C,D
2 'polydeoxyribonucleotide'
;(DT)(DC)(DT)(DG)(DT)(DC)(DT)(DT)(DC)(DC)(DA)(DG)(DG)(DA)(DA)(DA)(DT)(DC)(DC)(DA)
(DT)
;
N,F
3 'polydeoxyribonucleotide'
;(DA)(DT)(DG)(DG)(DA)(DT)(DT)(DT)(DC)(DC)(DT)(DG)(DG)(DA)(DA)(DG)(DA)(DC)(DA)(DG)
(DA)
;
M,E
#
# COMPACT_ATOMS: atom_id res chain seq x y z
N GLN A 6 20.14 17.97 -27.29
CA GLN A 6 19.80 18.57 -25.99
C GLN A 6 19.07 19.89 -26.19
N GLU A 7 18.58 20.45 -25.09
CA GLU A 7 17.95 21.77 -25.11
C GLU A 7 19.05 22.81 -25.23
N GLU A 8 20.21 22.45 -24.70
CA GLU A 8 21.37 23.33 -24.71
C GLU A 8 21.80 23.64 -26.14
N LEU A 9 21.79 22.63 -27.01
CA LEU A 9 22.21 22.82 -28.38
C LEU A 9 21.22 23.71 -29.10
N LYS A 10 19.93 23.50 -28.83
CA LYS A 10 18.89 24.31 -29.43
C LYS A 10 19.16 25.77 -29.07
N PHE A 11 19.50 25.97 -27.81
CA PHE A 11 19.80 27.31 -27.31
C PHE A 11 21.00 27.93 -28.02
N LYS A 12 22.14 27.24 -28.03
CA LYS A 12 23.33 27.82 -28.62
C LYS A 12 23.14 28.08 -30.12
N THR A 13 22.49 27.18 -30.83
CA THR A 13 22.20 27.44 -32.24
C THR A 13 21.34 28.69 -32.43
N GLY A 14 20.28 28.82 -31.63
CA GLY A 14 19.43 29.99 -31.73
C GLY A 14 20.15 31.28 -31.36
N LEU A 15 21.13 31.17 -30.46
CA LEU A 15 21.89 32.33 -30.01
C LEU A 15 22.90 32.74 -31.09
N ARG A 16 23.49 31.74 -31.74
CA ARG A 16 24.38 31.99 -32.87
C ARG A 16 23.58 32.75 -33.92
N ARG A 17 22.34 32.33 -34.10
CA ARG A 17 21.44 33.02 -35.02
C ARG A 17 21.26 34.47 -34.58
N LEU A 18 21.06 34.72 -33.29
CA LEU A 18 20.87 36.09 -32.82
C LEU A 18 22.07 37.01 -33.07
N GLN A 19 23.27 36.50 -32.81
CA GLN A 19 24.47 37.28 -33.05
C GLN A 19 24.66 37.51 -34.55
N HIS A 20 24.31 36.51 -35.37
CA HIS A 20 24.38 36.73 -36.81
C HIS A 20 23.41 37.84 -37.20
N ARG A 21 22.25 37.86 -36.55
CA ARG A 21 21.24 38.86 -36.86
C ARG A 21 21.70 40.26 -36.47
N VAL A 22 22.42 40.37 -35.34
CA VAL A 22 22.92 41.67 -34.91
C VAL A 22 24.04 42.12 -35.88
N GLY A 23 24.77 41.15 -36.41
CA GLY A 23 25.73 41.46 -37.46
C GLY A 23 25.01 42.04 -38.66
N GLU A 24 23.92 41.39 -39.08
CA GLU A 24 23.12 41.87 -40.20
C GLU A 24 22.62 43.28 -40.00
N ILE A 25 21.96 43.54 -38.88
CA ILE A 25 21.43 44.87 -38.65
C ILE A 25 22.53 45.95 -38.66
N HIS A 26 23.64 45.66 -37.98
CA HIS A 26 24.73 46.63 -37.93
C HIS A 26 25.15 46.95 -39.36
N LEU A 27 25.32 45.90 -40.16
CA LEU A 27 25.68 46.10 -41.56
C LEU A 27 24.62 46.86 -42.36
N LEU A 28 23.34 46.69 -42.04
CA LEU A 28 22.29 47.34 -42.82
C LEU A 28 22.41 48.83 -42.54
N ARG A 29 22.92 49.19 -41.37
CA ARG A 29 23.13 50.61 -41.06
C ARG A 29 24.12 51.32 -42.02
N GLU A 30 24.72 50.58 -42.96
CA GLU A 30 25.56 51.16 -44.00
C GLU A 30 24.72 52.01 -44.97
N ALA A 31 23.40 51.90 -44.88
CA ALA A 31 22.50 52.68 -45.72
C ALA A 31 22.75 54.18 -45.50
N LEU A 32 23.13 54.51 -44.26
CA LEU A 32 23.59 55.86 -43.88
C LEU A 32 24.58 56.54 -44.85
N ALA A 59 13.99 52.15 -43.52
CA ALA A 59 13.78 51.00 -44.39
C ALA A 59 12.88 49.96 -43.72
N LEU A 60 12.33 49.05 -44.52
CA LEU A 60 11.56 47.94 -43.98
C LEU A 60 12.51 46.84 -43.53
N ALA A 61 13.77 47.23 -43.37
CA ALA A 61 14.81 46.33 -42.94
C ALA A 61 14.79 46.38 -41.42
N MET A 62 14.22 47.45 -40.88
CA MET A 62 13.97 47.50 -39.45
C MET A 62 12.68 46.74 -39.13
N LEU A 63 12.07 46.20 -40.18
CA LEU A 63 10.91 45.35 -40.03
C LEU A 63 11.55 43.99 -39.73
N LEU A 64 12.81 43.85 -40.14
CA LEU A 64 13.67 42.76 -39.70
C LEU A 64 13.96 42.97 -38.22
N GLN A 65 14.09 44.24 -37.80
CA GLN A 65 14.33 44.55 -36.38
C GLN A 65 13.18 44.08 -35.56
N GLU A 66 12.00 44.09 -36.16
CA GLU A 66 10.81 43.63 -35.46
C GLU A 66 10.77 42.11 -35.27
N THR A 67 11.45 41.37 -36.15
CA THR A 67 11.56 39.93 -35.98
C THR A 67 12.78 39.56 -35.12
N THR A 68 13.76 40.46 -35.05
CA THR A 68 14.90 40.31 -34.16
C THR A 68 14.49 40.53 -32.71
N GLY A 69 13.23 40.96 -32.55
CA GLY A 69 12.52 40.95 -31.29
C GLY A 69 12.24 39.53 -30.82
N GLU A 70 12.68 38.57 -31.63
CA GLU A 70 12.59 37.14 -31.33
C GLU A 70 13.49 36.77 -30.14
N LEU A 71 14.31 37.73 -29.72
CA LEU A 71 15.10 37.63 -28.49
C LEU A 71 14.19 37.22 -27.33
N GLU A 72 12.97 37.74 -27.34
CA GLU A 72 11.95 37.45 -26.34
C GLU A 72 11.67 35.95 -26.20
N ALA A 73 11.82 35.22 -27.31
CA ALA A 73 11.65 33.77 -27.29
C ALA A 73 12.74 33.14 -26.44
N ALA A 74 13.98 33.48 -26.75
CA ALA A 74 15.12 33.00 -25.99
C ALA A 74 14.98 33.32 -24.50
N LYS A 75 14.54 34.54 -24.20
CA LYS A 75 14.29 34.94 -22.81
C LYS A 75 13.31 33.98 -22.16
N ALA A 76 12.17 33.77 -22.82
CA ALA A 76 11.17 32.84 -22.31
C ALA A 76 11.79 31.46 -22.05
N LEU A 77 12.66 31.01 -22.95
CA LEU A 77 13.33 29.72 -22.78
C LEU A 77 14.25 29.65 -21.56
N VAL A 78 15.19 30.60 -21.44
CA VAL A 78 16.10 30.59 -20.29
C VAL A 78 15.32 30.72 -18.97
N LEU A 79 14.28 31.54 -18.98
CA LEU A 79 13.42 31.65 -17.79
C LEU A 79 12.80 30.31 -17.43
N LYS A 80 12.30 29.60 -18.44
CA LYS A 80 11.73 28.28 -18.18
C LYS A 80 12.80 27.34 -17.61
N ARG A 81 14.01 27.40 -18.15
CA ARG A 81 15.10 26.55 -17.65
C ARG A 81 15.41 26.87 -16.19
N ILE A 82 15.36 28.15 -15.84
CA ILE A 82 15.50 28.57 -14.46
C ILE A 82 14.44 27.87 -13.63
N GLN A 83 13.21 27.87 -14.13
CA GLN A 83 12.10 27.21 -13.43
C GLN A 83 12.42 25.74 -13.18
N ILE A 84 13.00 25.09 -14.18
CA ILE A 84 13.43 23.70 -14.05
C ILE A 84 14.50 23.53 -12.97
N TRP A 85 15.48 24.44 -12.93
CA TRP A 85 16.53 24.35 -11.93
C TRP A 85 15.95 24.48 -10.53
N LYS A 86 15.02 25.42 -10.37
CA LYS A 86 14.33 25.61 -9.10
C LYS A 86 13.59 24.35 -8.68
N ARG A 87 12.92 23.72 -9.64
CA ARG A 87 12.23 22.48 -9.36
C ARG A 87 13.20 21.34 -8.96
N GLN A 88 14.32 21.24 -9.65
CA GLN A 88 15.36 20.27 -9.31
C GLN A 88 15.86 20.50 -7.88
N GLN A 89 16.00 21.76 -7.49
CA GLN A 89 16.43 22.11 -6.15
C GLN A 89 15.39 21.68 -5.12
N GLN A 90 14.14 21.89 -5.49
CA GLN A 90 13.01 21.50 -4.65
C GLN A 90 13.02 20.01 -4.36
N LEU A 91 13.28 19.22 -5.39
CA LEU A 91 13.30 17.78 -5.23
C LEU A 91 14.61 17.32 -4.59
N ALA A 92 15.64 18.15 -4.69
CA ALA A 92 16.92 17.89 -4.07
C ALA A 92 16.80 17.99 -2.56
N GLY A 93 15.96 18.93 -2.12
CA GLY A 93 15.66 19.08 -0.71
C GLY A 93 15.00 17.85 -0.08
N ASN A 94 14.63 16.90 -0.93
CA ASN A 94 13.99 15.67 -0.47
C ASN A 94 14.91 14.46 -0.62
N GLY A 95 16.16 14.71 -0.98
CA GLY A 95 17.12 13.63 -1.19
C GLY A 95 16.91 13.02 -2.56
N ALA A 96 17.23 13.79 -3.59
CA ALA A 96 17.12 13.37 -4.98
C ALA A 96 18.26 14.01 -5.76
N PRO A 97 18.60 13.46 -6.94
CA PRO A 97 19.75 14.00 -7.68
C PRO A 97 19.59 15.48 -8.08
N PHE A 98 20.71 16.19 -8.04
CA PHE A 98 20.75 17.62 -8.26
C PHE A 98 21.91 17.97 -9.18
N GLU A 99 21.62 18.78 -10.18
CA GLU A 99 22.59 19.48 -11.01
C GLU A 99 22.95 20.88 -10.45
N GLU A 100 23.88 20.97 -9.48
CA GLU A 100 24.01 22.18 -8.65
C GLU A 100 24.47 23.46 -9.36
N SER A 101 25.10 23.32 -10.53
CA SER A 101 26.13 24.32 -10.92
C SER A 101 25.75 25.81 -11.02
N LEU A 102 24.68 26.11 -11.75
CA LEU A 102 24.16 27.48 -11.90
C LEU A 102 25.15 28.44 -12.57
N ALA A 103 26.27 27.90 -13.05
CA ALA A 103 27.25 28.69 -13.79
C ALA A 103 26.88 28.83 -15.27
N PRO A 104 26.44 27.72 -15.91
CA PRO A 104 26.11 27.91 -17.32
C PRO A 104 24.89 28.80 -17.46
N LEU A 105 23.95 28.71 -16.53
CA LEU A 105 22.74 29.53 -16.54
C LEU A 105 23.09 31.02 -16.49
N GLN A 106 24.05 31.34 -15.64
CA GLN A 106 24.56 32.69 -15.53
C GLN A 106 25.17 33.10 -16.86
N GLU A 107 25.82 32.15 -17.53
CA GLU A 107 26.41 32.45 -18.85
C GLU A 107 25.33 32.75 -19.88
N ARG A 108 24.26 31.97 -19.88
CA ARG A 108 23.12 32.20 -20.76
C ARG A 108 22.62 33.62 -20.54
N CYS A 109 22.43 33.97 -19.27
CA CYS A 109 21.94 35.30 -18.93
C CYS A 109 22.85 36.42 -19.45
N GLU A 110 24.15 36.30 -19.20
CA GLU A 110 25.15 37.25 -19.69
C GLU A 110 25.10 37.41 -21.21
N SER A 111 25.01 36.29 -21.91
CA SER A 111 24.91 36.29 -23.36
C SER A 111 23.70 37.08 -23.84
N LEU A 112 22.54 36.78 -23.25
CA LEU A 112 21.31 37.48 -23.62
C LEU A 112 21.36 38.99 -23.36
N VAL A 113 21.79 39.40 -22.17
CA VAL A 113 21.88 40.83 -21.92
C VAL A 113 22.94 41.47 -22.82
N ASP A 114 23.87 40.66 -23.32
CA ASP A 114 24.82 41.17 -24.30
C ASP A 114 24.13 41.52 -25.61
N ILE A 115 23.43 40.55 -26.20
CA ILE A 115 22.76 40.82 -27.48
C ILE A 115 21.68 41.91 -27.31
N TYR A 116 21.04 41.95 -26.14
CA TYR A 116 20.13 43.04 -25.83
C TYR A 116 20.87 44.36 -25.91
N SER A 117 22.04 44.43 -25.26
CA SER A 117 22.84 45.63 -25.21
C SER A 117 23.18 46.15 -26.60
N GLN A 118 23.76 45.29 -27.43
CA GLN A 118 24.12 45.72 -28.78
C GLN A 118 22.87 46.07 -29.59
N LEU A 119 21.76 45.40 -29.31
CA LEU A 119 20.52 45.71 -30.01
C LEU A 119 20.08 47.12 -29.69
N GLN A 120 19.98 47.41 -28.40
CA GLN A 120 19.58 48.73 -27.90
C GLN A 120 20.53 49.81 -28.41
N GLN A 121 21.82 49.52 -28.44
CA GLN A 121 22.80 50.46 -28.95
C GLN A 121 22.58 50.71 -30.43
N GLU A 122 22.15 49.67 -31.14
CA GLU A 122 21.89 49.78 -32.57
C GLU A 122 20.63 50.60 -32.87
N VAL A 123 19.60 50.41 -32.04
CA VAL A 123 18.38 51.20 -32.16
C VAL A 123 18.68 52.66 -31.80
N GLY A 124 19.52 52.81 -30.78
CA GLY A 124 19.98 54.10 -30.27
C GLY A 124 20.74 54.85 -31.33
N ALA A 125 21.72 54.17 -31.93
CA ALA A 125 22.43 54.71 -33.08
C ALA A 125 21.57 54.69 -34.34
N ALA A 126 21.87 55.58 -35.28
CA ALA A 126 21.15 55.63 -36.56
C ALA A 126 19.65 55.87 -36.41
N GLY A 127 19.29 56.73 -35.47
CA GLY A 127 17.90 57.04 -35.20
C GLY A 127 17.09 57.70 -36.30
N GLY A 128 17.72 58.62 -37.03
CA GLY A 128 17.00 59.49 -37.95
C GLY A 128 16.25 58.83 -39.09
N GLU A 129 16.85 57.84 -39.74
CA GLU A 129 16.17 57.11 -40.80
C GLU A 129 14.96 56.39 -40.20
N LEU A 130 15.20 55.86 -39.01
CA LEU A 130 14.21 55.12 -38.23
C LEU A 130 12.87 55.83 -38.06
N GLU A 131 11.78 55.10 -38.33
CA GLU A 131 10.43 55.62 -38.13
C GLU A 131 10.25 55.89 -36.64
N PRO A 132 9.54 56.96 -36.30
CA PRO A 132 9.53 57.42 -34.89
C PRO A 132 8.77 56.46 -33.98
N LYS A 133 7.62 55.98 -34.44
CA LYS A 133 6.83 55.04 -33.67
C LYS A 133 7.54 53.70 -33.48
N THR A 134 8.18 53.22 -34.55
CA THR A 134 8.87 51.94 -34.51
C THR A 134 10.03 51.94 -33.52
N ARG A 135 10.79 53.02 -33.50
CA ARG A 135 11.94 53.14 -32.63
C ARG A 135 11.49 53.09 -31.17
N ALA A 136 10.38 53.74 -30.89
CA ALA A 136 9.85 53.80 -29.54
C ALA A 136 9.27 52.45 -29.10
N SER A 137 8.46 51.85 -29.96
CA SER A 137 7.86 50.55 -29.64
C SER A 137 8.94 49.50 -29.41
N LEU A 138 9.95 49.52 -30.28
CA LEU A 138 11.07 48.61 -30.15
C LEU A 138 11.78 48.76 -28.82
N THR A 139 12.10 50.01 -28.48
CA THR A 139 12.77 50.30 -27.21
C THR A 139 11.96 49.75 -26.05
N GLY A 140 10.64 49.89 -26.14
CA GLY A 140 9.73 49.35 -25.13
C GLY A 140 9.86 47.84 -24.96
N ARG A 141 9.77 47.14 -26.08
CA ARG A 141 9.85 45.69 -26.08
C ARG A 141 11.16 45.22 -25.45
N LEU A 142 12.24 45.89 -25.87
CA LEU A 142 13.59 45.54 -25.42
C LEU A 142 13.84 45.76 -23.93
N ASP A 143 13.62 46.98 -23.45
CA ASP A 143 13.86 47.20 -22.03
C ASP A 143 12.90 46.36 -21.19
N GLU A 144 11.74 46.00 -21.76
CA GLU A 144 10.87 45.05 -21.05
C GLU A 144 11.58 43.71 -20.85
N VAL A 145 12.12 43.14 -21.94
CA VAL A 145 12.78 41.83 -21.79
C VAL A 145 13.96 41.93 -20.81
N LEU A 146 14.62 43.08 -20.79
CA LEU A 146 15.69 43.28 -19.81
C LEU A 146 15.16 43.20 -18.38
N ARG A 147 14.09 43.95 -18.13
CA ARG A 147 13.48 44.03 -16.82
C ARG A 147 13.09 42.63 -16.30
N THR A 148 12.35 41.89 -17.13
CA THR A 148 11.93 40.54 -16.73
C THR A 148 13.14 39.65 -16.48
N LEU A 149 14.16 39.79 -17.31
CA LEU A 149 15.36 38.98 -17.16
C LEU A 149 16.00 39.21 -15.79
N VAL A 150 16.19 40.48 -15.42
CA VAL A 150 16.85 40.76 -14.15
C VAL A 150 15.95 40.39 -12.96
N THR A 151 14.64 40.57 -13.06
CA THR A 151 13.77 40.18 -11.95
C THR A 151 13.77 38.66 -11.79
N SER A 152 14.13 37.95 -12.84
CA SER A 152 14.23 36.51 -12.76
C SER A 152 15.64 36.01 -12.51
N CYS A 153 16.61 36.93 -12.45
CA CYS A 153 17.99 36.51 -12.20
C CYS A 153 18.39 36.48 -10.72
N PHE A 154 17.44 36.71 -9.82
CA PHE A 154 17.73 36.75 -8.38
C PHE A 154 17.27 35.46 -7.68
N LEU A 155 18.19 34.53 -7.48
CA LEU A 155 17.83 33.18 -7.02
C LEU A 155 18.35 32.86 -5.62
N VAL A 156 17.60 32.06 -4.87
CA VAL A 156 18.09 31.49 -3.62
C VAL A 156 18.95 30.27 -3.95
N GLU A 157 20.26 30.40 -3.78
CA GLU A 157 21.18 29.36 -4.18
C GLU A 157 21.43 28.33 -3.08
N LYS A 158 21.62 28.83 -1.87
CA LYS A 158 21.71 27.98 -0.68
C LYS A 158 20.48 28.20 0.18
N GLN A 159 19.54 27.27 0.13
CA GLN A 159 18.29 27.39 0.85
C GLN A 159 18.53 27.21 2.35
N PRO A 160 17.71 27.85 3.19
CA PRO A 160 17.71 27.55 4.63
C PRO A 160 17.14 26.15 4.88
N PRO A 161 17.34 25.62 6.10
CA PRO A 161 16.78 24.29 6.42
C PRO A 161 15.25 24.29 6.38
N GLN A 162 14.70 23.32 5.66
CA GLN A 162 13.25 23.21 5.43
C GLN A 162 12.47 23.00 6.72
N VAL A 163 13.10 22.34 7.69
CA VAL A 163 12.57 22.26 9.04
C VAL A 163 13.55 22.98 9.93
N LEU A 164 13.06 23.99 10.65
CA LEU A 164 13.92 25.01 11.23
C LEU A 164 13.60 25.27 12.69
N LYS A 165 14.59 25.10 13.57
CA LYS A 165 14.36 25.27 14.99
C LYS A 165 14.72 26.68 15.42
N THR A 166 13.95 27.20 16.37
CA THR A 166 14.13 28.55 16.87
C THR A 166 15.45 28.69 17.61
N GLN A 167 16.00 29.90 17.60
CA GLN A 167 17.22 30.26 18.33
C GLN A 167 18.35 29.24 18.13
N THR A 168 18.49 28.83 16.88
CA THR A 168 19.55 27.95 16.43
C THR A 168 20.09 28.57 15.16
N LYS A 169 21.40 28.58 15.00
CA LYS A 169 22.05 29.20 13.86
C LYS A 169 21.92 28.36 12.58
N PHE A 170 21.60 29.04 11.48
CA PHE A 170 21.51 28.40 10.18
C PHE A 170 22.11 29.39 9.18
N GLN A 171 22.24 28.96 7.93
CA GLN A 171 22.85 29.83 6.92
C GLN A 171 21.95 29.91 5.70
N ALA A 172 22.20 30.88 4.84
CA ALA A 172 21.45 30.98 3.59
C ALA A 172 22.25 31.76 2.58
N GLY A 173 22.07 31.51 1.29
CA GLY A 173 22.79 32.29 0.32
C GLY A 173 22.05 32.58 -0.97
N VAL A 174 22.12 33.82 -1.42
CA VAL A 174 21.53 34.17 -2.70
C VAL A 174 22.61 34.43 -3.75
N ARG A 175 22.22 34.32 -5.01
CA ARG A 175 23.12 34.55 -6.14
C ARG A 175 22.43 35.44 -7.16
N PHE A 176 23.17 36.36 -7.76
CA PHE A 176 22.64 37.20 -8.81
C PHE A 176 23.43 36.96 -10.09
N LEU A 177 22.75 36.44 -11.11
CA LEU A 177 23.41 35.96 -12.32
C LEU A 177 23.97 37.12 -13.15
N LEU A 178 23.30 38.26 -13.09
CA LEU A 178 23.74 39.42 -13.86
C LEU A 178 24.52 40.38 -12.97
N GLY A 179 24.94 39.89 -11.80
CA GLY A 179 25.67 40.72 -10.85
C GLY A 179 27.00 41.16 -11.41
N LEU A 180 27.57 40.32 -12.26
CA LEU A 180 28.89 40.61 -12.82
C LEU A 180 28.79 41.67 -13.90
N ARG A 181 27.58 42.13 -14.20
CA ARG A 181 27.37 43.15 -15.22
C ARG A 181 27.04 44.53 -14.68
N PHE A 182 26.40 44.57 -13.52
CA PHE A 182 25.90 45.82 -12.98
C PHE A 182 26.49 46.09 -11.61
N LEU A 183 27.22 45.12 -11.07
CA LEU A 183 27.87 45.27 -9.75
C LEU A 183 26.85 45.59 -8.65
N PRO A 186 33.17 50.88 -10.12
CA PRO A 186 31.94 50.11 -9.91
C PRO A 186 31.12 50.63 -8.74
N ALA A 187 29.79 50.60 -8.86
CA ALA A 187 28.93 51.04 -7.76
C ALA A 187 29.06 50.12 -6.55
N LYS A 188 28.72 50.65 -5.39
CA LYS A 188 28.85 49.90 -4.15
C LYS A 188 27.84 48.76 -4.03
N PRO A 189 28.27 47.63 -3.44
CA PRO A 189 27.40 46.46 -3.27
C PRO A 189 26.20 46.76 -2.37
N PRO A 190 25.04 46.23 -2.74
CA PRO A 190 23.77 46.36 -1.99
C PRO A 190 23.61 45.49 -0.73
N LEU A 191 22.70 45.91 0.15
CA LEU A 191 22.44 45.27 1.45
C LEU A 191 21.93 43.83 1.49
N VAL A 192 20.99 43.48 0.62
CA VAL A 192 20.43 42.11 0.56
C VAL A 192 19.82 41.51 1.85
N ARG A 193 18.96 42.26 2.53
CA ARG A 193 18.32 41.82 3.79
C ARG A 193 17.29 40.68 3.66
N ALA A 194 17.13 39.91 4.74
CA ALA A 194 16.25 38.75 4.80
C ALA A 194 15.21 38.89 5.91
N ASP A 195 13.96 38.67 5.56
CA ASP A 195 12.86 38.81 6.52
C ASP A 195 11.92 37.62 6.50
N MET A 196 11.52 37.17 7.68
CA MET A 196 10.58 36.06 7.79
C MET A 196 9.16 36.44 7.38
N VAL A 197 8.65 35.77 6.35
CA VAL A 197 7.26 35.95 5.94
C VAL A 197 6.47 34.65 6.10
N THR A 198 5.17 34.80 6.33
CA THR A 198 4.25 33.66 6.41
C THR A 198 3.69 33.37 5.04
N GLU A 199 2.99 32.24 4.91
CA GLU A 199 2.34 31.86 3.66
C GLU A 199 1.35 32.95 3.26
N LYS A 200 0.57 33.40 4.23
CA LYS A 200 -0.37 34.51 4.09
C LYS A 200 0.29 35.74 3.48
N GLN A 201 1.37 36.19 4.11
CA GLN A 201 2.15 37.32 3.62
C GLN A 201 2.80 37.02 2.27
N ALA A 202 3.11 35.76 2.02
CA ALA A 202 3.85 35.37 0.82
C ALA A 202 2.98 35.32 -0.43
N ARG A 203 1.69 35.04 -0.24
CA ARG A 203 0.74 35.08 -1.35
C ARG A 203 0.76 36.46 -1.98
N GLU A 204 1.05 37.45 -1.15
CA GLU A 204 0.90 38.85 -1.50
C GLU A 204 2.26 39.51 -1.74
N LEU A 205 2.50 40.19 -2.87
CA LEU A 205 1.61 40.38 -4.03
C LEU A 205 0.25 41.00 -3.72
N GLU A 216 2.32 41.97 10.50
CA GLU A 216 3.69 41.93 10.04
C GLU A 216 4.59 41.26 11.08
N SER A 217 5.88 41.20 10.77
CA SER A 217 6.92 40.70 11.69
C SER A 217 6.55 39.42 12.45
N THR A 218 6.31 38.35 11.71
CA THR A 218 5.84 37.09 12.29
C THR A 218 6.83 36.50 13.28
N GLY A 219 8.11 36.62 12.97
CA GLY A 219 9.20 36.28 13.86
C GLY A 219 10.44 36.92 13.25
N GLU A 220 11.29 37.54 14.07
CA GLU A 220 12.40 38.31 13.52
C GLU A 220 13.78 37.69 13.74
N ILE A 221 14.69 38.05 12.84
CA ILE A 221 15.97 37.38 12.70
C ILE A 221 17.22 38.28 12.81
N ILE A 222 18.19 37.86 13.63
CA ILE A 222 19.45 38.59 13.78
C ILE A 222 20.37 38.38 12.57
N ASN A 223 21.31 39.30 12.39
CA ASN A 223 22.31 39.23 11.32
C ASN A 223 21.70 39.08 9.93
N ASN A 224 20.65 39.84 9.69
CA ASN A 224 19.85 39.72 8.48
C ASN A 224 20.18 40.73 7.37
N THR A 225 21.39 41.29 7.43
CA THR A 225 21.90 42.23 6.43
C THR A 225 23.31 41.85 5.96
N VAL A 226 23.48 41.58 4.66
CA VAL A 226 24.78 41.19 4.10
C VAL A 226 25.13 41.94 2.81
N PRO A 227 26.40 42.24 2.58
CA PRO A 227 26.63 42.89 1.28
C PRO A 227 26.59 41.90 0.11
N LEU A 228 25.91 42.27 -0.97
CA LEU A 228 25.88 41.45 -2.17
C LEU A 228 27.22 41.60 -2.88
N GLU A 229 28.15 40.71 -2.53
CA GLU A 229 29.52 40.87 -2.97
C GLU A 229 29.84 40.27 -4.33
N ASN A 230 30.87 40.81 -4.98
CA ASN A 230 31.21 40.45 -6.33
C ASN A 230 32.57 39.74 -6.31
N SER A 231 32.53 38.42 -6.44
CA SER A 231 33.73 37.60 -6.37
C SER A 231 34.19 37.20 -7.77
N ILE A 232 35.20 37.90 -8.27
CA ILE A 232 35.81 37.59 -9.53
C ILE A 232 36.47 36.19 -9.56
N PRO A 233 37.12 35.76 -8.45
CA PRO A 233 37.71 34.41 -8.56
C PRO A 233 36.67 33.31 -8.70
N GLY A 234 35.46 33.56 -8.19
CA GLY A 234 34.37 32.62 -8.33
C GLY A 234 33.51 32.89 -9.56
N ASN A 235 33.71 34.05 -10.19
CA ASN A 235 32.86 34.50 -11.29
C ASN A 235 31.42 34.59 -10.83
N CYS A 236 31.23 35.01 -9.59
CA CYS A 236 29.88 35.03 -9.04
C CYS A 236 29.61 36.29 -8.26
N CYS A 237 28.39 36.77 -8.37
CA CYS A 237 27.92 37.84 -7.52
C CYS A 237 26.95 37.16 -6.62
N SER A 238 27.23 37.20 -5.33
CA SER A 238 26.44 36.42 -4.40
C SER A 238 26.46 37.10 -3.05
N ALA A 239 25.45 36.80 -2.25
CA ALA A 239 25.43 37.30 -0.90
C ALA A 239 25.12 36.14 0.00
N LEU A 240 26.11 35.79 0.82
CA LEU A 240 25.94 34.68 1.74
C LEU A 240 25.78 35.17 3.17
N PHE A 241 24.76 34.62 3.79
CA PHE A 241 24.38 34.83 5.17
C PHE A 241 24.99 33.69 5.96
N LYS A 242 26.21 33.93 6.46
CA LYS A 242 27.01 32.91 7.10
C LYS A 242 26.45 32.67 8.48
N ASN A 243 25.77 33.68 9.00
CA ASN A 243 25.22 33.64 10.34
C ASN A 243 23.80 34.18 10.35
N LEU A 244 22.88 33.43 10.95
CA LEU A 244 21.47 33.81 11.04
C LEU A 244 20.87 33.05 12.21
N LEU A 245 20.02 33.72 12.99
CA LEU A 245 19.33 33.04 14.09
C LEU A 245 17.91 33.55 14.21
N LEU A 246 16.96 32.64 14.43
CA LEU A 246 15.56 33.00 14.57
C LEU A 246 15.18 33.02 16.03
N LYS A 247 14.90 34.20 16.55
CA LYS A 247 14.70 34.37 17.99
C LYS A 247 13.30 33.95 18.47
N LYS A 248 12.26 34.48 17.83
CA LYS A 248 10.91 34.17 18.28
C LYS A 248 9.97 33.91 17.11
N ILE A 249 8.99 33.04 17.32
CA ILE A 249 8.03 32.75 16.28
C ILE A 249 6.64 32.97 16.83
N LYS A 250 5.84 33.72 16.08
CA LYS A 250 4.44 33.93 16.39
C LYS A 250 3.70 33.22 15.29
N ARG A 251 2.74 32.40 15.66
CA ARG A 251 2.15 31.48 14.71
C ARG A 251 0.79 31.99 14.29
N CYS A 252 0.53 31.88 13.00
CA CYS A 252 -0.74 32.29 12.44
C CYS A 252 -1.82 31.47 13.10
N GLU A 253 -3.07 31.87 12.93
CA GLU A 253 -4.14 31.21 13.66
C GLU A 253 -4.64 30.06 12.82
N ARG A 254 -4.83 28.91 13.46
CA ARG A 254 -5.19 27.69 12.75
C ARG A 254 -6.55 27.16 13.18
N LYS A 255 -7.22 26.49 12.26
CA LYS A 255 -8.51 25.87 12.51
C LYS A 255 -8.59 24.48 11.88
N GLY A 256 -9.51 23.65 12.38
CA GLY A 256 -9.68 22.31 11.87
C GLY A 256 -8.70 21.29 12.45
N THR A 257 -7.98 21.69 13.49
CA THR A 257 -7.02 20.83 14.17
C THR A 257 -5.69 20.82 13.44
N GLU A 258 -5.59 21.64 12.40
CA GLU A 258 -4.34 21.84 11.67
C GLU A 258 -3.19 22.11 12.63
N SER A 259 -2.45 21.04 12.93
CA SER A 259 -1.25 21.10 13.77
C SER A 259 -0.31 22.22 13.38
N VAL A 260 0.31 22.82 14.38
CA VAL A 260 1.24 23.91 14.18
C VAL A 260 2.33 23.50 13.17
N THR A 261 2.73 22.23 13.22
CA THR A 261 3.87 21.76 12.44
C THR A 261 3.64 21.68 10.95
N GLU A 262 2.42 21.91 10.49
CA GLU A 262 2.16 21.97 9.05
C GLU A 262 1.98 23.40 8.53
N GLU A 263 2.18 24.38 9.39
CA GLU A 263 2.09 25.78 8.98
C GLU A 263 3.37 26.17 8.24
N LYS A 264 3.22 26.64 7.00
CA LYS A 264 4.38 26.92 6.15
C LYS A 264 4.72 28.40 6.09
N CYS A 265 6.01 28.70 6.10
CA CYS A 265 6.50 30.07 5.95
C CYS A 265 7.76 30.05 5.09
N ALA A 266 8.30 31.22 4.79
CA ALA A 266 9.57 31.29 4.06
C ALA A 266 10.34 32.55 4.42
N VAL A 267 11.63 32.59 4.06
CA VAL A 267 12.40 33.81 4.23
C VAL A 267 12.48 34.56 2.89
N LEU A 268 12.32 35.88 2.97
CA LEU A 268 12.31 36.76 1.80
C LEU A 268 13.57 37.59 1.70
N PHE A 269 14.28 37.45 0.59
CA PHE A 269 15.49 38.23 0.34
C PHE A 269 15.21 39.45 -0.55
N SER A 270 15.49 40.64 -0.03
CA SER A 270 15.22 41.89 -0.75
C SER A 270 16.53 42.65 -0.97
N ALA A 271 16.65 43.36 -2.10
CA ALA A 271 17.84 44.16 -2.39
C ALA A 271 17.50 45.20 -3.45
N SER A 272 18.30 46.25 -3.61
CA SER A 272 18.03 47.24 -4.65
C SER A 272 19.22 48.01 -5.22
N PHE A 273 19.13 48.26 -6.53
CA PHE A 273 19.90 49.28 -7.22
C PHE A 273 18.95 49.83 -8.29
N THR A 274 18.98 51.11 -8.68
CA THR A 274 20.02 52.15 -8.60
C THR A 274 21.29 51.75 -9.31
N LEU A 275 21.17 51.39 -10.59
CA LEU A 275 22.37 51.21 -11.39
C LEU A 275 22.30 52.01 -12.69
N GLY A 276 23.19 52.99 -12.83
CA GLY A 276 23.25 53.76 -14.05
C GLY A 276 23.86 52.82 -15.05
N PRO A 277 23.22 52.60 -16.21
CA PRO A 277 22.11 53.27 -16.92
C PRO A 277 20.80 53.53 -16.16
N GLY A 278 20.74 54.72 -15.59
CA GLY A 278 19.64 55.11 -14.74
C GLY A 278 18.47 55.54 -15.61
N LYS A 279 17.39 55.95 -14.98
CA LYS A 279 17.33 55.90 -13.52
C LYS A 279 16.11 55.10 -13.10
N LEU A 280 16.22 53.78 -13.19
CA LEU A 280 15.09 52.97 -12.81
C LEU A 280 15.48 51.97 -11.73
N PRO A 281 15.59 52.43 -10.48
CA PRO A 281 16.00 51.44 -9.50
C PRO A 281 14.93 50.37 -9.42
N ILE A 282 15.35 49.11 -9.53
CA ILE A 282 14.43 48.00 -9.48
C ILE A 282 14.73 47.21 -8.25
N GLN A 283 13.67 46.86 -7.55
CA GLN A 283 13.77 46.13 -6.31
C GLN A 283 13.75 44.66 -6.63
N LEU A 284 14.79 43.97 -6.16
CA LEU A 284 14.94 42.55 -6.34
C LEU A 284 14.42 41.87 -5.10
N GLN A 285 13.59 40.84 -5.30
CA GLN A 285 13.17 40.00 -4.21
C GLN A 285 13.11 38.56 -4.65
N ALA A 286 13.51 37.68 -3.75
CA ALA A 286 13.50 36.25 -4.01
C ALA A 286 12.98 35.54 -2.79
N LEU A 287 12.07 34.59 -3.02
CA LEU A 287 11.50 33.83 -1.93
C LEU A 287 12.20 32.49 -1.81
N SER A 288 12.22 31.99 -0.58
CA SER A 288 12.81 30.72 -0.28
C SER A 288 11.82 29.61 -0.57
N LEU A 289 12.26 28.37 -0.43
CA LEU A 289 11.35 27.24 -0.44
C LEU A 289 10.52 27.40 0.82
N PRO A 290 9.30 26.85 0.83
CA PRO A 290 8.54 26.94 2.08
C PRO A 290 9.26 26.15 3.18
N LEU A 291 9.28 26.67 4.40
CA LEU A 291 9.88 25.94 5.52
C LEU A 291 8.92 25.88 6.70
N VAL A 292 9.09 24.87 7.54
CA VAL A 292 8.31 24.77 8.76
C VAL A 292 9.23 25.02 9.95
N VAL A 293 8.84 25.95 10.82
CA VAL A 293 9.67 26.32 11.96
C VAL A 293 9.19 25.66 13.25
N ILE A 294 10.09 24.96 13.95
CA ILE A 294 9.73 24.20 15.14
C ILE A 294 10.45 24.72 16.39
N VAL A 295 9.98 24.29 17.56
CA VAL A 295 10.50 24.80 18.83
C VAL A 295 11.30 23.73 19.58
N HIS A 296 11.07 22.47 19.26
CA HIS A 296 11.74 21.37 19.93
C HIS A 296 11.86 20.15 19.04
N GLY A 297 12.81 19.29 19.36
CA GLY A 297 13.05 18.06 18.63
C GLY A 297 11.82 17.19 18.39
N ASN A 298 10.92 17.14 19.37
CA ASN A 298 9.76 16.24 19.29
C ASN A 298 8.80 16.56 18.14
N GLN A 299 8.93 17.75 17.56
CA GLN A 299 8.07 18.15 16.44
C GLN A 299 8.72 17.78 15.10
N ASP A 300 10.01 17.42 15.14
CA ASP A 300 10.82 17.27 13.93
C ASP A 300 10.15 16.38 12.92
N ASN A 301 9.67 15.27 13.43
CA ASN A 301 9.13 14.22 12.61
C ASN A 301 7.94 14.77 11.81
N ASN A 302 6.97 15.34 12.52
CA ASN A 302 5.80 15.87 11.85
C ASN A 302 6.16 17.00 10.90
N ALA A 303 7.18 17.77 11.26
CA ALA A 303 7.60 18.87 10.41
C ALA A 303 8.07 18.29 9.09
N LYS A 304 8.85 17.22 9.19
CA LYS A 304 9.49 16.62 8.03
C LYS A 304 8.45 16.28 6.96
N ALA A 305 7.37 15.65 7.40
CA ALA A 305 6.33 15.20 6.49
C ALA A 305 5.77 16.39 5.73
N THR A 306 5.52 17.49 6.45
CA THR A 306 4.91 18.66 5.84
C THR A 306 5.80 19.11 4.72
N ILE A 307 7.11 19.16 4.99
CA ILE A 307 8.04 19.55 3.96
C ILE A 307 8.05 18.54 2.81
N LEU A 308 8.12 17.26 3.18
CA LEU A 308 8.28 16.19 2.20
C LEU A 308 7.19 16.27 1.16
N TRP A 309 5.94 16.28 1.65
CA TRP A 309 4.78 16.31 0.77
C TRP A 309 4.94 17.49 -0.17
N ASP A 310 5.20 18.66 0.41
CA ASP A 310 5.23 19.89 -0.36
C ASP A 310 6.35 19.78 -1.40
N ASN A 311 7.51 19.29 -0.98
CA ASN A 311 8.63 19.19 -1.90
C ASN A 311 8.32 18.22 -3.00
N ALA A 312 7.66 17.12 -2.64
CA ALA A 312 7.39 16.07 -3.60
C ALA A 312 6.43 16.57 -4.67
N PHE A 313 5.37 17.23 -4.22
CA PHE A 313 4.22 17.45 -5.07
C PHE A 313 3.88 18.90 -5.44
N SER A 314 4.72 19.87 -5.11
CA SER A 314 4.39 21.26 -5.49
C SER A 314 4.42 21.40 -7.02
N GLU A 315 3.36 21.97 -7.57
CA GLU A 315 3.18 21.98 -9.02
C GLU A 315 3.91 23.12 -9.72
N MET A 316 5.23 23.01 -9.81
CA MET A 316 6.01 23.99 -10.54
C MET A 316 5.69 25.38 -9.98
N ASP A 317 5.40 26.34 -10.85
CA ASP A 317 4.95 27.65 -10.39
C ASP A 317 3.57 27.50 -9.78
N ARG A 318 3.38 28.10 -8.61
CA ARG A 318 2.11 28.06 -7.91
C ARG A 318 2.05 29.26 -6.97
N VAL A 319 0.86 29.63 -6.52
CA VAL A 319 0.82 30.67 -5.50
C VAL A 319 1.32 29.99 -4.22
N PRO A 320 2.14 30.69 -3.44
CA PRO A 320 2.70 30.15 -2.20
C PRO A 320 1.65 30.00 -1.11
N PHE A 321 1.58 28.86 -0.44
CA PHE A 321 2.37 27.67 -0.76
C PHE A 321 1.45 26.48 -0.95
N VAL A 322 0.67 26.47 -2.03
CA VAL A 322 -0.35 25.44 -2.21
C VAL A 322 0.24 24.15 -2.74
N VAL A 323 -0.26 23.03 -2.22
CA VAL A 323 0.08 21.70 -2.71
C VAL A 323 -1.18 20.86 -2.62
N ALA A 324 -1.29 19.81 -3.44
CA ALA A 324 -2.49 18.98 -3.50
C ALA A 324 -2.80 18.30 -2.17
N GLU A 325 -4.07 17.97 -1.98
CA GLU A 325 -4.48 17.21 -0.81
C GLU A 325 -4.37 15.70 -1.02
N ARG A 326 -4.54 15.23 -2.26
CA ARG A 326 -4.35 13.81 -2.53
C ARG A 326 -3.53 13.62 -3.80
N VAL A 327 -2.82 12.49 -3.88
CA VAL A 327 -1.92 12.19 -4.99
C VAL A 327 -1.98 10.72 -5.34
N PRO A 328 -1.55 10.35 -6.55
CA PRO A 328 -1.48 8.91 -6.87
C PRO A 328 -0.54 8.16 -5.94
N TRP A 329 -0.97 7.00 -5.45
CA TRP A 329 -0.19 6.18 -4.52
C TRP A 329 1.16 5.74 -5.10
N GLU A 330 1.23 5.57 -6.42
CA GLU A 330 2.49 5.23 -7.08
C GLU A 330 3.55 6.30 -6.86
N LYS A 331 3.16 7.55 -7.03
CA LYS A 331 4.08 8.68 -6.91
C LYS A 331 4.53 8.81 -5.47
N MET A 332 3.63 8.48 -4.55
CA MET A 332 3.95 8.46 -3.13
C MET A 332 4.98 7.39 -2.88
N CYS A 333 4.86 6.28 -3.60
CA CYS A 333 5.84 5.20 -3.49
C CYS A 333 7.21 5.65 -3.99
N GLU A 334 7.22 6.37 -5.11
CA GLU A 334 8.45 6.94 -5.65
C GLU A 334 9.14 7.86 -4.62
N THR A 335 8.37 8.79 -4.09
CA THR A 335 8.88 9.75 -3.12
C THR A 335 9.39 9.06 -1.86
N LEU A 336 8.59 8.14 -1.31
CA LEU A 336 8.95 7.36 -0.14
C LEU A 336 10.25 6.57 -0.33
N ASN A 337 10.40 5.95 -1.50
CA ASN A 337 11.59 5.18 -1.84
C ASN A 337 12.82 6.08 -1.84
N LEU A 338 12.69 7.18 -2.58
CA LEU A 338 13.71 8.21 -2.63
C LEU A 338 14.15 8.69 -1.23
N LYS A 339 13.18 9.04 -0.39
CA LYS A 339 13.48 9.51 0.96
C LYS A 339 14.14 8.43 1.82
N PHE A 340 13.70 7.19 1.66
CA PHE A 340 14.25 6.07 2.42
C PHE A 340 15.71 5.93 2.11
N MET A 341 16.00 5.81 0.82
CA MET A 341 17.38 5.63 0.35
C MET A 341 18.26 6.81 0.74
N ALA A 342 17.68 8.01 0.70
CA ALA A 342 18.41 9.23 1.01
C ALA A 342 18.79 9.37 2.48
N GLU A 343 17.83 9.10 3.36
CA GLU A 343 18.06 9.30 4.79
C GLU A 343 18.82 8.12 5.39
N VAL A 344 18.53 6.92 4.93
CA VAL A 344 19.30 5.76 5.37
C VAL A 344 20.72 5.84 4.80
N GLY A 345 20.81 6.19 3.51
CA GLY A 345 22.09 6.25 2.83
C GLY A 345 22.48 4.94 2.17
N THR A 346 21.55 4.36 1.41
CA THR A 346 21.76 3.06 0.78
C THR A 346 21.35 3.12 -0.69
N ASN A 347 22.01 2.35 -1.54
CA ASN A 347 21.72 2.42 -2.97
C ASN A 347 20.51 1.58 -3.34
N ARG A 348 20.17 0.63 -2.49
CA ARG A 348 19.03 -0.22 -2.77
C ARG A 348 18.00 -0.19 -1.66
N GLY A 349 16.79 0.18 -2.05
CA GLY A 349 15.68 0.37 -1.13
C GLY A 349 14.53 -0.59 -1.38
N LEU A 350 13.32 -0.04 -1.35
CA LEU A 350 12.10 -0.82 -1.23
C LEU A 350 11.74 -1.65 -2.47
N LEU A 351 11.07 -2.78 -2.21
CA LEU A 351 10.64 -3.73 -3.22
C LEU A 351 9.11 -3.73 -3.38
N PRO A 352 8.59 -4.34 -4.46
CA PRO A 352 7.14 -4.52 -4.66
C PRO A 352 6.40 -5.02 -3.42
N GLU A 353 6.89 -6.09 -2.84
CA GLU A 353 6.30 -6.69 -1.66
C GLU A 353 6.24 -5.68 -0.46
N HIS A 354 7.28 -4.86 -0.31
CA HIS A 354 7.30 -3.81 0.71
C HIS A 354 6.16 -2.83 0.46
N PHE A 355 6.14 -2.27 -0.75
CA PHE A 355 5.10 -1.33 -1.17
C PHE A 355 3.70 -1.88 -0.96
N LEU A 356 3.50 -3.17 -1.24
CA LEU A 356 2.25 -3.84 -0.95
C LEU A 356 1.92 -3.76 0.55
N PHE A 357 2.87 -4.16 1.39
CA PHE A 357 2.66 -4.10 2.84
C PHE A 357 2.29 -2.70 3.30
N LEU A 358 2.96 -1.70 2.71
CA LEU A 358 2.74 -0.30 3.04
C LEU A 358 1.37 0.17 2.59
N ALA A 359 0.97 -0.24 1.40
CA ALA A 359 -0.34 0.11 0.87
C ALA A 359 -1.40 -0.42 1.82
N GLN A 360 -1.23 -1.68 2.23
CA GLN A 360 -2.12 -2.28 3.22
C GLN A 360 -2.19 -1.48 4.52
N LYS A 361 -1.03 -1.14 5.07
CA LYS A 361 -0.97 -0.37 6.31
C LYS A 361 -1.67 0.98 6.20
N ILE A 362 -1.30 1.76 5.18
CA ILE A 362 -1.78 3.13 5.05
C ILE A 362 -3.25 3.17 4.67
N PHE A 363 -3.72 2.15 3.96
CA PHE A 363 -5.10 2.14 3.47
C PHE A 363 -6.05 1.35 4.36
N ASN A 364 -5.51 0.62 5.33
CA ASN A 364 -6.28 -0.29 6.17
C ASN A 364 -6.94 -1.36 5.30
N ASP A 365 -6.33 -1.63 4.16
CA ASP A 365 -6.89 -2.54 3.18
C ASP A 365 -6.34 -3.95 3.36
N ASN A 366 -7.22 -4.93 3.18
CA ASN A 366 -6.86 -6.32 3.36
C ASN A 366 -6.53 -6.98 2.04
N SER A 367 -6.48 -6.19 0.98
CA SER A 367 -6.26 -6.74 -0.36
C SER A 367 -4.87 -7.37 -0.45
N LEU A 368 -4.71 -8.28 -1.40
CA LEU A 368 -3.49 -9.09 -1.48
C LEU A 368 -2.79 -8.98 -2.83
N SER A 369 -3.36 -8.21 -3.74
CA SER A 369 -2.78 -8.08 -5.07
C SER A 369 -2.15 -6.70 -5.21
N MET A 370 -0.90 -6.66 -5.65
CA MET A 370 -0.20 -5.39 -5.86
C MET A 370 -0.86 -4.58 -6.97
N GLU A 371 -1.75 -5.21 -7.72
CA GLU A 371 -2.37 -4.57 -8.86
C GLU A 371 -3.64 -3.84 -8.44
N ALA A 372 -4.17 -4.20 -7.27
CA ALA A 372 -5.34 -3.53 -6.72
C ALA A 372 -5.02 -2.08 -6.34
N PHE A 373 -3.90 -1.89 -5.67
CA PHE A 373 -3.50 -0.60 -5.14
C PHE A 373 -2.93 0.40 -6.17
N GLN A 374 -2.53 -0.08 -7.35
CA GLN A 374 -1.72 0.75 -8.26
C GLN A 374 -2.40 2.02 -8.77
N HIS A 375 -3.68 1.95 -9.14
CA HIS A 375 -4.43 3.12 -9.61
C HIS A 375 -5.18 3.78 -8.45
N ARG A 376 -4.54 3.80 -7.29
CA ARG A 376 -5.14 4.36 -6.08
C ARG A 376 -4.63 5.75 -5.75
N SER A 377 -5.43 6.50 -5.00
CA SER A 377 -5.03 7.80 -4.49
C SER A 377 -4.86 7.77 -2.98
N VAL A 378 -4.03 8.67 -2.50
CA VAL A 378 -3.73 8.78 -1.09
C VAL A 378 -3.77 10.26 -0.69
N SER A 379 -4.45 10.53 0.42
CA SER A 379 -4.64 11.90 0.88
C SER A 379 -3.59 12.30 1.90
N TRP A 380 -3.50 13.60 2.19
CA TRP A 380 -2.55 14.09 3.17
C TRP A 380 -2.95 13.66 4.57
N SER A 381 -4.26 13.63 4.82
CA SER A 381 -4.78 13.22 6.11
C SER A 381 -4.47 11.76 6.41
N GLN A 382 -4.53 10.95 5.37
CA GLN A 382 -4.23 9.53 5.45
C GLN A 382 -2.76 9.34 5.80
N PHE A 383 -1.93 10.14 5.14
CA PHE A 383 -0.48 10.07 5.27
C PHE A 383 0.02 10.41 6.67
N ASN A 384 -0.38 11.56 7.20
CA ASN A 384 0.13 12.02 8.49
C ASN A 384 -0.91 12.51 9.51
N LYS A 385 -2.17 12.64 9.10
CA LYS A 385 -3.21 13.10 10.04
C LYS A 385 -4.10 11.99 10.60
N GLU A 386 -4.21 10.88 9.88
CA GLU A 386 -5.07 9.81 10.36
C GLU A 386 -4.22 8.82 11.14
N ILE A 387 -4.62 8.58 12.38
CA ILE A 387 -3.98 7.58 13.21
C ILE A 387 -4.32 6.17 12.72
N LEU A 388 -3.36 5.26 12.80
CA LEU A 388 -3.65 3.85 12.50
C LEU A 388 -4.64 3.38 13.55
N LEU A 389 -5.62 2.59 13.13
CA LEU A 389 -6.71 2.25 14.05
C LEU A 389 -6.22 1.49 15.28
N GLY A 390 -5.37 0.49 15.07
CA GLY A 390 -4.71 -0.18 16.17
C GLY A 390 -3.74 0.74 16.89
N ARG A 391 -2.99 1.49 16.08
CA ARG A 391 -1.89 2.31 16.55
C ARG A 391 -2.25 3.65 17.19
N GLY A 392 -1.35 4.15 18.01
CA GLY A 392 -1.44 5.49 18.57
C GLY A 392 -0.77 6.56 17.74
N PHE A 393 -0.36 6.20 16.53
CA PHE A 393 0.45 7.08 15.69
C PHE A 393 0.00 7.01 14.24
N THR A 394 0.40 8.00 13.45
CA THR A 394 0.02 8.05 12.04
C THR A 394 0.97 7.20 11.19
N PHE A 395 0.62 7.01 9.92
CA PHE A 395 1.46 6.24 8.99
C PHE A 395 2.86 6.81 8.86
N TRP A 396 2.95 8.11 8.57
CA TRP A 396 4.24 8.79 8.48
C TRP A 396 5.11 8.63 9.72
N GLN A 397 4.51 8.83 10.88
CA GLN A 397 5.25 8.74 12.14
C GLN A 397 5.91 7.37 12.33
N TRP A 398 5.20 6.32 11.94
CA TRP A 398 5.71 4.96 12.01
C TRP A 398 6.84 4.79 11.00
N PHE A 399 6.60 5.26 9.79
CA PHE A 399 7.54 5.10 8.70
C PHE A 399 8.87 5.79 8.99
N ASP A 400 8.78 7.04 9.43
CA ASP A 400 9.93 7.85 9.80
C ASP A 400 10.61 7.23 11.01
N GLY A 401 9.81 6.60 11.86
CA GLY A 401 10.33 5.81 12.96
C GLY A 401 11.33 4.80 12.43
N VAL A 402 10.90 3.99 11.45
CA VAL A 402 11.81 2.98 10.91
C VAL A 402 12.97 3.64 10.16
N LEU A 403 12.72 4.81 9.56
CA LEU A 403 13.77 5.57 8.89
C LEU A 403 14.93 5.87 9.85
N ASP A 404 14.60 6.45 11.00
CA ASP A 404 15.61 6.78 11.99
C ASP A 404 16.27 5.53 12.54
N LEU A 405 15.48 4.51 12.85
CA LEU A 405 16.07 3.28 13.37
C LEU A 405 17.12 2.70 12.41
N THR A 406 16.78 2.61 11.13
CA THR A 406 17.67 1.98 10.15
C THR A 406 18.90 2.84 9.96
N LYS A 407 18.67 4.15 9.84
CA LYS A 407 19.75 5.12 9.72
C LYS A 407 20.75 4.97 10.87
N ARG A 408 20.22 4.95 12.09
CA ARG A 408 21.04 4.95 13.29
C ARG A 408 21.77 3.64 13.57
N CYS A 409 21.14 2.51 13.26
CA CYS A 409 21.72 1.23 13.66
C CYS A 409 21.75 0.14 12.58
N LEU A 410 21.07 0.34 11.46
CA LEU A 410 20.83 -0.79 10.56
C LEU A 410 21.24 -0.63 9.09
N ARG A 411 21.81 0.52 8.71
CA ARG A 411 22.16 0.77 7.31
C ARG A 411 22.96 -0.38 6.72
N SER A 412 23.93 -0.85 7.50
CA SER A 412 24.80 -1.94 7.07
C SER A 412 23.99 -3.21 6.81
N TYR A 413 23.14 -3.59 7.75
CA TYR A 413 22.35 -4.81 7.63
C TYR A 413 21.37 -4.72 6.47
N TRP A 414 20.80 -3.53 6.28
CA TRP A 414 19.82 -3.32 5.21
C TRP A 414 20.49 -3.42 3.85
N SER A 415 21.63 -2.74 3.71
CA SER A 415 22.40 -2.76 2.47
C SER A 415 22.82 -4.18 2.12
N ASP A 416 23.00 -5.02 3.13
CA ASP A 416 23.33 -6.44 2.92
C ASP A 416 22.11 -7.27 2.56
N ARG A 417 20.96 -6.61 2.47
CA ARG A 417 19.71 -7.28 2.17
C ARG A 417 19.50 -8.46 3.11
N LEU A 418 19.64 -8.20 4.41
CA LEU A 418 19.38 -9.19 5.43
C LEU A 418 18.06 -8.92 6.14
N ILE A 419 17.47 -7.77 5.85
CA ILE A 419 16.20 -7.40 6.47
C ILE A 419 15.06 -7.39 5.46
N ILE A 420 14.03 -8.16 5.74
CA ILE A 420 12.79 -8.06 4.99
C ILE A 420 12.27 -6.66 5.22
N GLY A 421 12.42 -6.20 6.46
CA GLY A 421 12.08 -4.84 6.85
C GLY A 421 10.59 -4.61 6.93
N PHE A 422 9.88 -4.80 5.82
CA PHE A 422 8.44 -4.60 5.82
C PHE A 422 7.70 -5.91 5.61
N ILE A 423 6.88 -6.28 6.59
CA ILE A 423 6.11 -7.52 6.51
C ILE A 423 4.88 -7.46 7.42
N SER A 424 3.92 -8.34 7.17
CA SER A 424 2.76 -8.46 8.02
C SER A 424 2.84 -9.82 8.71
N LYS A 425 2.74 -9.83 10.04
CA LYS A 425 2.96 -11.07 10.79
C LYS A 425 2.29 -12.28 10.14
N GLN A 426 1.12 -12.08 9.55
CA GLN A 426 0.39 -13.14 8.87
C GLN A 426 1.28 -13.79 7.80
N TYR A 427 1.84 -12.96 6.93
CA TYR A 427 2.66 -13.44 5.81
C TYR A 427 3.96 -14.10 6.30
N VAL A 428 4.46 -13.68 7.46
CA VAL A 428 5.68 -14.30 7.97
C VAL A 428 5.32 -15.67 8.52
N THR A 429 4.13 -15.79 9.11
CA THR A 429 3.69 -17.06 9.65
C THR A 429 3.53 -18.06 8.51
N SER A 430 2.88 -17.60 7.43
CA SER A 430 2.72 -18.41 6.23
C SER A 430 4.07 -18.84 5.66
N LEU A 431 5.01 -17.90 5.56
CA LEU A 431 6.32 -18.18 5.00
C LEU A 431 7.20 -19.10 5.84
N LEU A 432 7.06 -19.00 7.16
CA LEU A 432 7.99 -19.66 8.07
C LEU A 432 7.49 -21.00 8.57
N LEU A 433 6.18 -21.25 8.51
CA LEU A 433 5.66 -22.51 9.02
C LEU A 433 6.18 -23.74 8.26
N ASN A 434 6.32 -23.63 6.94
CA ASN A 434 6.85 -24.73 6.13
C ASN A 434 8.37 -24.93 6.31
N GLU A 435 9.02 -23.96 6.96
CA GLU A 435 10.48 -23.99 7.08
C GLU A 435 10.93 -24.75 8.33
N PRO A 436 12.19 -25.24 8.34
CA PRO A 436 12.69 -26.06 9.45
C PRO A 436 12.94 -25.28 10.74
N ASP A 437 13.27 -26.03 11.79
CA ASP A 437 13.54 -25.44 13.10
C ASP A 437 14.82 -24.61 13.11
N GLY A 438 14.67 -23.36 13.54
CA GLY A 438 15.81 -22.47 13.65
C GLY A 438 15.90 -21.47 12.50
N THR A 439 14.86 -21.46 11.66
CA THR A 439 14.80 -20.52 10.55
C THR A 439 14.08 -19.26 11.02
N PHE A 440 14.68 -18.12 10.74
CA PHE A 440 14.18 -16.84 11.26
C PHE A 440 14.24 -15.70 10.25
N LEU A 441 13.56 -14.60 10.56
CA LEU A 441 13.68 -13.40 9.74
C LEU A 441 13.49 -12.16 10.59
N LEU A 442 13.94 -11.03 10.06
CA LEU A 442 13.85 -9.75 10.76
C LEU A 442 12.77 -8.87 10.12
N ARG A 443 11.85 -8.38 10.93
CA ARG A 443 10.81 -7.48 10.41
C ARG A 443 10.61 -6.30 11.34
N PHE A 444 10.18 -5.17 10.78
CA PHE A 444 9.91 -3.99 11.58
C PHE A 444 8.65 -4.17 12.43
N SER A 445 8.73 -3.76 13.69
CA SER A 445 7.59 -3.82 14.61
C SER A 445 6.46 -2.89 14.16
N ASP A 446 5.23 -3.40 14.17
CA ASP A 446 4.08 -2.61 13.76
C ASP A 446 3.53 -1.83 14.94
N SER A 447 3.80 -2.30 16.15
CA SER A 447 3.24 -1.71 17.35
C SER A 447 4.13 -0.60 17.91
N GLU A 448 5.45 -0.75 17.75
CA GLU A 448 6.39 0.27 18.21
C GLU A 448 6.92 1.16 17.10
N ILE A 449 7.11 2.43 17.41
CA ILE A 449 7.85 3.34 16.54
C ILE A 449 9.34 3.12 16.75
N GLY A 450 10.04 2.75 15.68
CA GLY A 450 11.48 2.53 15.73
C GLY A 450 11.83 1.25 16.48
N GLY A 451 11.30 0.13 15.99
CA GLY A 451 11.56 -1.16 16.58
C GLY A 451 11.66 -2.24 15.53
N ILE A 452 12.51 -3.23 15.79
CA ILE A 452 12.70 -4.34 14.88
C ILE A 452 12.67 -5.63 15.70
N THR A 453 12.05 -6.66 15.13
CA THR A 453 11.76 -7.89 15.84
C THR A 453 12.13 -9.14 15.04
N ILE A 454 12.56 -10.15 15.77
CA ILE A 454 12.93 -11.45 15.22
C ILE A 454 11.74 -12.39 15.22
N ALA A 455 11.47 -13.05 14.11
CA ALA A 455 10.45 -14.09 14.07
C ALA A 455 11.14 -15.41 13.75
N HIS A 456 10.97 -16.42 14.60
CA HIS A 456 11.64 -17.69 14.35
C HIS A 456 10.70 -18.90 14.47
N VAL A 457 11.16 -20.05 13.97
CA VAL A 457 10.35 -21.28 13.91
C VAL A 457 10.81 -22.42 14.84
N ILE A 458 9.93 -22.82 15.76
CA ILE A 458 10.18 -23.89 16.73
C ILE A 458 8.85 -24.64 16.87
N ARG A 459 8.83 -25.96 17.05
CA ARG A 459 10.01 -26.76 17.29
C ARG A 459 9.98 -28.04 16.47
N GLY A 460 11.15 -28.66 16.31
CA GLY A 460 11.30 -29.86 15.50
C GLY A 460 10.67 -31.12 16.06
N GLN A 461 10.43 -32.08 15.17
CA GLN A 461 9.82 -33.36 15.51
C GLN A 461 8.37 -33.29 16.02
N ASP A 462 8.07 -33.94 17.14
CA ASP A 462 6.69 -34.24 17.54
C ASP A 462 5.80 -33.01 17.75
N GLY A 463 6.32 -31.98 18.40
CA GLY A 463 5.54 -30.78 18.60
C GLY A 463 5.27 -30.10 17.26
N SER A 464 4.07 -29.57 17.08
CA SER A 464 3.77 -28.90 15.83
C SER A 464 4.50 -27.56 15.71
N PRO A 465 4.97 -27.23 14.50
CA PRO A 465 5.66 -25.96 14.31
C PRO A 465 4.80 -24.75 14.66
N GLN A 466 5.43 -23.86 15.41
CA GLN A 466 4.87 -22.59 15.86
C GLN A 466 5.90 -21.47 15.77
N ILE A 467 5.40 -20.30 15.40
CA ILE A 467 6.22 -19.13 15.19
C ILE A 467 6.32 -18.36 16.50
N GLU A 468 7.52 -17.97 16.89
CA GLU A 468 7.67 -17.11 18.06
C GLU A 468 8.24 -15.77 17.65
N ASN A 469 7.77 -14.71 18.30
CA ASN A 469 8.20 -13.36 18.01
C ASN A 469 8.90 -12.69 19.19
N ILE A 470 10.21 -12.50 19.06
CA ILE A 470 10.98 -11.83 20.10
C ILE A 470 10.58 -10.36 20.19
N GLN A 471 10.55 -9.85 21.42
CA GLN A 471 10.22 -8.46 21.70
C GLN A 471 11.10 -7.53 20.87
N PRO A 472 10.51 -6.44 20.33
CA PRO A 472 11.24 -5.57 19.41
C PRO A 472 12.43 -4.88 20.07
N PHE A 473 13.47 -4.62 19.27
CA PHE A 473 14.64 -3.90 19.74
C PHE A 473 14.57 -2.43 19.37
N SER A 474 14.78 -1.56 20.36
CA SER A 474 14.85 -0.13 20.07
C SER A 474 16.29 0.26 19.74
N ALA A 475 16.48 1.50 19.31
CA ALA A 475 17.81 2.02 19.04
C ALA A 475 18.70 1.96 20.28
N LYS A 476 18.11 2.22 21.44
CA LYS A 476 18.83 2.11 22.71
C LYS A 476 19.27 0.68 22.94
N ASP A 477 18.34 -0.25 22.72
CA ASP A 477 18.59 -1.68 22.87
C ASP A 477 19.75 -2.13 21.99
N LEU A 478 19.86 -1.52 20.81
CA LEU A 478 20.89 -1.91 19.86
C LEU A 478 22.21 -1.22 20.18
N SER A 479 22.14 -0.05 20.79
CA SER A 479 23.34 0.64 21.26
C SER A 479 23.98 -0.15 22.38
N ILE A 480 23.14 -0.76 23.22
CA ILE A 480 23.64 -1.55 24.33
C ILE A 480 24.41 -2.78 23.83
N ARG A 481 23.83 -3.45 22.84
CA ARG A 481 24.47 -4.57 22.16
C ARG A 481 23.91 -4.69 20.73
N SER A 482 24.80 -4.73 19.75
CA SER A 482 24.44 -4.65 18.33
C SER A 482 23.56 -5.82 17.89
N LEU A 483 22.76 -5.60 16.85
CA LEU A 483 21.88 -6.64 16.30
C LEU A 483 22.62 -7.93 15.98
N GLY A 484 23.73 -7.81 15.25
CA GLY A 484 24.57 -8.95 14.94
C GLY A 484 24.95 -9.79 16.16
N ASP A 485 25.43 -9.10 17.19
CA ASP A 485 25.87 -9.75 18.42
C ASP A 485 24.70 -10.49 19.08
N ARG A 486 23.58 -9.79 19.18
CA ARG A 486 22.36 -10.34 19.75
C ARG A 486 21.95 -11.62 19.04
N ILE A 487 22.02 -11.59 17.71
CA ILE A 487 21.67 -12.75 16.89
C ILE A 487 22.65 -13.89 17.16
N ARG A 488 23.93 -13.56 17.26
CA ARG A 488 24.95 -14.55 17.61
C ARG A 488 24.62 -15.26 18.93
N ASP A 489 24.24 -14.48 19.94
CA ASP A 489 23.94 -15.03 21.27
C ASP A 489 22.91 -16.14 21.27
N LEU A 490 21.83 -15.94 20.53
CA LEU A 490 20.75 -16.93 20.49
C LEU A 490 21.19 -18.13 19.66
N ALA A 491 21.33 -19.27 20.32
CA ALA A 491 21.77 -20.49 19.66
C ALA A 491 20.68 -21.13 18.81
N GLN A 492 19.43 -20.95 19.23
CA GLN A 492 18.33 -21.69 18.62
C GLN A 492 18.02 -21.34 17.16
N LEU A 493 18.24 -20.09 16.76
CA LEU A 493 18.01 -19.71 15.37
C LEU A 493 19.19 -20.07 14.50
N LYS A 494 18.98 -20.95 13.53
CA LYS A 494 20.10 -21.43 12.73
C LYS A 494 20.21 -20.83 11.34
N ASN A 495 19.08 -20.66 10.66
CA ASN A 495 19.12 -20.21 9.28
C ASN A 495 18.30 -18.94 9.07
N LEU A 496 18.87 -17.97 8.36
CA LEU A 496 18.11 -16.79 7.97
C LEU A 496 17.27 -17.19 6.77
N TYR A 497 15.98 -16.82 6.78
CA TYR A 497 15.12 -17.15 5.65
C TYR A 497 15.76 -16.52 4.42
N PRO A 498 15.85 -17.28 3.32
CA PRO A 498 15.23 -18.60 3.20
C PRO A 498 16.11 -19.81 3.54
N LYS A 499 17.40 -19.81 3.20
CA LYS A 499 18.25 -20.95 3.53
C LYS A 499 19.70 -20.56 3.77
N LYS A 500 19.89 -19.38 4.35
CA LYS A 500 21.20 -18.83 4.66
C LYS A 500 21.61 -19.15 6.10
N PRO A 501 22.84 -19.68 6.30
CA PRO A 501 23.24 -20.01 7.67
C PRO A 501 23.61 -18.74 8.43
N LYS A 502 23.22 -18.67 9.69
CA LYS A 502 23.26 -17.42 10.45
C LYS A 502 24.65 -16.81 10.52
N ASP A 503 25.64 -17.65 10.80
CA ASP A 503 27.00 -17.20 10.96
C ASP A 503 27.54 -16.67 9.64
N GLU A 504 27.20 -17.34 8.55
CA GLU A 504 27.68 -16.97 7.22
C GLU A 504 27.16 -15.60 6.83
N ALA A 505 25.90 -15.36 7.13
CA ALA A 505 25.26 -14.12 6.74
C ALA A 505 25.74 -12.96 7.61
N PHE A 506 25.89 -13.22 8.91
CA PHE A 506 26.18 -12.15 9.87
C PHE A 506 27.64 -12.09 10.34
N ARG A 507 28.53 -12.75 9.61
CA ARG A 507 29.96 -12.80 9.91
C ARG A 507 30.49 -11.38 10.07
N SER A 508 30.10 -10.55 9.13
CA SER A 508 30.61 -9.19 8.99
C SER A 508 30.12 -8.26 10.08
N HIS A 509 29.06 -8.68 10.78
CA HIS A 509 28.47 -7.83 11.80
C HIS A 509 28.82 -8.31 13.21
N TYR A 510 29.45 -9.48 13.31
CA TYR A 510 29.86 -9.98 14.60
C TYR A 510 30.98 -9.09 15.11
N LYS A 511 30.88 -8.64 16.35
CA LYS A 511 31.98 -7.91 16.94
C LYS A 511 32.88 -8.97 17.57
N PRO A 512 34.21 -8.80 17.43
CA PRO A 512 35.08 -9.80 18.04
C PRO A 512 35.08 -9.71 19.57
N GLU A 513 35.07 -10.87 20.20
CA GLU A 513 35.27 -10.98 21.64
C GLU A 513 36.75 -10.78 21.93
N GLN A 514 37.09 -10.28 23.11
CA GLN A 514 38.50 -10.11 23.45
C GLN A 514 38.94 -11.13 24.51
N MET A 515 39.89 -11.97 24.12
CA MET A 515 40.49 -12.94 25.03
C MET A 515 41.28 -12.26 26.14
N GLY A 516 42.00 -11.20 25.77
CA GLY A 516 42.88 -10.50 26.68
C GLY A 516 42.14 -9.82 27.82
N LYS A 517 42.77 -9.78 28.98
CA LYS A 517 42.18 -9.16 30.16
C LYS A 517 42.85 -7.83 30.49
N ASP A 518 42.04 -6.80 30.59
CA ASP A 518 42.50 -5.45 30.92
C ASP A 518 41.37 -4.58 31.44
N GLY A 519 41.68 -3.56 32.24
CA GLY A 519 43.00 -3.36 32.81
C GLY A 519 43.00 -2.34 33.94
N ARG A 520 43.91 -2.50 34.90
CA ARG A 520 44.86 -3.63 34.89
C ARG A 520 44.49 -4.67 35.94
N GLY A 521 44.45 -5.92 35.51
CA GLY A 521 44.11 -7.02 36.40
C GLY A 521 42.65 -7.41 36.34
N VAL A 523 39.25 -8.78 34.72
CA VAL A 523 38.68 -9.64 33.69
C VAL A 523 37.39 -9.03 33.16
N PRO A 524 37.28 -8.92 31.83
CA PRO A 524 36.11 -8.33 31.17
C PRO A 524 34.80 -9.01 31.53
N ALA A 525 33.81 -8.17 31.81
CA ALA A 525 32.46 -8.63 32.06
C ALA A 525 31.63 -8.36 30.83
N THR A 526 30.95 -9.38 30.34
CA THR A 526 30.22 -9.23 29.10
C THR A 526 28.75 -9.55 29.28
N ILE A 527 27.95 -8.91 28.42
CA ILE A 527 26.52 -9.04 28.46
C ILE A 527 26.02 -9.77 27.21
N LYS A 528 25.34 -10.90 27.42
CA LYS A 528 24.76 -11.68 26.33
C LYS A 528 23.24 -11.69 26.47
N MET A 529 22.53 -12.21 25.46
CA MET A 529 21.07 -12.15 25.51
C MET A 529 20.44 -13.54 25.44
N THR A 530 19.39 -13.74 26.23
CA THR A 530 18.61 -14.98 26.23
C THR A 530 17.12 -14.64 26.34
N VAL A 531 16.27 -15.66 26.25
CA VAL A 531 14.82 -15.43 26.29
C VAL A 531 14.14 -15.91 27.57
N GLU A 532 14.79 -16.79 28.32
CA GLU A 532 14.21 -17.22 29.59
C GLU A 532 15.34 -17.67 30.51
N GLN B 6 -11.74 -18.65 26.96
CA GLN B 6 -12.50 -19.25 25.86
C GLN B 6 -13.34 -20.42 26.37
N GLU B 7 -14.27 -20.89 25.54
CA GLU B 7 -15.00 -22.11 25.84
C GLU B 7 -14.07 -23.27 25.50
N GLU B 8 -13.17 -22.98 24.57
CA GLU B 8 -12.15 -23.89 24.09
C GLU B 8 -11.22 -24.29 25.24
N LEU B 9 -10.88 -23.29 26.04
CA LEU B 9 -10.02 -23.49 27.18
C LEU B 9 -10.75 -24.31 28.24
N LYS B 10 -12.03 -24.00 28.46
CA LYS B 10 -12.84 -24.77 29.40
C LYS B 10 -12.83 -26.22 28.99
N PHE B 11 -12.89 -26.44 27.68
CA PHE B 11 -12.79 -27.79 27.15
C PHE B 11 -11.50 -28.42 27.63
N LYS B 12 -10.40 -27.69 27.48
CA LYS B 12 -9.11 -28.26 27.87
C LYS B 12 -9.09 -28.62 29.37
N THR B 13 -9.65 -27.74 30.19
CA THR B 13 -9.73 -27.96 31.63
C THR B 13 -10.51 -29.24 31.98
N GLY B 14 -11.69 -29.35 31.37
CA GLY B 14 -12.55 -30.51 31.60
C GLY B 14 -11.96 -31.82 31.09
N LEU B 15 -11.15 -31.74 30.03
CA LEU B 15 -10.56 -32.96 29.51
C LEU B 15 -9.40 -33.39 30.41
N ARG B 16 -8.63 -32.43 30.90
CA ARG B 16 -7.58 -32.74 31.86
C ARG B 16 -8.21 -33.44 33.06
N ARG B 17 -9.38 -32.92 33.46
CA ARG B 17 -10.16 -33.56 34.51
C ARG B 17 -10.48 -35.00 34.15
N LEU B 18 -10.91 -35.24 32.91
CA LEU B 18 -11.23 -36.61 32.50
C LEU B 18 -10.06 -37.59 32.56
N GLN B 19 -8.88 -37.17 32.10
CA GLN B 19 -7.73 -38.08 32.16
C GLN B 19 -7.33 -38.32 33.63
N HIS B 20 -7.44 -37.29 34.45
CA HIS B 20 -7.19 -37.47 35.86
C HIS B 20 -8.18 -38.51 36.40
N ARG B 21 -9.40 -38.44 35.89
CA ARG B 21 -10.46 -39.34 36.33
C ARG B 21 -10.23 -40.79 35.94
N VAL B 22 -9.71 -41.01 34.74
CA VAL B 22 -9.44 -42.37 34.30
C VAL B 22 -8.30 -42.89 35.17
N GLY B 23 -7.43 -41.96 35.59
CA GLY B 23 -6.42 -42.31 36.56
C GLY B 23 -7.06 -42.79 37.86
N GLU B 24 -8.08 -42.07 38.33
CA GLU B 24 -8.81 -42.49 39.52
C GLU B 24 -9.37 -43.91 39.41
N ILE B 25 -10.16 -44.17 38.38
CA ILE B 25 -10.72 -45.52 38.25
C ILE B 25 -9.65 -46.61 38.14
N HIS B 26 -8.60 -46.35 37.35
CA HIS B 26 -7.54 -47.34 37.20
C HIS B 26 -6.93 -47.68 38.55
N LEU B 27 -6.54 -46.67 39.31
CA LEU B 27 -5.94 -46.92 40.62
C LEU B 27 -6.94 -47.58 41.57
N LEU B 28 -8.22 -47.27 41.42
CA LEU B 28 -9.24 -47.86 42.29
C LEU B 28 -9.40 -49.34 42.00
N ARG B 29 -9.10 -49.77 40.78
CA ARG B 29 -9.18 -51.20 40.46
C ARG B 29 -8.21 -52.04 41.32
N GLU B 30 -7.38 -51.40 42.14
CA GLU B 30 -6.53 -52.13 43.10
C GLU B 30 -7.33 -52.78 44.23
N ALA B 31 -8.64 -52.95 44.03
CA ALA B 31 -9.49 -53.66 44.97
C ALA B 31 -9.04 -55.10 45.01
N LEU B 32 -8.53 -55.57 43.87
CA LEU B 32 -8.01 -56.91 43.71
C LEU B 32 -6.70 -57.09 44.48
N ALA B 61 -20.78 -48.36 45.78
CA ALA B 61 -19.35 -48.59 45.62
C ALA B 61 -18.75 -47.66 44.56
N MET B 62 -18.42 -48.23 43.41
CA MET B 62 -17.95 -47.46 42.26
C MET B 62 -19.05 -46.75 41.46
N LEU B 63 -19.38 -45.53 41.86
CA LEU B 63 -20.23 -44.64 41.08
C LEU B 63 -19.35 -43.69 40.25
N LEU B 64 -18.04 -43.80 40.48
CA LEU B 64 -17.04 -42.96 39.82
C LEU B 64 -17.06 -43.03 38.31
N GLN B 65 -17.24 -44.22 37.76
CA GLN B 65 -17.39 -44.36 36.32
C GLN B 65 -18.76 -43.88 35.87
N GLU B 66 -19.74 -43.93 36.78
CA GLU B 66 -21.08 -43.48 36.45
C GLU B 66 -21.17 -41.96 36.35
N THR B 67 -20.38 -41.26 37.17
CA THR B 67 -20.30 -39.81 37.07
C THR B 67 -19.30 -39.43 36.00
N THR B 68 -18.37 -40.35 35.72
CA THR B 68 -17.47 -40.25 34.58
C THR B 68 -18.28 -40.55 33.31
N GLY B 69 -19.57 -40.84 33.50
CA GLY B 69 -20.54 -40.82 32.42
C GLY B 69 -20.68 -39.39 31.90
N GLU B 70 -20.01 -38.46 32.58
CA GLU B 70 -19.92 -37.05 32.21
C GLU B 70 -19.19 -36.84 30.89
N LEU B 71 -18.54 -37.89 30.39
CA LEU B 71 -17.92 -37.87 29.07
C LEU B 71 -18.94 -37.43 28.02
N GLU B 72 -20.18 -37.88 28.19
CA GLU B 72 -21.28 -37.54 27.30
C GLU B 72 -21.45 -36.03 27.16
N ALA B 73 -21.17 -35.31 28.24
CA ALA B 73 -21.24 -33.85 28.24
C ALA B 73 -20.21 -33.27 27.29
N ALA B 74 -18.95 -33.68 27.47
CA ALA B 74 -17.87 -33.26 26.60
C ALA B 74 -18.23 -33.53 25.15
N LYS B 75 -18.77 -34.72 24.89
CA LYS B 75 -19.22 -35.09 23.56
C LYS B 75 -20.20 -34.06 23.02
N ALA B 76 -21.25 -33.78 23.79
CA ALA B 76 -22.24 -32.78 23.40
C ALA B 76 -21.59 -31.43 23.08
N LEU B 77 -20.60 -31.03 23.87
CA LEU B 77 -19.91 -29.76 23.64
C LEU B 77 -19.13 -29.73 22.31
N VAL B 78 -18.26 -30.72 22.08
CA VAL B 78 -17.54 -30.78 20.79
C VAL B 78 -18.51 -30.85 19.61
N LEU B 79 -19.60 -31.60 19.78
CA LEU B 79 -20.62 -31.64 18.74
C LEU B 79 -21.20 -30.25 18.46
N LYS B 80 -21.46 -29.48 19.52
CA LYS B 80 -21.91 -28.10 19.35
C LYS B 80 -20.90 -27.28 18.57
N ARG B 81 -19.62 -27.47 18.89
CA ARG B 81 -18.56 -26.74 18.22
C ARG B 81 -18.52 -27.09 16.74
N ILE B 82 -18.76 -28.36 16.43
CA ILE B 82 -18.90 -28.81 15.06
C ILE B 82 -20.03 -28.06 14.36
N GLN B 83 -21.17 -27.97 15.04
CA GLN B 83 -22.32 -27.24 14.51
C GLN B 83 -21.92 -25.81 14.18
N ILE B 84 -21.13 -25.24 15.08
CA ILE B 84 -20.60 -23.89 14.91
C ILE B 84 -19.69 -23.77 13.70
N TRP B 85 -18.81 -24.76 13.48
CA TRP B 85 -17.90 -24.72 12.34
C TRP B 85 -18.69 -24.78 11.04
N LYS B 86 -19.68 -25.67 10.99
CA LYS B 86 -20.57 -25.79 9.84
C LYS B 86 -21.30 -24.47 9.56
N ARG B 87 -21.74 -23.80 10.63
CA ARG B 87 -22.40 -22.52 10.47
C ARG B 87 -21.42 -21.47 9.91
N GLN B 88 -20.19 -21.46 10.40
CA GLN B 88 -19.16 -20.56 9.88
C GLN B 88 -18.86 -20.81 8.40
N GLN B 89 -18.85 -22.08 7.98
CA GLN B 89 -18.64 -22.39 6.56
C GLN B 89 -19.83 -21.91 5.73
N GLN B 90 -21.02 -22.07 6.29
CA GLN B 90 -22.24 -21.62 5.64
C GLN B 90 -22.16 -20.13 5.41
N LEU B 91 -21.65 -19.40 6.40
CA LEU B 91 -21.55 -17.96 6.29
C LEU B 91 -20.37 -17.59 5.41
N ALA B 92 -19.44 -18.53 5.27
CA ALA B 92 -18.29 -18.42 4.38
C ALA B 92 -18.75 -18.45 2.93
N GLY B 93 -19.87 -19.13 2.68
CA GLY B 93 -20.43 -19.19 1.33
C GLY B 93 -20.61 -17.80 0.77
N ASN B 94 -21.25 -16.93 1.54
CA ASN B 94 -21.17 -15.50 1.35
C ASN B 94 -19.81 -15.11 1.87
N GLY B 95 -19.24 -14.02 1.38
CA GLY B 95 -17.91 -13.66 1.84
C GLY B 95 -17.97 -13.39 3.32
N ALA B 96 -17.09 -14.06 4.07
CA ALA B 96 -17.06 -13.90 5.52
C ALA B 96 -15.73 -14.40 6.08
N PRO B 97 -15.40 -13.96 7.37
CA PRO B 97 -14.19 -14.59 7.91
C PRO B 97 -14.42 -16.08 8.16
N PHE B 98 -13.43 -16.90 7.87
CA PHE B 98 -13.53 -18.34 8.11
C PHE B 98 -12.30 -18.91 8.81
N GLU B 99 -12.56 -19.50 9.98
CA GLU B 99 -11.60 -20.34 10.68
C GLU B 99 -11.69 -21.77 10.13
N GLU B 100 -11.11 -21.97 8.96
CA GLU B 100 -11.32 -23.17 8.15
C GLU B 100 -10.61 -24.42 8.67
N SER B 101 -9.73 -24.26 9.65
CA SER B 101 -8.63 -25.19 9.91
C SER B 101 -9.01 -26.67 10.09
N LEU B 102 -10.02 -26.95 10.91
CA LEU B 102 -10.58 -28.29 11.13
C LEU B 102 -9.57 -29.28 11.71
N ALA B 103 -8.40 -28.79 12.06
CA ALA B 103 -7.35 -29.57 12.72
C ALA B 103 -7.57 -29.68 14.22
N PRO B 104 -7.97 -28.55 14.88
CA PRO B 104 -8.11 -28.72 16.32
C PRO B 104 -9.27 -29.63 16.61
N LEU B 105 -10.34 -29.54 15.83
CA LEU B 105 -11.52 -30.37 16.02
C LEU B 105 -11.20 -31.86 15.93
N GLN B 106 -10.39 -32.20 14.93
CA GLN B 106 -9.96 -33.59 14.74
C GLN B 106 -9.16 -34.00 15.97
N GLU B 107 -8.39 -33.05 16.51
CA GLU B 107 -7.60 -33.35 17.71
C GLU B 107 -8.47 -33.62 18.94
N ARG B 108 -9.50 -32.78 19.13
CA ARG B 108 -10.44 -32.93 20.22
C ARG B 108 -11.08 -34.30 20.16
N CYS B 109 -11.57 -34.63 18.96
CA CYS B 109 -12.25 -35.89 18.73
C CYS B 109 -11.35 -37.09 19.05
N GLU B 110 -10.11 -37.06 18.52
CA GLU B 110 -9.14 -38.11 18.83
C GLU B 110 -8.91 -38.28 20.34
N SER B 111 -8.76 -37.16 21.02
CA SER B 111 -8.59 -37.20 22.48
C SER B 111 -9.76 -37.90 23.15
N LEU B 112 -10.98 -37.50 22.77
CA LEU B 112 -12.19 -38.12 23.35
C LEU B 112 -12.31 -39.61 23.07
N VAL B 113 -12.11 -40.07 21.83
CA VAL B 113 -12.19 -41.51 21.59
C VAL B 113 -11.06 -42.24 22.34
N ASP B 114 -9.99 -41.51 22.67
CA ASP B 114 -8.96 -42.11 23.51
C ASP B 114 -9.51 -42.38 24.91
N ILE B 115 -10.07 -41.36 25.56
CA ILE B 115 -10.59 -41.59 26.91
C ILE B 115 -11.76 -42.59 26.90
N TYR B 116 -12.55 -42.61 25.83
CA TYR B 116 -13.57 -43.64 25.68
C TYR B 116 -12.93 -45.02 25.72
N SER B 117 -11.87 -45.19 24.92
CA SER B 117 -11.18 -46.46 24.81
C SER B 117 -10.72 -46.93 26.19
N GLN B 118 -10.01 -46.06 26.90
CA GLN B 118 -9.48 -46.42 28.20
C GLN B 118 -10.61 -46.74 29.18
N LEU B 119 -11.72 -46.05 29.01
CA LEU B 119 -12.89 -46.26 29.86
C LEU B 119 -13.47 -47.66 29.66
N GLN B 120 -13.76 -47.96 28.41
CA GLN B 120 -14.31 -49.26 28.01
C GLN B 120 -13.41 -50.40 28.44
N GLN B 121 -12.11 -50.23 28.24
CA GLN B 121 -11.16 -51.28 28.63
C GLN B 121 -11.15 -51.46 30.14
N GLU B 122 -11.31 -50.36 30.88
CA GLU B 122 -11.35 -50.46 32.34
C GLU B 122 -12.61 -51.15 32.84
N VAL B 123 -13.74 -50.85 32.22
CA VAL B 123 -14.99 -51.52 32.56
C VAL B 123 -14.93 -53.01 32.24
N GLY B 124 -14.28 -53.37 31.13
CA GLY B 124 -14.19 -54.77 30.76
C GLY B 124 -13.50 -55.64 31.79
N ALA B 125 -12.32 -55.21 32.23
CA ALA B 125 -11.55 -55.95 33.23
C ALA B 125 -12.05 -55.71 34.65
N ALA B 126 -13.17 -56.32 35.02
CA ALA B 126 -13.71 -56.10 36.35
C ALA B 126 -14.59 -57.26 36.82
N GLY B 127 -14.26 -57.79 38.00
CA GLY B 127 -15.25 -58.32 38.90
C GLY B 127 -15.68 -57.22 39.84
N GLY B 128 -16.74 -57.47 40.60
CA GLY B 128 -17.31 -56.39 41.38
C GLY B 128 -17.97 -55.47 40.39
N GLU B 129 -18.47 -56.07 39.31
CA GLU B 129 -19.32 -55.38 38.36
C GLU B 129 -20.69 -55.70 38.89
N LEU B 130 -20.94 -55.38 40.15
CA LEU B 130 -22.21 -55.70 40.76
C LEU B 130 -23.04 -54.43 40.86
N GLU B 131 -24.29 -54.53 40.43
CA GLU B 131 -24.75 -55.70 39.66
C GLU B 131 -24.25 -55.59 38.21
N PRO B 132 -24.17 -56.72 37.49
CA PRO B 132 -23.69 -56.73 36.10
C PRO B 132 -24.52 -55.81 35.20
N LYS B 133 -25.79 -55.61 35.56
CA LYS B 133 -26.67 -54.73 34.78
C LYS B 133 -26.01 -53.36 34.64
N THR B 134 -25.28 -52.90 35.66
CA THR B 134 -24.61 -51.61 35.56
C THR B 134 -23.51 -51.68 34.51
N ARG B 135 -22.94 -52.86 34.34
CA ARG B 135 -21.96 -53.07 33.28
C ARG B 135 -22.68 -52.87 31.97
N ALA B 136 -23.88 -53.42 31.89
CA ALA B 136 -24.70 -53.29 30.68
C ALA B 136 -25.10 -51.85 30.35
N SER B 137 -25.61 -51.13 31.34
CA SER B 137 -26.04 -49.75 31.17
C SER B 137 -24.85 -48.88 30.77
N LEU B 138 -23.73 -49.09 31.46
CA LEU B 138 -22.51 -48.36 31.16
C LEU B 138 -22.01 -48.62 29.75
N THR B 139 -21.83 -49.89 29.38
CA THR B 139 -21.36 -50.23 28.03
C THR B 139 -22.29 -49.62 26.97
N GLY B 140 -23.59 -49.66 27.27
CA GLY B 140 -24.59 -49.05 26.40
C GLY B 140 -24.30 -47.58 26.21
N ARG B 141 -24.13 -46.87 27.31
CA ARG B 141 -23.85 -45.44 27.27
C ARG B 141 -22.59 -45.15 26.48
N LEU B 142 -21.55 -45.93 26.74
CA LEU B 142 -20.24 -45.71 26.13
C LEU B 142 -20.24 -45.90 24.63
N ASP B 143 -20.64 -47.09 24.17
CA ASP B 143 -20.65 -47.31 22.73
C ASP B 143 -21.69 -46.41 22.06
N GLU B 144 -22.71 -45.97 22.79
CA GLU B 144 -23.63 -44.99 22.24
C GLU B 144 -22.91 -43.67 21.93
N VAL B 145 -22.20 -43.12 22.91
CA VAL B 145 -21.49 -41.86 22.69
C VAL B 145 -20.45 -42.04 21.59
N LEU B 146 -19.90 -43.25 21.49
CA LEU B 146 -18.98 -43.55 20.40
C LEU B 146 -19.69 -43.43 19.05
N ARG B 147 -20.84 -44.07 18.95
CA ARG B 147 -21.61 -44.08 17.71
C ARG B 147 -21.95 -42.65 17.29
N THR B 148 -22.54 -41.88 18.21
CA THR B 148 -22.91 -40.50 17.89
C THR B 148 -21.68 -39.67 17.51
N LEU B 149 -20.56 -39.93 18.17
CA LEU B 149 -19.33 -39.21 17.86
C LEU B 149 -18.87 -39.49 16.42
N VAL B 150 -18.83 -40.76 16.03
CA VAL B 150 -18.37 -41.12 14.69
C VAL B 150 -19.35 -40.67 13.61
N THR B 151 -20.66 -40.74 13.88
CA THR B 151 -21.65 -40.31 12.90
C THR B 151 -21.57 -38.80 12.67
N SER B 152 -20.99 -38.10 13.64
CA SER B 152 -20.82 -36.65 13.55
C SER B 152 -19.43 -36.21 13.07
N CYS B 153 -18.51 -37.15 12.88
CA CYS B 153 -17.16 -36.78 12.43
C CYS B 153 -17.02 -36.79 10.90
N PHE B 154 -18.11 -36.99 10.19
CA PHE B 154 -18.06 -37.10 8.73
C PHE B 154 -18.53 -35.79 8.08
N LEU B 155 -17.57 -34.96 7.71
CA LEU B 155 -17.82 -33.58 7.27
C LEU B 155 -17.48 -33.32 5.81
N VAL B 156 -18.24 -32.43 5.18
CA VAL B 156 -17.84 -31.89 3.87
C VAL B 156 -16.86 -30.77 4.12
N GLU B 157 -15.58 -30.99 3.81
CA GLU B 157 -14.54 -30.00 4.12
C GLU B 157 -14.43 -28.99 2.98
N LYS B 158 -14.47 -29.50 1.76
CA LYS B 158 -14.53 -28.66 0.56
C LYS B 158 -15.90 -28.80 -0.10
N GLN B 159 -16.75 -27.80 0.10
CA GLN B 159 -18.10 -27.81 -0.44
C GLN B 159 -18.08 -27.61 -1.95
N PRO B 160 -19.09 -28.16 -2.64
CA PRO B 160 -19.30 -27.87 -4.06
C PRO B 160 -19.76 -26.43 -4.27
N PRO B 161 -19.70 -25.92 -5.51
CA PRO B 161 -20.19 -24.56 -5.78
C PRO B 161 -21.70 -24.44 -5.54
N GLN B 162 -22.07 -23.42 -4.77
CA GLN B 162 -23.46 -23.22 -4.34
C GLN B 162 -24.46 -22.95 -5.46
N VAL B 163 -23.99 -22.31 -6.52
CA VAL B 163 -24.75 -22.19 -7.76
C VAL B 163 -23.96 -22.90 -8.87
N LEU B 164 -24.60 -23.88 -9.50
CA LEU B 164 -23.89 -24.93 -10.23
C LEU B 164 -24.45 -25.21 -11.64
N LYS B 165 -23.58 -25.11 -12.65
CA LYS B 165 -24.05 -25.29 -14.02
C LYS B 165 -23.86 -26.73 -14.50
N THR B 166 -24.82 -27.21 -15.30
CA THR B 166 -24.81 -28.57 -15.82
C THR B 166 -23.69 -28.76 -16.84
N GLN B 167 -23.27 -30.01 -16.99
CA GLN B 167 -22.23 -30.47 -17.93
C GLN B 167 -21.00 -29.58 -17.80
N THR B 168 -20.65 -29.32 -16.54
CA THR B 168 -19.49 -28.54 -16.17
C THR B 168 -18.79 -29.25 -15.02
N LYS B 169 -17.46 -29.28 -15.06
CA LYS B 169 -16.69 -29.97 -14.04
C LYS B 169 -16.49 -29.11 -12.79
N PHE B 170 -16.67 -29.72 -11.63
CA PHE B 170 -16.50 -29.04 -10.36
C PHE B 170 -15.86 -30.00 -9.39
N GLN B 171 -15.53 -29.53 -8.19
CA GLN B 171 -14.87 -30.40 -7.22
C GLN B 171 -15.60 -30.39 -5.87
N ALA B 172 -15.31 -31.41 -5.06
CA ALA B 172 -15.81 -31.48 -3.70
C ALA B 172 -14.94 -32.45 -2.91
N GLY B 173 -14.83 -32.23 -1.61
CA GLY B 173 -14.04 -33.12 -0.77
C GLY B 173 -14.58 -33.30 0.63
N VAL B 174 -14.60 -34.54 1.10
CA VAL B 174 -15.03 -34.83 2.46
C VAL B 174 -13.85 -35.17 3.35
N ARG B 175 -14.06 -35.03 4.66
CA ARG B 175 -13.03 -35.31 5.65
C ARG B 175 -13.63 -36.15 6.77
N PHE B 176 -12.87 -37.11 7.26
CA PHE B 176 -13.27 -37.91 8.41
C PHE B 176 -12.25 -37.71 9.52
N LEU B 177 -12.69 -37.15 10.63
CA LEU B 177 -11.78 -36.72 11.69
C LEU B 177 -11.16 -37.93 12.40
N LEU B 178 -11.93 -39.01 12.46
CA LEU B 178 -11.46 -40.21 13.14
C LEU B 178 -10.92 -41.24 12.16
N GLY B 179 -10.64 -40.81 10.93
CA GLY B 179 -10.15 -41.72 9.91
C GLY B 179 -8.81 -42.32 10.28
N LEU B 180 -8.07 -41.56 11.07
CA LEU B 180 -6.72 -41.93 11.49
C LEU B 180 -6.72 -43.03 12.55
N ARG B 181 -7.91 -43.38 13.01
CA ARG B 181 -8.00 -44.42 14.03
C ARG B 181 -8.58 -45.69 13.43
N PHE B 182 -9.18 -45.54 12.25
CA PHE B 182 -9.86 -46.66 11.62
C PHE B 182 -9.37 -46.91 10.19
N PRO B 186 -3.69 -52.02 8.67
CA PRO B 186 -4.89 -51.19 8.49
C PRO B 186 -5.84 -51.70 7.41
N ALA B 187 -7.14 -51.53 7.66
CA ALA B 187 -8.18 -51.91 6.72
C ALA B 187 -8.18 -51.06 5.44
N LYS B 188 -8.79 -51.58 4.40
CA LYS B 188 -8.86 -50.93 3.09
C LYS B 188 -9.72 -49.66 3.12
N PRO B 189 -9.34 -48.63 2.34
CA PRO B 189 -10.15 -47.41 2.31
C PRO B 189 -11.56 -47.68 1.77
N PRO B 190 -12.57 -47.09 2.41
CA PRO B 190 -13.98 -47.32 2.06
C PRO B 190 -14.39 -46.86 0.65
N LEU B 191 -13.91 -45.71 0.21
CA LEU B 191 -14.27 -45.19 -1.12
C LEU B 191 -15.67 -44.54 -1.17
N VAL B 192 -15.76 -43.32 -0.66
CA VAL B 192 -17.04 -42.61 -0.57
C VAL B 192 -17.68 -42.27 -1.93
N ARG B 193 -19.01 -42.32 -1.95
CA ARG B 193 -19.79 -42.04 -3.14
C ARG B 193 -20.63 -40.77 -3.00
N ALA B 194 -20.75 -40.01 -4.08
CA ALA B 194 -21.50 -38.75 -4.09
C ALA B 194 -22.73 -38.82 -4.99
N ASP B 195 -23.90 -38.47 -4.46
CA ASP B 195 -25.15 -38.59 -5.23
C ASP B 195 -26.04 -37.34 -5.14
N MET B 196 -26.63 -36.91 -6.26
CA MET B 196 -27.53 -35.77 -6.23
C MET B 196 -28.87 -36.06 -5.57
N VAL B 197 -29.17 -35.35 -4.48
CA VAL B 197 -30.49 -35.43 -3.86
C VAL B 197 -31.22 -34.07 -3.86
N THR B 198 -32.55 -34.14 -3.88
CA THR B 198 -33.37 -32.95 -3.80
C THR B 198 -33.71 -32.65 -2.35
N GLU B 199 -34.28 -31.47 -2.13
CA GLU B 199 -34.69 -31.06 -0.79
C GLU B 199 -35.71 -32.07 -0.25
N LYS B 200 -36.68 -32.38 -1.11
CA LYS B 200 -37.71 -33.38 -0.82
C LYS B 200 -37.05 -34.68 -0.39
N GLN B 201 -36.12 -35.18 -1.19
CA GLN B 201 -35.35 -36.38 -0.85
C GLN B 201 -34.47 -36.19 0.39
N ALA B 202 -34.07 -34.94 0.65
CA ALA B 202 -33.14 -34.65 1.75
C ALA B 202 -33.77 -34.61 3.15
N ARG B 203 -35.06 -34.27 3.24
CA ARG B 203 -35.78 -34.29 4.52
C ARG B 203 -35.69 -35.68 5.16
N GLU B 204 -35.57 -36.68 4.29
CA GLU B 204 -35.63 -38.09 4.64
C GLU B 204 -34.21 -38.69 4.66
N LEU B 205 -33.84 -39.50 5.66
CA LEU B 205 -34.63 -40.01 6.79
C LEU B 205 -35.87 -40.79 6.35
N GLU B 216 -36.07 -40.98 -7.47
CA GLU B 216 -34.67 -41.34 -7.61
C GLU B 216 -34.04 -40.59 -8.78
N SER B 217 -32.77 -40.89 -9.04
CA SER B 217 -32.02 -40.36 -10.19
C SER B 217 -32.41 -38.95 -10.62
N THR B 218 -32.44 -38.02 -9.67
CA THR B 218 -32.91 -36.66 -9.92
C THR B 218 -32.00 -35.93 -10.89
N GLY B 219 -30.80 -36.49 -11.03
CA GLY B 219 -29.81 -36.08 -12.01
C GLY B 219 -28.56 -36.75 -11.48
N GLU B 220 -27.79 -37.35 -12.38
CA GLU B 220 -26.67 -38.17 -11.92
C GLU B 220 -25.30 -37.60 -12.24
N ILE B 221 -24.33 -38.07 -11.47
CA ILE B 221 -23.01 -37.47 -11.47
C ILE B 221 -21.93 -38.48 -11.89
N ILE B 222 -21.17 -38.12 -12.91
CA ILE B 222 -20.07 -38.97 -13.34
C ILE B 222 -18.90 -38.84 -12.37
N ASN B 223 -18.03 -39.85 -12.37
CA ASN B 223 -16.84 -39.85 -11.53
C ASN B 223 -17.18 -39.65 -10.05
N ASN B 224 -18.24 -40.30 -9.58
CA ASN B 224 -18.76 -40.03 -8.24
C ASN B 224 -18.31 -41.05 -7.20
N THR B 225 -17.22 -41.75 -7.48
CA THR B 225 -16.66 -42.74 -6.56
C THR B 225 -15.18 -42.49 -6.31
N VAL B 226 -14.84 -42.16 -5.07
CA VAL B 226 -13.45 -41.91 -4.71
C VAL B 226 -13.09 -42.62 -3.42
N PRO B 227 -11.85 -43.15 -3.34
CA PRO B 227 -11.44 -43.81 -2.11
C PRO B 227 -11.10 -42.82 -1.01
N LEU B 228 -11.56 -43.12 0.20
CA LEU B 228 -11.29 -42.29 1.37
C LEU B 228 -9.86 -42.50 1.83
N GLU B 229 -8.96 -41.66 1.34
CA GLU B 229 -7.53 -41.89 1.55
C GLU B 229 -7.02 -41.30 2.86
N ASN B 230 -5.99 -41.92 3.40
CA ASN B 230 -5.47 -41.54 4.70
C ASN B 230 -4.06 -41.00 4.49
N SER B 231 -3.91 -39.68 4.58
CA SER B 231 -2.63 -39.05 4.32
C SER B 231 -1.93 -38.74 5.63
N ILE B 232 -0.96 -39.59 5.95
CA ILE B 232 -0.13 -39.47 7.14
C ILE B 232 0.65 -38.15 7.17
N PRO B 233 1.17 -37.69 6.00
CA PRO B 233 1.83 -36.39 6.08
C PRO B 233 0.85 -35.26 6.39
N GLY B 234 -0.42 -35.47 6.06
CA GLY B 234 -1.46 -34.51 6.39
C GLY B 234 -2.12 -34.73 7.74
N ASN B 235 -1.87 -35.91 8.33
CA ASN B 235 -2.51 -36.32 9.58
C ASN B 235 -4.03 -36.27 9.42
N CYS B 236 -4.50 -36.60 8.22
CA CYS B 236 -5.91 -36.46 7.88
C CYS B 236 -6.44 -37.63 7.06
N CYS B 237 -7.70 -37.93 7.28
CA CYS B 237 -8.41 -38.88 6.44
C CYS B 237 -9.38 -38.08 5.61
N SER B 238 -9.25 -38.14 4.30
CA SER B 238 -10.07 -37.30 3.44
C SER B 238 -10.23 -37.96 2.08
N ALA B 239 -11.31 -37.60 1.40
CA ALA B 239 -11.52 -38.05 0.03
C ALA B 239 -11.92 -36.84 -0.80
N LEU B 240 -11.06 -36.47 -1.74
CA LEU B 240 -11.34 -35.36 -2.62
C LEU B 240 -11.73 -35.87 -3.98
N PHE B 241 -12.83 -35.32 -4.48
CA PHE B 241 -13.36 -35.62 -5.79
C PHE B 241 -12.81 -34.59 -6.73
N LYS B 242 -11.69 -34.93 -7.35
CA LYS B 242 -10.93 -33.97 -8.11
C LYS B 242 -11.67 -33.66 -9.41
N ASN B 243 -12.53 -34.60 -9.82
CA ASN B 243 -13.26 -34.48 -11.07
C ASN B 243 -14.73 -34.90 -10.94
N LEU B 244 -15.65 -33.95 -10.93
CA LEU B 244 -17.08 -34.29 -10.83
C LEU B 244 -17.85 -33.56 -11.92
N LEU B 245 -18.82 -34.23 -12.54
CA LEU B 245 -19.68 -33.54 -13.53
C LEU B 245 -21.13 -34.02 -13.49
N LEU B 246 -22.05 -33.06 -13.60
CA LEU B 246 -23.48 -33.35 -13.64
C LEU B 246 -24.07 -33.20 -15.03
N LYS B 247 -24.48 -34.33 -15.62
CA LYS B 247 -24.98 -34.35 -16.99
C LYS B 247 -26.38 -33.77 -17.15
N LYS B 248 -27.34 -34.31 -16.41
CA LYS B 248 -28.73 -33.91 -16.60
C LYS B 248 -29.35 -33.49 -15.29
N ILE B 249 -30.39 -32.68 -15.37
CA ILE B 249 -31.13 -32.30 -14.17
C ILE B 249 -32.64 -32.36 -14.42
N LYS B 250 -33.34 -33.03 -13.51
CA LYS B 250 -34.80 -33.08 -13.54
C LYS B 250 -35.34 -32.36 -12.30
N ARG B 251 -36.29 -31.48 -12.53
CA ARG B 251 -36.67 -30.49 -11.53
C ARG B 251 -38.03 -30.81 -10.91
N CYS B 252 -38.14 -30.68 -9.57
CA CYS B 252 -39.43 -30.89 -8.95
C CYS B 252 -40.37 -29.78 -9.42
N GLU B 253 -41.66 -29.93 -9.18
CA GLU B 253 -42.64 -28.97 -9.70
C GLU B 253 -43.18 -28.07 -8.60
N GLY B 256 -45.38 -23.94 -7.34
CA GLY B 256 -45.83 -23.64 -8.69
C GLY B 256 -45.43 -22.25 -9.11
N THR B 257 -45.72 -21.28 -8.26
CA THR B 257 -45.35 -19.89 -8.51
C THR B 257 -43.84 -19.72 -8.53
N GLU B 258 -43.15 -20.41 -7.63
CA GLU B 258 -41.71 -20.25 -7.47
C GLU B 258 -40.94 -20.68 -8.71
N SER B 259 -39.95 -19.88 -9.08
CA SER B 259 -39.08 -20.17 -10.21
C SER B 259 -38.10 -21.31 -9.92
N VAL B 260 -37.74 -22.06 -10.95
CA VAL B 260 -36.74 -23.10 -10.83
C VAL B 260 -35.50 -22.67 -10.04
N THR B 261 -35.05 -21.43 -10.26
CA THR B 261 -33.75 -21.01 -9.75
C THR B 261 -33.67 -20.89 -8.24
N GLU B 262 -34.78 -21.09 -7.56
CA GLU B 262 -34.78 -21.16 -6.11
C GLU B 262 -34.92 -22.60 -5.61
N GLU B 263 -34.91 -23.58 -6.52
CA GLU B 263 -35.01 -24.97 -6.11
C GLU B 263 -33.67 -25.43 -5.56
N LYS B 264 -33.69 -25.92 -4.32
CA LYS B 264 -32.46 -26.24 -3.63
C LYS B 264 -32.18 -27.74 -3.67
N CYS B 265 -30.91 -28.09 -3.83
CA CYS B 265 -30.50 -29.49 -3.85
C CYS B 265 -29.24 -29.65 -3.03
N ALA B 266 -28.76 -30.87 -2.91
CA ALA B 266 -27.50 -31.09 -2.24
C ALA B 266 -26.86 -32.35 -2.81
N VAL B 267 -25.55 -32.47 -2.61
CA VAL B 267 -24.89 -33.72 -2.95
C VAL B 267 -24.72 -34.50 -1.65
N LEU B 268 -25.00 -35.79 -1.71
CA LEU B 268 -24.99 -36.67 -0.54
C LEU B 268 -23.80 -37.60 -0.61
N PHE B 269 -22.94 -37.51 0.40
CA PHE B 269 -21.79 -38.40 0.48
C PHE B 269 -22.08 -39.60 1.40
N SER B 270 -21.99 -40.78 0.82
CA SER B 270 -22.28 -42.02 1.54
C SER B 270 -21.02 -42.88 1.57
N ALA B 271 -20.82 -43.60 2.66
CA ALA B 271 -19.67 -44.48 2.83
C ALA B 271 -19.98 -45.48 3.95
N SER B 272 -19.20 -46.54 4.07
CA SER B 272 -19.42 -47.49 5.15
C SER B 272 -18.16 -48.22 5.62
N PHE B 273 -18.11 -48.49 6.94
CA PHE B 273 -17.22 -49.48 7.51
C PHE B 273 -17.96 -50.16 8.67
N THR B 274 -17.79 -51.45 8.98
CA THR B 274 -16.81 -52.48 8.51
C THR B 274 -15.43 -52.15 9.05
N LEU B 275 -15.41 -51.85 10.36
CA LEU B 275 -14.21 -51.64 11.16
C LEU B 275 -14.19 -52.48 12.45
N GLY B 276 -13.05 -53.11 12.72
CA GLY B 276 -12.86 -53.91 13.93
C GLY B 276 -12.83 -53.14 15.24
N PRO B 277 -13.33 -53.74 16.34
CA PRO B 277 -13.75 -55.15 16.47
C PRO B 277 -14.94 -55.48 15.60
N GLY B 278 -14.90 -56.63 14.94
CA GLY B 278 -15.96 -56.95 13.99
C GLY B 278 -17.19 -57.42 14.74
N LYS B 279 -18.36 -57.14 14.18
CA LYS B 279 -18.47 -56.39 12.93
C LYS B 279 -18.34 -54.88 13.13
N LEU B 280 -19.05 -54.35 14.12
CA LEU B 280 -19.15 -52.90 14.38
C LEU B 280 -19.55 -52.06 13.14
N PRO B 281 -20.64 -52.46 12.44
CA PRO B 281 -20.97 -51.70 11.23
C PRO B 281 -21.69 -50.38 11.46
N ILE B 282 -21.21 -49.30 10.85
CA ILE B 282 -21.92 -48.03 10.90
C ILE B 282 -21.68 -47.32 9.57
N GLN B 283 -22.76 -46.83 8.97
CA GLN B 283 -22.72 -46.14 7.69
C GLN B 283 -22.57 -44.64 7.89
N LEU B 284 -21.61 -44.06 7.20
CA LEU B 284 -21.37 -42.63 7.29
C LEU B 284 -22.11 -41.95 6.15
N GLN B 285 -22.82 -40.88 6.48
CA GLN B 285 -23.42 -40.04 5.47
C GLN B 285 -23.31 -38.57 5.85
N ALA B 286 -23.03 -37.74 4.86
CA ALA B 286 -22.90 -36.31 5.07
C ALA B 286 -23.55 -35.55 3.93
N LEU B 287 -24.32 -34.53 4.28
CA LEU B 287 -24.96 -33.72 3.27
C LEU B 287 -24.18 -32.43 3.05
N SER B 288 -24.22 -31.92 1.83
CA SER B 288 -23.56 -30.67 1.51
C SER B 288 -24.48 -29.52 1.88
N LEU B 289 -24.00 -28.30 1.70
CA LEU B 289 -24.87 -27.14 1.80
C LEU B 289 -25.88 -27.24 0.67
N PRO B 290 -27.05 -26.61 0.84
CA PRO B 290 -27.98 -26.62 -0.29
C PRO B 290 -27.38 -25.87 -1.48
N LEU B 291 -27.61 -26.38 -2.68
CA LEU B 291 -27.13 -25.69 -3.88
C LEU B 291 -28.24 -25.52 -4.90
N VAL B 292 -28.12 -24.50 -5.75
CA VAL B 292 -29.06 -24.32 -6.83
C VAL B 292 -28.34 -24.59 -8.14
N VAL B 293 -28.88 -25.47 -8.96
CA VAL B 293 -28.23 -25.88 -10.21
C VAL B 293 -28.86 -25.17 -11.43
N ILE B 294 -28.01 -24.56 -12.25
CA ILE B 294 -28.47 -23.77 -13.40
C ILE B 294 -28.03 -24.38 -14.73
N VAL B 295 -28.62 -23.90 -15.82
CA VAL B 295 -28.38 -24.47 -17.15
C VAL B 295 -27.60 -23.50 -18.04
N HIS B 296 -27.67 -22.21 -17.73
CA HIS B 296 -27.02 -21.19 -18.52
C HIS B 296 -26.69 -19.97 -17.66
N GLY B 297 -25.72 -19.16 -18.12
CA GLY B 297 -25.30 -17.96 -17.42
C GLY B 297 -26.44 -17.04 -16.99
N ASN B 298 -27.47 -16.95 -17.82
CA ASN B 298 -28.56 -16.01 -17.58
C ASN B 298 -29.36 -16.26 -16.30
N GLN B 299 -29.23 -17.44 -15.71
CA GLN B 299 -29.94 -17.75 -14.47
C GLN B 299 -29.07 -17.45 -13.24
N ASP B 300 -27.79 -17.20 -13.46
CA ASP B 300 -26.80 -17.13 -12.40
C ASP B 300 -27.23 -16.18 -11.30
N ASN B 301 -27.69 -15.01 -11.73
CA ASN B 301 -27.98 -13.95 -10.81
C ASN B 301 -29.07 -14.42 -9.88
N ASN B 302 -30.18 -14.89 -10.45
CA ASN B 302 -31.31 -15.31 -9.66
C ASN B 302 -30.90 -16.44 -8.75
N ALA B 303 -29.99 -17.28 -9.24
CA ALA B 303 -29.53 -18.40 -8.44
C ALA B 303 -28.80 -17.89 -7.20
N LYS B 304 -27.91 -16.92 -7.40
CA LYS B 304 -27.04 -16.45 -6.33
C LYS B 304 -27.88 -16.01 -5.14
N ALA B 305 -28.94 -15.26 -5.44
CA ALA B 305 -29.82 -14.69 -4.43
C ALA B 305 -30.38 -15.77 -3.54
N THR B 306 -30.77 -16.88 -4.14
CA THR B 306 -31.39 -17.93 -3.35
C THR B 306 -30.38 -18.43 -2.34
N ILE B 307 -29.18 -18.73 -2.84
CA ILE B 307 -28.14 -19.29 -1.98
C ILE B 307 -27.82 -18.29 -0.88
N LEU B 308 -27.69 -17.04 -1.28
CA LEU B 308 -27.35 -15.97 -0.37
C LEU B 308 -28.37 -15.98 0.76
N TRP B 309 -29.65 -15.93 0.38
CA TRP B 309 -30.73 -15.86 1.36
C TRP B 309 -30.54 -17.02 2.31
N ASP B 310 -30.32 -18.20 1.73
CA ASP B 310 -30.22 -19.41 2.52
C ASP B 310 -29.01 -19.34 3.44
N ASN B 311 -27.85 -18.94 2.91
CA ASN B 311 -26.64 -18.97 3.72
C ASN B 311 -26.71 -18.01 4.90
N ALA B 312 -27.25 -16.83 4.66
CA ALA B 312 -27.33 -15.79 5.66
C ALA B 312 -28.29 -16.18 6.78
N PHE B 313 -29.46 -16.68 6.40
CA PHE B 313 -30.55 -16.80 7.36
C PHE B 313 -30.95 -18.23 7.72
N SER B 314 -30.21 -19.22 7.24
CA SER B 314 -30.54 -20.59 7.60
C SER B 314 -30.33 -20.70 9.09
N GLU B 315 -31.29 -21.32 9.76
CA GLU B 315 -31.15 -21.53 11.19
C GLU B 315 -30.10 -22.59 11.36
N MET B 316 -29.45 -22.62 12.52
CA MET B 316 -28.58 -23.76 12.83
C MET B 316 -29.44 -25.02 12.95
N ASP B 317 -28.96 -26.12 12.36
CA ASP B 317 -29.58 -27.45 12.47
C ASP B 317 -31.06 -27.54 12.05
N ARG B 318 -31.44 -26.83 10.99
CA ARG B 318 -32.80 -26.94 10.44
C ARG B 318 -33.01 -28.19 9.59
N VAL B 319 -34.25 -28.65 9.47
CA VAL B 319 -34.57 -29.69 8.51
C VAL B 319 -34.28 -29.07 7.13
N PRO B 320 -33.70 -29.87 6.22
CA PRO B 320 -33.36 -29.39 4.88
C PRO B 320 -34.59 -29.11 4.03
N PHE B 321 -34.66 -27.95 3.39
CA PHE B 321 -33.70 -26.85 3.58
C PHE B 321 -34.48 -25.60 3.93
N VAL B 322 -35.02 -25.53 5.14
CA VAL B 322 -35.92 -24.44 5.51
C VAL B 322 -35.16 -23.18 5.89
N VAL B 323 -35.72 -22.04 5.47
CA VAL B 323 -35.21 -20.72 5.82
C VAL B 323 -36.41 -19.79 5.98
N ALA B 324 -36.26 -18.72 6.76
CA ALA B 324 -37.35 -17.79 6.99
C ALA B 324 -37.83 -17.15 5.70
N GLU B 325 -39.09 -16.71 5.69
CA GLU B 325 -39.62 -15.99 4.53
C GLU B 325 -39.32 -14.50 4.68
N ARG B 326 -39.28 -14.03 5.93
CA ARG B 326 -38.92 -12.63 6.18
C ARG B 326 -37.95 -12.51 7.36
N VAL B 327 -37.15 -11.45 7.32
CA VAL B 327 -36.09 -11.24 8.31
C VAL B 327 -35.98 -9.75 8.65
N PRO B 328 -35.33 -9.43 9.79
CA PRO B 328 -35.10 -8.00 10.06
C PRO B 328 -34.27 -7.33 8.96
N TRP B 329 -34.69 -6.14 8.53
CA TRP B 329 -34.02 -5.39 7.47
C TRP B 329 -32.56 -5.04 7.80
N GLU B 330 -32.29 -4.86 9.08
CA GLU B 330 -30.93 -4.60 9.56
C GLU B 330 -29.98 -5.76 9.27
N LYS B 331 -30.43 -6.98 9.52
CA LYS B 331 -29.62 -8.16 9.27
C LYS B 331 -29.38 -8.31 7.77
N MET B 332 -30.40 -7.92 7.00
CA MET B 332 -30.29 -7.92 5.54
C MET B 332 -29.24 -6.92 5.11
N CYS B 333 -29.18 -5.80 5.82
CA CYS B 333 -28.17 -4.78 5.54
C CYS B 333 -26.78 -5.32 5.82
N GLU B 334 -26.64 -6.03 6.94
CA GLU B 334 -25.37 -6.67 7.27
C GLU B 334 -24.95 -7.63 6.15
N THR B 335 -25.87 -8.48 5.74
CA THR B 335 -25.60 -9.45 4.68
C THR B 335 -25.21 -8.77 3.36
N LEU B 336 -26.00 -7.78 2.94
CA LEU B 336 -25.75 -7.01 1.73
C LEU B 336 -24.39 -6.31 1.74
N ASN B 337 -24.06 -5.73 2.89
CA ASN B 337 -22.77 -5.04 3.08
C ASN B 337 -21.62 -6.04 2.93
N LEU B 338 -21.74 -7.14 3.66
CA LEU B 338 -20.80 -8.26 3.55
C LEU B 338 -20.58 -8.75 2.11
N LYS B 339 -21.68 -9.06 1.41
CA LYS B 339 -21.61 -9.57 0.04
C LYS B 339 -21.00 -8.54 -0.90
N PHE B 340 -21.35 -7.27 -0.70
CA PHE B 340 -20.83 -6.19 -1.53
C PHE B 340 -19.32 -6.12 -1.41
N MET B 341 -18.85 -6.03 -0.16
CA MET B 341 -17.42 -5.94 0.10
C MET B 341 -16.68 -7.18 -0.40
N ALA B 342 -17.35 -8.32 -0.31
CA ALA B 342 -16.75 -9.59 -0.72
C ALA B 342 -16.57 -9.72 -2.22
N GLU B 343 -17.61 -9.38 -2.97
CA GLU B 343 -17.59 -9.57 -4.42
C GLU B 343 -16.85 -8.46 -5.13
N VAL B 344 -16.99 -7.24 -4.62
CA VAL B 344 -16.25 -6.13 -5.20
C VAL B 344 -14.76 -6.29 -4.92
N GLY B 345 -14.43 -6.69 -3.71
CA GLY B 345 -13.04 -6.82 -3.29
C GLY B 345 -12.54 -5.53 -2.68
N THR B 346 -13.31 -5.00 -1.73
CA THR B 346 -13.01 -3.71 -1.11
C THR B 346 -13.16 -3.80 0.40
N ASN B 347 -12.34 -3.07 1.15
CA ASN B 347 -12.42 -3.09 2.61
C ASN B 347 -13.43 -2.07 3.12
N ARG B 348 -13.83 -1.12 2.27
CA ARG B 348 -14.79 -0.13 2.69
C ARG B 348 -16.04 -0.12 1.82
N GLY B 349 -17.17 -0.39 2.48
CA GLY B 349 -18.46 -0.55 1.83
C GLY B 349 -19.52 0.46 2.21
N LEU B 350 -20.73 -0.04 2.41
CA LEU B 350 -21.93 0.80 2.46
C LEU B 350 -22.04 1.64 3.72
N LEU B 351 -22.66 2.82 3.54
CA LEU B 351 -22.87 3.81 4.59
C LEU B 351 -24.35 3.94 4.95
N PRO B 352 -24.66 4.62 6.08
CA PRO B 352 -26.03 4.91 6.49
C PRO B 352 -26.92 5.46 5.37
N GLU B 353 -26.44 6.51 4.70
CA GLU B 353 -27.16 7.12 3.59
C GLU B 353 -27.50 6.11 2.49
N HIS B 354 -26.53 5.24 2.18
CA HIS B 354 -26.72 4.20 1.17
C HIS B 354 -27.86 3.28 1.57
N PHE B 355 -27.74 2.72 2.76
CA PHE B 355 -28.74 1.82 3.31
C PHE B 355 -30.13 2.43 3.32
N LEU B 356 -30.21 3.72 3.65
CA LEU B 356 -31.45 4.47 3.57
C LEU B 356 -32.01 4.44 2.14
N PHE B 357 -31.19 4.82 1.17
CA PHE B 357 -31.63 4.81 -0.23
C PHE B 357 -32.13 3.43 -0.67
N LEU B 358 -31.43 2.39 -0.22
CA LEU B 358 -31.79 1.03 -0.56
C LEU B 358 -33.12 0.65 0.06
N ALA B 359 -33.31 1.04 1.32
CA ALA B 359 -34.55 0.77 2.03
C ALA B 359 -35.74 1.43 1.32
N GLN B 360 -35.56 2.69 0.93
CA GLN B 360 -36.58 3.40 0.17
C GLN B 360 -36.92 2.63 -1.10
N LYS B 361 -35.89 2.21 -1.83
CA LYS B 361 -36.09 1.48 -3.07
C LYS B 361 -36.86 0.17 -2.87
N ILE B 362 -36.38 -0.67 -1.96
CA ILE B 362 -36.93 -2.01 -1.79
C ILE B 362 -38.32 -1.98 -1.16
N PHE B 363 -38.60 -0.97 -0.35
CA PHE B 363 -39.88 -0.91 0.35
C PHE B 363 -40.88 -0.04 -0.41
N ASN B 364 -40.39 0.66 -1.45
CA ASN B 364 -41.19 1.63 -2.18
C ASN B 364 -41.64 2.73 -1.23
N ASP B 365 -40.87 2.92 -0.18
CA ASP B 365 -41.24 3.82 0.89
C ASP B 365 -40.64 5.20 0.63
N ASN B 366 -41.43 6.24 0.91
CA ASN B 366 -41.00 7.59 0.64
C ASN B 366 -40.42 8.27 1.88
N SER B 367 -40.25 7.49 2.94
CA SER B 367 -39.79 8.03 4.20
C SER B 367 -38.37 8.58 4.04
N LEU B 368 -37.98 9.49 4.92
CA LEU B 368 -36.73 10.23 4.76
C LEU B 368 -35.81 10.12 5.98
N SER B 369 -36.27 9.40 7.00
CA SER B 369 -35.50 9.25 8.23
C SER B 369 -34.92 7.84 8.33
N MET B 370 -33.63 7.74 8.62
CA MET B 370 -32.98 6.42 8.73
C MET B 370 -33.51 5.54 9.86
N GLU B 371 -34.27 6.13 10.78
CA GLU B 371 -34.75 5.38 11.93
C GLU B 371 -36.13 4.77 11.69
N ALA B 372 -36.83 5.27 10.68
CA ALA B 372 -38.15 4.75 10.35
C ALA B 372 -38.03 3.28 9.94
N PHE B 373 -37.02 3.00 9.13
CA PHE B 373 -36.81 1.68 8.55
C PHE B 373 -36.18 0.65 9.50
N GLN B 374 -35.55 1.09 10.59
CA GLN B 374 -34.67 0.20 11.35
C GLN B 374 -35.38 -1.04 11.95
N HIS B 375 -36.58 -0.86 12.49
CA HIS B 375 -37.33 -1.98 13.07
C HIS B 375 -38.31 -2.58 12.04
N ARG B 376 -37.89 -2.60 10.78
CA ARG B 376 -38.73 -3.09 9.69
C ARG B 376 -38.33 -4.52 9.31
N SER B 377 -39.27 -5.23 8.72
CA SER B 377 -38.99 -6.58 8.25
C SER B 377 -39.06 -6.63 6.73
N VAL B 378 -38.34 -7.58 6.16
CA VAL B 378 -38.26 -7.70 4.71
C VAL B 378 -38.45 -9.15 4.29
N SER B 379 -39.30 -9.34 3.27
CA SER B 379 -39.65 -10.67 2.78
C SER B 379 -38.76 -11.11 1.63
N TRP B 380 -38.81 -12.40 1.32
CA TRP B 380 -38.06 -12.96 0.20
C TRP B 380 -38.64 -12.48 -1.12
N SER B 381 -39.96 -12.37 -1.15
CA SER B 381 -40.66 -11.93 -2.34
C SER B 381 -40.26 -10.48 -2.68
N GLN B 382 -40.11 -9.65 -1.66
CA GLN B 382 -39.66 -8.27 -1.87
C GLN B 382 -38.21 -8.30 -2.38
N PHE B 383 -37.41 -9.18 -1.81
CA PHE B 383 -35.98 -9.24 -2.13
C PHE B 383 -35.75 -9.57 -3.61
N ASN B 384 -36.35 -10.67 -4.07
CA ASN B 384 -36.09 -11.12 -5.43
C ASN B 384 -37.31 -11.47 -6.28
N LYS B 385 -38.50 -11.50 -5.70
CA LYS B 385 -39.66 -11.87 -6.50
C LYS B 385 -40.54 -10.72 -6.97
N GLU B 386 -40.50 -9.60 -6.28
CA GLU B 386 -41.37 -8.52 -6.68
C GLU B 386 -40.62 -7.61 -7.62
N ILE B 387 -41.22 -7.35 -8.77
CA ILE B 387 -40.68 -6.36 -9.67
C ILE B 387 -40.72 -5.01 -8.93
N LEU B 388 -39.75 -4.15 -9.21
CA LEU B 388 -39.71 -2.84 -8.60
C LEU B 388 -40.62 -1.99 -9.45
N LEU B 389 -41.47 -1.21 -8.79
CA LEU B 389 -42.42 -0.32 -9.45
C LEU B 389 -41.80 0.42 -10.62
N GLY B 390 -42.51 0.39 -11.74
CA GLY B 390 -42.09 1.02 -12.98
C GLY B 390 -40.84 0.43 -13.63
N ARG B 391 -40.14 -0.43 -12.92
CA ARG B 391 -38.93 -1.06 -13.44
C ARG B 391 -39.24 -2.46 -13.99
N GLY B 392 -38.29 -3.05 -14.71
CA GLY B 392 -38.47 -4.37 -15.27
C GLY B 392 -37.79 -5.51 -14.51
N PHE B 393 -37.27 -5.21 -13.33
CA PHE B 393 -36.46 -6.16 -12.58
C PHE B 393 -36.67 -6.09 -11.08
N THR B 394 -36.25 -7.14 -10.38
CA THR B 394 -36.41 -7.22 -8.93
C THR B 394 -35.27 -6.48 -8.24
N PHE B 395 -35.40 -6.27 -6.93
CA PHE B 395 -34.37 -5.57 -6.17
C PHE B 395 -32.99 -6.22 -6.24
N TRP B 396 -32.93 -7.52 -5.95
CA TRP B 396 -31.68 -8.26 -6.02
C TRP B 396 -31.02 -8.15 -7.38
N GLN B 397 -31.81 -8.28 -8.43
CA GLN B 397 -31.29 -8.22 -9.79
C GLN B 397 -30.55 -6.90 -10.04
N TRP B 398 -31.12 -5.82 -9.50
CA TRP B 398 -30.52 -4.49 -9.63
C TRP B 398 -29.24 -4.40 -8.80
N PHE B 399 -29.33 -4.85 -7.56
CA PHE B 399 -28.22 -4.74 -6.62
C PHE B 399 -27.01 -5.52 -7.12
N ASP B 400 -27.25 -6.75 -7.57
CA ASP B 400 -26.22 -7.57 -8.16
C ASP B 400 -25.74 -6.93 -9.45
N GLY B 401 -26.64 -6.23 -10.14
CA GLY B 401 -26.24 -5.45 -11.30
C GLY B 401 -25.09 -4.52 -10.95
N VAL B 402 -25.28 -3.71 -9.92
CA VAL B 402 -24.22 -2.79 -9.52
C VAL B 402 -23.02 -3.56 -8.97
N LEU B 403 -23.29 -4.71 -8.34
CA LEU B 403 -22.24 -5.57 -7.82
C LEU B 403 -21.26 -5.94 -8.94
N ASP B 404 -21.83 -6.42 -10.05
CA ASP B 404 -21.07 -6.83 -11.22
C ASP B 404 -20.35 -5.66 -11.86
N LEU B 405 -21.07 -4.56 -12.02
CA LEU B 405 -20.49 -3.37 -12.62
C LEU B 405 -19.26 -2.89 -11.84
N THR B 406 -19.39 -2.81 -10.52
CA THR B 406 -18.32 -2.27 -9.68
C THR B 406 -17.15 -3.22 -9.63
N LYS B 407 -17.44 -4.51 -9.44
CA LYS B 407 -16.41 -5.54 -9.45
C LYS B 407 -15.59 -5.46 -10.73
N ARG B 408 -16.28 -5.48 -11.86
CA ARG B 408 -15.64 -5.48 -13.17
C ARG B 408 -14.87 -4.19 -13.47
N CYS B 409 -15.46 -3.03 -13.21
CA CYS B 409 -14.89 -1.77 -13.69
C CYS B 409 -14.64 -0.65 -12.67
N LEU B 410 -15.12 -0.79 -11.43
CA LEU B 410 -15.15 0.37 -10.52
C LEU B 410 -14.50 0.16 -9.15
N ARG B 411 -13.96 -1.01 -8.89
CA ARG B 411 -13.41 -1.34 -7.57
C ARG B 411 -12.43 -0.27 -7.07
N SER B 412 -11.52 0.14 -7.96
CA SER B 412 -10.53 1.14 -7.63
C SER B 412 -11.19 2.47 -7.30
N TYR B 413 -12.11 2.92 -8.17
CA TYR B 413 -12.77 4.21 -7.97
C TYR B 413 -13.61 4.20 -6.72
N TRP B 414 -14.24 3.07 -6.44
CA TRP B 414 -15.09 2.94 -5.26
C TRP B 414 -14.26 2.99 -3.99
N SER B 415 -13.17 2.24 -3.98
CA SER B 415 -12.27 2.19 -2.84
C SER B 415 -11.69 3.56 -2.52
N ASP B 416 -11.53 4.39 -3.55
CA ASP B 416 -11.07 5.78 -3.39
C ASP B 416 -12.19 6.70 -2.92
N ARG B 417 -13.37 6.12 -2.71
CA ARG B 417 -14.54 6.86 -2.25
C ARG B 417 -14.80 8.06 -3.16
N LEU B 418 -14.85 7.81 -4.46
CA LEU B 418 -15.17 8.85 -5.45
C LEU B 418 -16.60 8.64 -5.95
N ILE B 419 -17.20 7.52 -5.55
CA ILE B 419 -18.56 7.25 -5.96
C ILE B 419 -19.50 7.19 -4.76
N ILE B 420 -20.56 7.97 -4.81
CA ILE B 420 -21.62 7.89 -3.83
C ILE B 420 -22.22 6.50 -3.99
N GLY B 421 -22.32 6.08 -5.25
CA GLY B 421 -22.83 4.77 -5.60
C GLY B 421 -24.33 4.67 -5.43
N PHE B 422 -24.79 4.93 -4.21
CA PHE B 422 -26.21 4.90 -3.95
C PHE B 422 -26.74 6.28 -3.61
N ILE B 423 -27.74 6.72 -4.37
CA ILE B 423 -28.39 7.97 -4.11
C ILE B 423 -29.55 8.18 -5.10
N SER B 424 -30.59 8.86 -4.63
CA SER B 424 -31.77 9.11 -5.44
C SER B 424 -31.57 10.42 -6.20
N LYS B 425 -32.18 10.52 -7.38
CA LYS B 425 -32.08 11.74 -8.19
C LYS B 425 -32.50 12.99 -7.42
N GLN B 426 -33.51 12.84 -6.57
CA GLN B 426 -34.02 13.96 -5.79
C GLN B 426 -32.91 14.57 -4.92
N TYR B 427 -32.27 13.73 -4.12
CA TYR B 427 -31.27 14.18 -3.16
C TYR B 427 -30.04 14.76 -3.87
N VAL B 428 -29.77 14.31 -5.08
CA VAL B 428 -28.65 14.87 -5.83
C VAL B 428 -29.04 16.24 -6.36
N THR B 429 -30.30 16.41 -6.73
CA THR B 429 -30.75 17.72 -7.21
C THR B 429 -30.64 18.74 -6.08
N SER B 430 -31.14 18.33 -4.91
CA SER B 430 -31.06 19.15 -3.71
C SER B 430 -29.62 19.48 -3.34
N LEU B 431 -28.74 18.49 -3.37
CA LEU B 431 -27.33 18.68 -3.01
C LEU B 431 -26.57 19.55 -4.00
N LEU B 432 -26.92 19.45 -5.27
CA LEU B 432 -26.12 20.07 -6.31
C LEU B 432 -26.58 21.45 -6.74
N LEU B 433 -27.83 21.80 -6.50
CA LEU B 433 -28.30 23.12 -6.92
C LEU B 433 -27.53 24.25 -6.23
N ASN B 434 -27.20 24.07 -4.96
CA ASN B 434 -26.47 25.07 -4.19
C ASN B 434 -25.00 25.21 -4.57
N GLU B 435 -24.50 24.26 -5.38
CA GLU B 435 -23.08 24.20 -5.72
C GLU B 435 -22.75 24.97 -7.01
N PRO B 436 -21.47 25.35 -7.20
CA PRO B 436 -21.11 26.15 -8.37
C PRO B 436 -21.12 25.36 -9.68
N ASP B 437 -20.91 26.07 -10.78
CA ASP B 437 -20.91 25.47 -12.11
C ASP B 437 -19.76 24.49 -12.34
N GLY B 438 -20.11 23.26 -12.72
CA GLY B 438 -19.12 22.26 -13.03
C GLY B 438 -18.91 21.28 -11.90
N THR B 439 -19.77 21.37 -10.88
CA THR B 439 -19.69 20.46 -9.75
C THR B 439 -20.55 19.23 -10.05
N PHE B 440 -19.97 18.06 -9.86
CA PHE B 440 -20.63 16.81 -10.24
C PHE B 440 -20.43 15.68 -9.24
N LEU B 441 -21.22 14.61 -9.42
CA LEU B 441 -21.05 13.40 -8.63
C LEU B 441 -21.44 12.17 -9.44
N LEU B 442 -21.00 11.01 -8.96
CA LEU B 442 -21.24 9.72 -9.62
C LEU B 442 -22.32 8.93 -8.89
N ARG B 443 -23.35 8.48 -9.60
CA ARG B 443 -24.38 7.67 -8.96
C ARG B 443 -24.79 6.48 -9.84
N PHE B 444 -25.22 5.40 -9.20
CA PHE B 444 -25.70 4.24 -9.94
C PHE B 444 -27.06 4.51 -10.56
N SER B 445 -27.22 4.08 -11.81
CA SER B 445 -28.49 4.22 -12.52
C SER B 445 -29.58 3.38 -11.85
N ASP B 446 -30.75 3.97 -11.65
CA ASP B 446 -31.85 3.26 -11.02
C ASP B 446 -32.64 2.51 -12.08
N SER B 447 -32.53 2.98 -13.31
CA SER B 447 -33.31 2.46 -14.42
C SER B 447 -32.63 1.32 -15.16
N GLU B 448 -31.30 1.36 -15.25
CA GLU B 448 -30.57 0.31 -15.93
C GLU B 448 -29.89 -0.67 -14.97
N ILE B 449 -29.84 -1.93 -15.37
CA ILE B 449 -29.08 -2.95 -14.66
C ILE B 449 -27.61 -2.77 -15.00
N GLY B 450 -26.79 -2.48 -13.99
CA GLY B 450 -25.36 -2.37 -14.19
C GLY B 450 -24.97 -1.11 -14.95
N GLY B 451 -25.33 0.06 -14.44
CA GLY B 451 -25.01 1.31 -15.08
C GLY B 451 -24.67 2.40 -14.09
N ILE B 452 -23.76 3.28 -14.48
CA ILE B 452 -23.33 4.38 -13.62
C ILE B 452 -23.36 5.69 -14.42
N THR B 453 -23.83 6.74 -13.78
CA THR B 453 -24.12 8.01 -14.45
C THR B 453 -23.60 9.23 -13.70
N ILE B 454 -23.22 10.24 -14.47
CA ILE B 454 -22.73 11.51 -13.95
C ILE B 454 -23.87 12.52 -13.78
N ALA B 455 -23.93 13.16 -12.62
CA ALA B 455 -24.87 14.26 -12.45
C ALA B 455 -24.08 15.53 -12.18
N HIS B 456 -24.30 16.57 -13.00
CA HIS B 456 -23.56 17.82 -12.83
C HIS B 456 -24.44 19.08 -12.87
N VAL B 457 -23.83 20.18 -12.44
CA VAL B 457 -24.49 21.47 -12.31
C VAL B 457 -23.97 22.50 -13.29
N ILE B 458 -24.88 23.11 -14.06
CA ILE B 458 -24.43 24.21 -14.91
C ILE B 458 -25.27 25.44 -14.55
N ARG B 459 -24.59 26.54 -14.28
CA ARG B 459 -25.27 27.80 -14.06
C ARG B 459 -24.85 28.84 -15.10
N GLY B 460 -25.83 29.39 -15.81
CA GLY B 460 -25.56 30.39 -16.83
C GLY B 460 -25.70 31.82 -16.33
N GLN B 461 -26.09 31.96 -15.07
CA GLN B 461 -26.36 33.28 -14.50
C GLN B 461 -27.67 33.80 -15.06
N ASP B 462 -27.73 33.91 -16.39
CA ASP B 462 -28.96 34.29 -17.07
C ASP B 462 -30.02 33.23 -16.83
N GLY B 463 -29.60 31.97 -16.84
CA GLY B 463 -30.48 30.84 -16.61
C GLY B 463 -30.14 30.17 -15.30
N SER B 464 -31.17 29.87 -14.51
CA SER B 464 -30.95 29.35 -13.17
C SER B 464 -30.23 28.01 -13.20
N PRO B 465 -29.31 27.84 -12.27
CA PRO B 465 -28.49 26.62 -12.18
C PRO B 465 -29.38 25.39 -12.33
N GLN B 466 -28.96 24.47 -13.18
CA GLN B 466 -29.71 23.26 -13.47
C GLN B 466 -28.84 22.02 -13.52
N ILE B 467 -29.45 20.90 -13.15
CA ILE B 467 -28.76 19.62 -13.11
C ILE B 467 -28.90 18.91 -14.44
N GLU B 468 -27.80 18.40 -14.98
CA GLU B 468 -27.83 17.55 -16.15
C GLU B 468 -27.37 16.15 -15.75
N ASN B 469 -28.02 15.15 -16.32
CA ASN B 469 -27.70 13.75 -16.02
C ASN B 469 -27.22 13.04 -17.28
N ILE B 470 -25.93 12.72 -17.32
CA ILE B 470 -25.38 12.00 -18.46
C ILE B 470 -25.92 10.58 -18.49
N GLN B 471 -26.16 10.08 -19.70
CA GLN B 471 -26.65 8.71 -19.90
C GLN B 471 -25.71 7.73 -19.20
N PRO B 472 -26.27 6.72 -18.54
CA PRO B 472 -25.47 5.79 -17.72
C PRO B 472 -24.48 4.97 -18.56
N PHE B 473 -23.36 4.60 -17.94
CA PHE B 473 -22.34 3.79 -18.59
C PHE B 473 -22.48 2.32 -18.23
N SER B 474 -22.48 1.46 -19.25
CA SER B 474 -22.46 0.03 -19.02
C SER B 474 -21.01 -0.43 -18.89
N ALA B 475 -20.82 -1.69 -18.47
CA ALA B 475 -19.48 -2.25 -18.38
C ALA B 475 -18.73 -2.21 -19.72
N LYS B 476 -19.46 -2.46 -20.80
CA LYS B 476 -18.90 -2.39 -22.15
C LYS B 476 -18.46 -0.97 -22.47
N ASP B 477 -19.31 0.00 -22.14
CA ASP B 477 -19.03 1.41 -22.34
C ASP B 477 -17.72 1.80 -21.68
N LEU B 478 -17.48 1.18 -20.53
CA LEU B 478 -16.30 1.51 -19.74
C LEU B 478 -15.08 0.75 -20.24
N SER B 479 -15.30 -0.42 -20.83
CA SER B 479 -14.22 -1.18 -21.46
C SER B 479 -13.70 -0.43 -22.68
N ILE B 480 -14.61 0.22 -23.40
CA ILE B 480 -14.22 0.99 -24.58
C ILE B 480 -13.40 2.22 -24.18
N ARG B 481 -13.83 2.90 -23.12
CA ARG B 481 -13.05 4.01 -22.58
C ARG B 481 -13.30 4.16 -21.08
N SER B 482 -12.21 4.21 -20.31
CA SER B 482 -12.30 4.16 -18.85
C SER B 482 -13.08 5.33 -18.26
N LEU B 483 -13.68 5.11 -17.11
CA LEU B 483 -14.41 6.15 -16.40
C LEU B 483 -13.56 7.40 -16.16
N GLY B 484 -12.37 7.20 -15.61
CA GLY B 484 -11.43 8.28 -15.41
C GLY B 484 -11.22 9.09 -16.68
N ASP B 485 -10.95 8.38 -17.77
CA ASP B 485 -10.70 8.99 -19.06
C ASP B 485 -11.90 9.79 -19.54
N ARG B 486 -13.08 9.18 -19.45
CA ARG B 486 -14.33 9.81 -19.83
C ARG B 486 -14.55 11.12 -19.06
N ILE B 487 -14.25 11.07 -17.77
CA ILE B 487 -14.40 12.23 -16.90
C ILE B 487 -13.41 13.32 -17.34
N ARG B 488 -12.19 12.90 -17.64
CA ARG B 488 -11.16 13.80 -18.17
C ARG B 488 -11.64 14.52 -19.42
N ASP B 489 -12.25 13.76 -20.32
CA ASP B 489 -12.76 14.29 -21.59
C ASP B 489 -13.68 15.48 -21.43
N LEU B 490 -14.60 15.39 -20.48
CA LEU B 490 -15.58 16.45 -20.29
C LEU B 490 -14.93 17.66 -19.61
N ALA B 491 -14.82 18.74 -20.36
CA ALA B 491 -14.16 19.96 -19.89
C ALA B 491 -15.02 20.71 -18.90
N GLN B 492 -16.34 20.61 -19.06
CA GLN B 492 -17.27 21.38 -18.25
C GLN B 492 -17.24 20.92 -16.79
N LEU B 493 -16.83 19.67 -16.60
CA LEU B 493 -16.75 19.11 -15.26
C LEU B 493 -15.52 19.67 -14.55
N LYS B 494 -15.77 20.42 -13.48
CA LYS B 494 -14.70 21.09 -12.76
C LYS B 494 -14.37 20.47 -11.40
N ASN B 495 -15.40 20.25 -10.58
CA ASN B 495 -15.19 19.78 -9.22
C ASN B 495 -16.04 18.56 -8.85
N LEU B 496 -15.42 17.56 -8.24
CA LEU B 496 -16.18 16.46 -7.68
C LEU B 496 -16.75 16.88 -6.33
N TYR B 497 -18.05 16.69 -6.15
CA TYR B 497 -18.70 17.03 -4.88
C TYR B 497 -18.14 16.22 -3.73
N PRO B 498 -17.86 16.88 -2.59
CA PRO B 498 -17.82 18.33 -2.37
C PRO B 498 -16.40 18.90 -2.33
N LYS B 499 -16.20 20.08 -2.90
CA LYS B 499 -14.91 20.81 -2.91
C LYS B 499 -13.84 20.23 -3.82
N LYS B 500 -13.54 18.96 -3.61
CA LYS B 500 -12.53 18.22 -4.37
C LYS B 500 -12.44 18.60 -5.85
N PRO B 501 -11.24 19.00 -6.30
CA PRO B 501 -11.09 19.35 -7.71
C PRO B 501 -10.89 18.09 -8.56
N LYS B 502 -11.49 18.04 -9.75
CA LYS B 502 -11.62 16.78 -10.48
C LYS B 502 -10.28 16.13 -10.86
N ASP B 503 -9.31 16.91 -11.36
CA ASP B 503 -8.04 16.32 -11.80
C ASP B 503 -7.28 15.74 -10.63
N GLU B 504 -7.36 16.42 -9.48
CA GLU B 504 -6.67 15.99 -8.28
C GLU B 504 -7.24 14.64 -7.84
N ALA B 505 -8.55 14.50 -8.00
CA ALA B 505 -9.24 13.30 -7.57
C ALA B 505 -8.99 12.12 -8.51
N PHE B 506 -8.97 12.39 -9.82
CA PHE B 506 -8.91 11.33 -10.83
C PHE B 506 -7.53 11.19 -11.49
N ARG B 507 -6.51 11.79 -10.87
CA ARG B 507 -5.13 11.76 -11.38
C ARG B 507 -4.70 10.33 -11.62
N SER B 508 -4.96 9.50 -10.63
CA SER B 508 -4.50 8.15 -10.57
C SER B 508 -5.23 7.21 -11.55
N HIS B 509 -6.39 7.65 -12.05
CA HIS B 509 -7.20 6.82 -12.95
C HIS B 509 -7.08 7.26 -14.42
N TYR B 510 -6.42 8.39 -14.67
CA TYR B 510 -6.21 8.86 -16.03
C TYR B 510 -5.24 7.93 -16.71
N LYS B 511 -5.55 7.53 -17.94
CA LYS B 511 -4.61 6.72 -18.68
C LYS B 511 -3.70 7.71 -19.40
N PRO B 512 -2.40 7.40 -19.51
CA PRO B 512 -1.53 8.36 -20.20
C PRO B 512 -1.83 8.40 -21.69
N GLU B 513 -1.73 9.57 -22.30
CA GLU B 513 -1.93 9.65 -23.74
C GLU B 513 -0.68 9.16 -24.43
N GLN B 514 -0.83 8.18 -25.30
CA GLN B 514 0.32 7.60 -25.98
C GLN B 514 1.02 8.60 -26.88
N MET B 515 0.21 9.37 -27.61
CA MET B 515 0.72 10.40 -28.51
C MET B 515 1.73 9.78 -29.48
N GLY B 516 2.85 10.46 -29.68
CA GLY B 516 3.96 9.90 -30.45
C GLY B 516 3.54 9.43 -31.83
N LYS B 517 4.08 8.30 -32.25
CA LYS B 517 3.71 7.72 -33.53
C LYS B 517 3.99 6.21 -33.61
N ASP B 518 3.23 5.53 -34.48
CA ASP B 518 3.40 4.12 -34.84
C ASP B 518 2.04 3.50 -35.15
N GLY B 519 2.03 2.20 -35.49
CA GLY B 519 3.22 1.47 -35.90
C GLY B 519 2.90 0.53 -37.04
N ARG B 520 3.73 0.49 -38.07
CA ARG B 520 4.82 1.43 -38.26
C ARG B 520 4.50 2.45 -39.34
N GLY B 521 4.71 3.72 -39.01
CA GLY B 521 4.43 4.80 -39.94
C GLY B 521 3.04 5.35 -39.69
N VAL B 523 -0.11 7.05 -37.34
CA VAL B 523 -0.49 7.96 -36.26
C VAL B 523 -1.70 7.41 -35.51
N PRO B 524 -1.59 7.34 -34.17
CA PRO B 524 -2.67 6.84 -33.32
C PRO B 524 -3.96 7.60 -33.47
N ALA B 525 -5.05 6.87 -33.64
CA ALA B 525 -6.37 7.47 -33.69
C ALA B 525 -7.04 7.21 -32.37
N THR B 526 -7.55 8.27 -31.74
CA THR B 526 -8.12 8.10 -30.41
C THR B 526 -9.55 8.56 -30.35
N ILE B 527 -10.29 7.99 -29.42
CA ILE B 527 -11.69 8.31 -29.26
C ILE B 527 -11.86 9.06 -27.95
N LYS B 528 -12.41 10.26 -28.06
CA LYS B 528 -12.67 11.09 -26.90
C LYS B 528 -14.18 11.19 -26.76
N MET B 529 -14.65 11.79 -25.68
CA MET B 529 -16.09 11.78 -25.44
C MET B 529 -16.66 13.19 -25.39
N THR B 530 -17.85 13.36 -25.96
CA THR B 530 -18.54 14.64 -25.94
C THR B 530 -20.02 14.46 -25.64
N VAL B 531 -20.72 15.57 -25.39
CA VAL B 531 -22.14 15.53 -25.07
C VAL B 531 -22.98 16.16 -26.17
N GLU B 532 -22.35 17.00 -27.00
CA GLU B 532 -23.02 17.61 -28.14
C GLU B 532 -21.98 18.03 -29.18
N GLN C 6 18.98 26.08 80.38
CA GLN C 6 19.95 26.37 79.32
C GLN C 6 20.04 27.86 79.05
N GLU C 7 20.36 28.24 77.81
CA GLU C 7 20.42 29.65 77.41
C GLU C 7 19.06 30.33 77.21
N GLU C 8 18.05 29.55 76.85
CA GLU C 8 16.70 30.08 76.64
C GLU C 8 16.23 30.74 77.93
N LEU C 9 16.47 30.04 79.04
CA LEU C 9 16.09 30.52 80.37
C LEU C 9 16.89 31.75 80.77
N LYS C 10 18.18 31.72 80.45
CA LYS C 10 19.07 32.81 80.81
C LYS C 10 18.48 34.07 80.20
N PHE C 11 18.09 33.93 78.93
CA PHE C 11 17.48 35.02 78.21
C PHE C 11 16.15 35.48 78.79
N LYS C 12 15.18 34.59 78.97
CA LYS C 12 13.89 35.06 79.47
C LYS C 12 13.93 35.64 80.88
N THR C 13 14.67 35.04 81.81
CA THR C 13 14.80 35.64 83.13
C THR C 13 15.47 37.02 83.03
N GLY C 14 16.52 37.10 82.22
CA GLY C 14 17.21 38.37 82.01
C GLY C 14 16.32 39.41 81.36
N LEU C 15 15.34 38.95 80.60
CA LEU C 15 14.36 39.81 79.93
C LEU C 15 13.31 40.31 80.92
N ARG C 16 12.90 39.41 81.81
CA ARG C 16 11.95 39.72 82.87
C ARG C 16 12.53 40.84 83.71
N ARG C 17 13.85 40.77 83.91
CA ARG C 17 14.56 41.81 84.63
C ARG C 17 14.37 43.17 83.97
N LEU C 18 14.57 43.20 82.65
CA LEU C 18 14.43 44.43 81.87
C LEU C 18 13.01 44.99 81.87
N GLN C 19 12.00 44.14 81.69
CA GLN C 19 10.60 44.59 81.71
C GLN C 19 10.17 45.07 83.11
N HIS C 20 10.65 44.38 84.14
CA HIS C 20 10.36 44.78 85.51
C HIS C 20 10.94 46.17 85.72
N ARG C 21 12.13 46.38 85.18
CA ARG C 21 12.78 47.67 85.31
C ARG C 21 12.05 48.76 84.52
N VAL C 22 11.48 48.44 83.35
CA VAL C 22 10.78 49.48 82.58
C VAL C 22 9.46 49.86 83.27
N GLY C 23 8.84 48.88 83.93
CA GLY C 23 7.69 49.17 84.77
C GLY C 23 8.14 50.15 85.85
N GLU C 24 9.29 49.84 86.45
CA GLU C 24 9.90 50.69 87.47
C GLU C 24 10.10 52.14 87.00
N ILE C 25 10.77 52.34 85.86
CA ILE C 25 10.97 53.71 85.39
C ILE C 25 9.63 54.40 85.19
N HIS C 26 8.63 53.71 84.62
CA HIS C 26 7.35 54.39 84.45
C HIS C 26 6.82 54.88 85.79
N LEU C 27 6.84 54.00 86.79
CA LEU C 27 6.34 54.40 88.11
C LEU C 27 7.09 55.58 88.71
N LEU C 28 8.40 55.58 88.60
CA LEU C 28 9.14 56.66 89.23
C LEU C 28 9.06 57.99 88.48
N ARG C 29 9.08 57.96 87.14
CA ARG C 29 8.94 59.22 86.42
C ARG C 29 7.53 59.76 86.58
N GLU C 30 6.58 58.86 86.85
CA GLU C 30 5.21 59.27 87.12
C GLU C 30 5.07 59.86 88.52
N ALA C 31 5.93 59.43 89.43
CA ALA C 31 5.94 59.97 90.78
C ALA C 31 6.41 61.43 90.81
N LEU C 32 7.33 61.75 89.88
CA LEU C 32 7.93 63.08 89.65
C LEU C 32 7.98 64.01 90.87
N GLU C 58 17.02 65.01 86.70
CA GLU C 58 17.02 64.42 88.03
C GLU C 58 17.60 63.00 87.98
N ALA C 59 18.34 62.64 89.03
CA ALA C 59 19.19 61.43 89.07
C ALA C 59 18.48 60.11 88.83
N LEU C 60 17.20 60.06 89.18
CA LEU C 60 16.37 58.89 88.91
C LEU C 60 16.61 58.44 87.47
N ALA C 61 16.33 59.33 86.53
CA ALA C 61 16.44 59.03 85.10
C ALA C 61 17.82 58.54 84.71
N MET C 62 18.85 59.06 85.38
CA MET C 62 20.21 58.59 85.13
C MET C 62 20.39 57.11 85.52
N LEU C 63 19.90 56.74 86.69
CA LEU C 63 20.13 55.35 87.07
C LEU C 63 19.15 54.40 86.40
N LEU C 64 17.94 54.84 86.17
CA LEU C 64 16.97 54.00 85.46
C LEU C 64 17.38 53.84 84.00
N GLN C 65 17.97 54.86 83.40
CA GLN C 65 18.48 54.73 82.04
C GLN C 65 19.69 53.82 81.98
N GLU C 66 20.40 53.62 83.09
CA GLU C 66 21.53 52.71 82.98
C GLU C 66 21.10 51.25 82.76
N THR C 67 19.79 51.00 82.75
CA THR C 67 19.27 49.68 82.41
C THR C 67 19.24 49.47 80.89
N THR C 68 19.33 50.57 80.14
CA THR C 68 19.53 50.47 78.70
C THR C 68 20.95 49.97 78.43
N GLY C 69 21.76 49.95 79.49
CA GLY C 69 23.02 49.24 79.46
C GLY C 69 22.85 47.73 79.47
N GLU C 70 21.95 47.23 80.31
CA GLU C 70 21.70 45.80 80.30
C GLU C 70 20.94 45.42 79.03
N LEU C 71 20.17 46.36 78.48
CA LEU C 71 19.55 46.13 77.18
C LEU C 71 20.61 46.01 76.09
N GLU C 72 21.54 46.97 76.02
CA GLU C 72 22.59 46.91 75.00
C GLU C 72 23.47 45.67 75.16
N ALA C 73 23.61 45.20 76.40
CA ALA C 73 24.33 43.97 76.66
C ALA C 73 23.58 42.81 76.00
N ALA C 74 22.29 42.74 76.33
CA ALA C 74 21.41 41.72 75.76
C ALA C 74 21.45 41.69 74.23
N LYS C 75 21.46 42.87 73.60
CA LYS C 75 21.56 42.97 72.14
C LYS C 75 22.78 42.23 71.60
N ALA C 76 23.96 42.54 72.13
CA ALA C 76 25.20 41.86 71.75
C ALA C 76 25.06 40.35 71.92
N LEU C 77 24.38 39.96 73.01
CA LEU C 77 24.17 38.54 73.28
C LEU C 77 23.36 37.85 72.16
N VAL C 78 22.21 38.41 71.85
CA VAL C 78 21.36 37.89 70.77
C VAL C 78 22.09 37.88 69.44
N LEU C 79 22.90 38.91 69.20
CA LEU C 79 23.70 38.96 67.99
C LEU C 79 24.64 37.76 67.93
N LYS C 80 25.27 37.42 69.05
CA LYS C 80 26.11 36.22 69.10
C LYS C 80 25.30 34.98 68.76
N ARG C 81 24.07 34.92 69.27
CA ARG C 81 23.22 33.76 68.99
C ARG C 81 22.93 33.66 67.49
N ILE C 82 22.68 34.80 66.85
CA ILE C 82 22.51 34.86 65.42
C ILE C 82 23.72 34.35 64.67
N GLN C 83 24.90 34.84 65.05
CA GLN C 83 26.12 34.40 64.39
C GLN C 83 26.27 32.87 64.49
N ILE C 84 25.90 32.34 65.66
CA ILE C 84 25.92 30.90 65.86
C ILE C 84 24.99 30.20 64.86
N TRP C 85 23.79 30.75 64.68
CA TRP C 85 22.84 30.16 63.72
C TRP C 85 23.38 30.22 62.30
N LYS C 86 23.97 31.35 61.95
CA LYS C 86 24.55 31.56 60.63
C LYS C 86 25.59 30.48 60.38
N ARG C 87 26.39 30.20 61.40
CA ARG C 87 27.41 29.16 61.35
C ARG C 87 26.79 27.77 61.15
N GLN C 88 25.74 27.47 61.89
CA GLN C 88 25.05 26.19 61.72
C GLN C 88 24.49 26.05 60.30
N GLN C 89 23.99 27.16 59.74
CA GLN C 89 23.47 27.15 58.38
C GLN C 89 24.59 26.83 57.40
N GLN C 90 25.76 27.39 57.67
CA GLN C 90 26.94 27.10 56.86
C GLN C 90 27.22 25.60 56.92
N LEU C 91 27.03 25.04 58.11
CA LEU C 91 27.24 23.62 58.34
C LEU C 91 26.09 22.76 57.83
N ALA C 92 24.96 23.39 57.52
CA ALA C 92 23.78 22.67 57.04
C ALA C 92 24.14 21.97 55.75
N GLY C 93 24.92 22.64 54.92
CA GLY C 93 25.52 22.01 53.76
C GLY C 93 26.45 20.96 54.33
N ASN C 94 26.61 19.85 53.61
CA ASN C 94 27.32 18.70 54.15
C ASN C 94 26.47 17.90 55.13
N GLY C 95 25.16 18.12 55.06
CA GLY C 95 24.19 17.33 55.82
C GLY C 95 24.31 17.31 57.33
N ALA C 96 24.55 18.47 57.94
CA ALA C 96 24.59 18.57 59.39
C ALA C 96 23.25 19.09 59.92
N PRO C 97 22.68 18.37 60.88
CA PRO C 97 21.37 18.71 61.42
C PRO C 97 21.22 20.22 61.62
N PHE C 98 20.02 20.73 61.37
CA PHE C 98 19.79 22.16 61.37
C PHE C 98 18.52 22.59 62.10
N GLU C 99 18.67 23.50 63.06
CA GLU C 99 17.52 24.17 63.63
C GLU C 99 17.14 25.37 62.75
N GLU C 100 16.47 25.10 61.63
CA GLU C 100 16.24 26.08 60.57
C GLU C 100 15.21 27.15 60.94
N SER C 101 14.47 26.89 62.01
CA SER C 101 13.16 27.51 62.24
C SER C 101 13.20 29.03 62.25
N LEU C 102 14.14 29.60 63.01
CA LEU C 102 14.39 31.03 63.02
C LEU C 102 13.17 31.80 63.54
N ALA C 103 12.20 31.07 64.09
CA ALA C 103 11.00 31.66 64.66
C ALA C 103 11.22 32.20 66.08
N PRO C 104 11.91 31.45 66.96
CA PRO C 104 12.06 32.01 68.30
C PRO C 104 12.98 33.23 68.34
N LEU C 105 14.02 33.24 67.51
CA LEU C 105 14.97 34.34 67.45
C LEU C 105 14.26 35.64 67.12
N GLN C 106 13.30 35.54 66.19
CA GLN C 106 12.48 36.69 65.82
C GLN C 106 11.75 37.23 67.02
N GLU C 107 11.30 36.30 67.86
CA GLU C 107 10.53 36.63 69.05
C GLU C 107 11.42 37.40 70.03
N ARG C 108 12.65 36.91 70.19
CA ARG C 108 13.64 37.56 71.05
C ARG C 108 13.87 39.01 70.59
N CYS C 109 14.11 39.16 69.29
CA CYS C 109 14.34 40.48 68.70
C CYS C 109 13.14 41.42 68.93
N GLU C 110 11.94 40.91 68.65
CA GLU C 110 10.70 41.65 68.89
C GLU C 110 10.63 42.14 70.34
N SER C 111 10.96 41.26 71.28
CA SER C 111 10.99 41.61 72.70
C SER C 111 11.92 42.79 72.96
N LEU C 112 13.13 42.69 72.43
CA LEU C 112 14.14 43.74 72.62
C LEU C 112 13.69 45.10 72.07
N VAL C 113 13.24 45.14 70.82
CA VAL C 113 12.74 46.41 70.30
C VAL C 113 11.46 46.88 70.97
N ASP C 114 10.76 45.96 71.63
CA ASP C 114 9.59 46.36 72.39
C ASP C 114 10.03 47.20 73.59
N ILE C 115 10.95 46.66 74.41
CA ILE C 115 11.39 47.47 75.55
C ILE C 115 12.15 48.71 75.08
N TYR C 116 12.86 48.62 73.96
CA TYR C 116 13.48 49.81 73.36
C TYR C 116 12.42 50.86 73.11
N SER C 117 11.34 50.45 72.48
CA SER C 117 10.27 51.37 72.12
C SER C 117 9.69 52.06 73.34
N GLN C 118 9.22 51.29 74.31
CA GLN C 118 8.58 51.93 75.47
C GLN C 118 9.57 52.78 76.29
N LEU C 119 10.83 52.35 76.35
CA LEU C 119 11.88 53.06 77.08
C LEU C 119 12.27 54.42 76.45
N GLN C 120 12.59 54.39 75.16
CA GLN C 120 12.86 55.62 74.38
C GLN C 120 11.67 56.56 74.50
N GLN C 121 10.49 55.96 74.42
CA GLN C 121 9.24 56.69 74.54
C GLN C 121 9.13 57.31 75.92
N GLU C 122 9.69 56.64 76.92
CA GLU C 122 9.66 57.12 78.29
C GLU C 122 10.53 58.36 78.41
N VAL C 123 11.68 58.33 77.74
CA VAL C 123 12.54 59.51 77.70
C VAL C 123 11.83 60.67 77.03
N GLY C 124 11.12 60.39 75.94
CA GLY C 124 10.37 61.42 75.25
C GLY C 124 9.25 62.07 76.04
N ALA C 125 8.39 61.22 76.61
CA ALA C 125 7.20 61.68 77.32
C ALA C 125 7.41 62.19 78.76
N ALA C 126 8.22 61.50 79.56
CA ALA C 126 8.32 61.84 80.97
C ALA C 126 8.83 63.27 81.19
N GLY C 127 9.90 63.63 80.48
CA GLY C 127 10.33 65.01 80.43
C GLY C 127 10.50 65.65 81.81
N GLY C 128 9.93 66.84 82.00
CA GLY C 128 9.41 67.66 80.91
C GLY C 128 10.58 68.08 80.04
N GLU C 129 11.64 68.52 80.71
CA GLU C 129 12.94 68.76 80.08
C GLU C 129 14.04 68.17 80.94
N LEU C 130 13.67 67.34 81.91
CA LEU C 130 14.57 66.94 82.98
C LEU C 130 15.80 66.18 82.49
N GLU C 131 16.96 66.54 83.04
CA GLU C 131 18.20 65.85 82.75
C GLU C 131 18.42 65.79 81.24
N PRO C 132 18.15 66.90 80.55
CA PRO C 132 18.17 66.88 79.08
C PRO C 132 19.51 66.66 78.36
N LYS C 133 20.56 67.29 78.88
CA LYS C 133 21.87 67.31 78.19
C LYS C 133 22.32 65.89 77.95
N THR C 134 22.14 65.05 78.96
CA THR C 134 22.45 63.64 78.85
C THR C 134 21.35 62.89 78.10
N ARG C 135 20.13 63.41 78.13
CA ARG C 135 18.99 62.81 77.42
C ARG C 135 19.35 62.64 75.95
N ALA C 136 20.04 63.64 75.40
CA ALA C 136 20.47 63.53 74.02
C ALA C 136 21.37 62.29 73.82
N SER C 137 22.32 62.10 74.74
CA SER C 137 23.22 60.96 74.70
C SER C 137 22.41 59.67 74.75
N LEU C 138 21.37 59.70 75.57
CA LEU C 138 20.45 58.58 75.73
C LEU C 138 19.83 58.18 74.39
N THR C 139 19.25 59.17 73.71
CA THR C 139 18.68 58.93 72.40
C THR C 139 19.76 58.33 71.50
N GLY C 140 21.00 58.81 71.67
CA GLY C 140 22.13 58.27 70.93
C GLY C 140 22.37 56.78 71.10
N ARG C 141 22.56 56.31 72.34
CA ARG C 141 22.81 54.89 72.58
C ARG C 141 21.63 54.06 72.10
N LEU C 142 20.44 54.54 72.39
CA LEU C 142 19.21 53.81 72.06
C LEU C 142 19.03 53.61 70.55
N ASP C 143 19.08 54.70 69.79
CA ASP C 143 18.94 54.61 68.34
C ASP C 143 20.10 53.79 67.76
N GLU C 144 21.23 53.81 68.46
CA GLU C 144 22.36 52.96 68.07
C GLU C 144 21.99 51.48 68.17
N VAL C 145 21.50 51.05 69.32
CA VAL C 145 21.18 49.65 69.51
C VAL C 145 20.07 49.21 68.54
N LEU C 146 19.14 50.11 68.25
CA LEU C 146 18.10 49.81 67.27
C LEU C 146 18.72 49.60 65.88
N ARG C 147 19.60 50.53 65.48
CA ARG C 147 20.27 50.46 64.20
C ARG C 147 21.02 49.15 64.02
N THR C 148 21.90 48.84 64.97
CA THR C 148 22.70 47.62 64.89
C THR C 148 21.79 46.39 64.86
N LEU C 149 20.73 46.43 65.66
CA LEU C 149 19.79 45.31 65.72
C LEU C 149 19.13 45.04 64.37
N VAL C 150 18.58 46.09 63.74
CA VAL C 150 17.91 45.90 62.47
C VAL C 150 18.89 45.55 61.34
N THR C 151 20.08 46.15 61.37
CA THR C 151 21.08 45.83 60.34
C THR C 151 21.58 44.39 60.49
N SER C 152 21.48 43.85 61.70
CA SER C 152 21.89 42.48 61.92
C SER C 152 20.73 41.50 61.86
N CYS C 153 19.52 42.03 61.75
CA CYS C 153 18.34 41.17 61.62
C CYS C 153 18.04 40.93 60.15
N PHE C 154 18.97 41.35 59.28
CA PHE C 154 18.77 41.23 57.84
C PHE C 154 19.50 39.97 57.38
N LEU C 155 18.76 38.87 57.29
CA LEU C 155 19.34 37.55 57.05
C LEU C 155 18.90 36.90 55.74
N VAL C 156 19.86 36.19 55.14
CA VAL C 156 19.60 35.28 54.03
C VAL C 156 19.12 33.95 54.59
N GLU C 157 17.83 33.67 54.46
CA GLU C 157 17.27 32.46 55.06
C GLU C 157 17.36 31.27 54.12
N LYS C 158 17.07 31.53 52.85
CA LYS C 158 17.24 30.52 51.82
C LYS C 158 18.42 30.93 50.97
N GLN C 159 19.56 30.30 51.22
CA GLN C 159 20.77 30.63 50.50
C GLN C 159 20.66 30.13 49.06
N PRO C 160 21.28 30.85 48.12
CA PRO C 160 21.39 30.35 46.74
C PRO C 160 22.30 29.12 46.66
N PRO C 161 22.25 28.39 45.55
CA PRO C 161 23.15 27.23 45.46
C PRO C 161 24.62 27.66 45.44
N GLN C 162 25.40 27.08 46.35
CA GLN C 162 26.81 27.41 46.51
C GLN C 162 27.62 27.01 45.28
N VAL C 163 27.11 26.05 44.52
CA VAL C 163 27.63 25.82 43.19
C VAL C 163 26.52 26.19 42.21
N LEU C 164 26.81 27.15 41.34
CA LEU C 164 25.77 27.88 40.61
C LEU C 164 26.11 28.00 39.15
N LYS C 165 25.19 27.53 38.31
CA LYS C 165 25.45 27.49 36.88
C LYS C 165 24.89 28.71 36.14
N THR C 166 25.63 29.19 35.14
CA THR C 166 25.21 30.31 34.32
C THR C 166 24.03 29.87 33.48
N GLN C 167 23.19 30.83 33.07
CA GLN C 167 22.02 30.56 32.24
C GLN C 167 21.14 29.50 32.87
N THR C 168 20.99 29.58 34.19
CA THR C 168 20.13 28.67 34.92
C THR C 168 19.33 29.43 35.97
N LYS C 169 18.07 29.07 36.12
CA LYS C 169 17.20 29.74 37.09
C LYS C 169 17.40 29.16 38.48
N PHE C 170 17.52 30.04 39.48
CA PHE C 170 17.73 29.61 40.85
C PHE C 170 16.93 30.50 41.78
N GLN C 171 16.90 30.14 43.06
CA GLN C 171 16.15 30.95 44.02
C GLN C 171 16.95 31.29 45.27
N ALA C 172 16.48 32.31 45.98
CA ALA C 172 17.07 32.67 47.27
C ALA C 172 16.06 33.51 48.04
N GLY C 173 16.08 33.47 49.36
CA GLY C 173 15.12 34.29 50.09
C GLY C 173 15.69 34.88 51.35
N VAL C 174 15.42 36.16 51.57
CA VAL C 174 15.88 36.81 52.77
C VAL C 174 14.73 37.07 53.73
N ARG C 175 15.08 37.27 55.00
CA ARG C 175 14.12 37.48 56.07
C ARG C 175 14.53 38.70 56.89
N PHE C 176 13.54 39.48 57.30
CA PHE C 176 13.77 40.60 58.20
C PHE C 176 12.97 40.28 59.44
N LEU C 177 13.65 40.09 60.55
CA LEU C 177 12.99 39.58 61.73
C LEU C 177 12.05 40.58 62.40
N LEU C 178 12.34 41.87 62.27
CA LEU C 178 11.56 42.91 62.94
C LEU C 178 10.53 43.51 62.00
N GLY C 179 10.32 42.85 60.87
CA GLY C 179 9.46 43.40 59.84
C GLY C 179 8.04 43.62 60.31
N LEU C 180 7.61 42.81 61.29
CA LEU C 180 6.23 42.90 61.75
C LEU C 180 6.01 44.14 62.62
N ARG C 181 7.07 44.90 62.89
CA ARG C 181 6.95 46.08 63.74
C ARG C 181 7.03 47.41 62.96
N PHE C 182 7.42 47.35 61.68
CA PHE C 182 7.52 48.54 60.84
C PHE C 182 6.59 48.45 59.64
N PRO C 186 1.60 51.16 56.99
CA PRO C 186 3.06 51.12 57.04
C PRO C 186 3.68 51.88 55.86
N ALA C 187 4.85 52.48 56.06
CA ALA C 187 5.51 53.13 54.93
C ALA C 187 5.74 52.01 53.92
N LYS C 188 5.89 52.37 52.66
CA LYS C 188 5.93 51.34 51.63
C LYS C 188 7.12 50.42 51.79
N PRO C 189 6.92 49.13 51.47
CA PRO C 189 7.97 48.13 51.59
C PRO C 189 9.17 48.52 50.78
N PRO C 190 10.36 48.30 51.36
CA PRO C 190 11.63 48.71 50.74
C PRO C 190 12.03 47.73 49.67
N LEU C 191 12.66 48.26 48.64
CA LEU C 191 13.09 47.44 47.51
C LEU C 191 14.28 46.58 47.93
N VAL C 192 14.27 45.33 47.49
CA VAL C 192 15.41 44.49 47.75
C VAL C 192 16.03 44.12 46.42
N ARG C 193 17.32 44.40 46.28
CA ARG C 193 18.03 44.11 45.05
C ARG C 193 19.16 43.10 45.29
N ALA C 194 19.38 42.22 44.32
CA ALA C 194 20.42 41.19 44.42
C ALA C 194 21.52 41.39 43.37
N ASP C 195 22.77 41.41 43.81
CA ASP C 195 23.87 41.60 42.85
C ASP C 195 25.05 40.66 43.05
N MET C 196 25.60 40.18 41.94
CA MET C 196 26.76 39.30 41.99
C MET C 196 28.06 40.02 42.35
N VAL C 197 28.64 39.62 43.48
CA VAL C 197 29.93 40.14 43.91
C VAL C 197 31.03 39.08 43.97
N THR C 198 32.26 39.52 43.77
CA THR C 198 33.45 38.69 43.90
C THR C 198 33.98 38.78 45.32
N GLU C 199 34.96 37.94 45.65
CA GLU C 199 35.60 37.94 46.96
C GLU C 199 36.24 39.29 47.28
N LYS C 200 37.03 39.78 46.31
CA LYS C 200 37.70 41.08 46.41
C LYS C 200 36.72 42.18 46.77
N GLN C 201 35.66 42.28 45.98
CA GLN C 201 34.60 43.25 46.18
C GLN C 201 33.86 43.03 47.50
N ALA C 202 33.82 41.78 47.94
CA ALA C 202 33.07 41.43 49.13
C ALA C 202 33.81 41.82 50.41
N ARG C 203 35.14 41.85 50.34
CA ARG C 203 35.97 42.31 51.45
C ARG C 203 35.62 43.72 51.92
N GLU C 204 35.16 44.53 50.98
CA GLU C 204 35.01 45.97 51.15
C GLU C 204 33.54 46.40 51.37
N LEU C 205 33.23 47.29 52.32
CA LEU C 205 34.13 48.03 53.22
C LEU C 205 35.18 48.87 52.48
N GLU C 216 33.05 46.86 35.71
CA GLU C 216 33.42 45.77 36.62
C GLU C 216 32.16 45.07 37.14
N SER C 217 31.14 45.03 36.29
CA SER C 217 29.90 44.32 36.60
C SER C 217 30.06 42.91 37.19
N THR C 218 31.13 42.22 36.79
CA THR C 218 31.40 40.82 37.17
C THR C 218 30.15 39.91 37.20
N GLY C 219 29.46 39.88 36.07
CA GLY C 219 28.33 39.00 35.84
C GLY C 219 27.04 39.60 36.36
N GLU C 220 25.99 39.51 35.56
CA GLU C 220 24.73 40.17 35.89
C GLU C 220 23.55 39.24 36.14
N ILE C 221 22.58 39.73 36.90
CA ILE C 221 21.45 38.92 37.34
C ILE C 221 20.09 39.48 36.94
N ILE C 222 19.30 38.67 36.25
CA ILE C 222 17.94 39.05 35.87
C ILE C 222 16.99 38.86 37.05
N ASN C 223 15.85 39.56 37.00
CA ASN C 223 14.80 39.43 38.01
C ASN C 223 15.30 39.62 39.44
N ASN C 224 16.22 40.55 39.64
CA ASN C 224 16.90 40.69 40.92
C ASN C 224 16.25 41.79 41.74
N THR C 225 14.99 42.08 41.45
CA THR C 225 14.27 43.10 42.17
C THR C 225 13.01 42.50 42.79
N VAL C 226 13.01 42.42 44.12
CA VAL C 226 11.85 41.91 44.83
C VAL C 226 11.53 42.76 46.07
N PRO C 227 10.23 42.98 46.34
CA PRO C 227 9.81 43.73 47.52
C PRO C 227 9.84 42.90 48.80
N LEU C 228 10.31 43.52 49.88
CA LEU C 228 10.31 42.88 51.19
C LEU C 228 8.91 42.89 51.78
N GLU C 229 8.13 41.85 51.48
CA GLU C 229 6.75 41.84 51.92
C GLU C 229 6.56 41.25 53.32
N ASN C 230 5.45 41.65 53.94
CA ASN C 230 5.18 41.35 55.34
C ASN C 230 4.00 40.38 55.45
N SER C 231 4.30 39.14 55.82
CA SER C 231 3.29 38.08 55.88
C SER C 231 2.76 37.86 57.30
N ILE C 232 1.56 38.40 57.55
CA ILE C 232 0.86 38.20 58.81
C ILE C 232 0.43 36.75 59.11
N PRO C 233 -0.11 36.00 58.12
CA PRO C 233 -0.43 34.61 58.46
C PRO C 233 0.80 33.73 58.64
N GLY C 234 1.89 34.10 58.00
CA GLY C 234 3.13 33.36 58.12
C GLY C 234 3.96 33.87 59.29
N ASN C 235 3.57 35.04 59.78
CA ASN C 235 4.27 35.72 60.88
C ASN C 235 5.73 36.00 60.54
N CYS C 236 6.00 36.32 59.27
CA CYS C 236 7.37 36.54 58.85
C CYS C 236 7.43 37.71 57.87
N CYS C 237 8.53 38.44 57.90
CA CYS C 237 8.78 39.47 56.91
C CYS C 237 9.86 38.92 56.01
N SER C 238 9.56 38.80 54.72
CA SER C 238 10.46 38.10 53.82
C SER C 238 10.40 38.59 52.39
N ALA C 239 11.47 38.30 51.65
CA ALA C 239 11.53 38.51 50.21
C ALA C 239 12.12 37.28 49.54
N LEU C 240 11.33 36.59 48.74
CA LEU C 240 11.84 35.42 48.04
C LEU C 240 12.01 35.68 46.54
N PHE C 241 13.19 35.36 46.02
CA PHE C 241 13.54 35.49 44.61
C PHE C 241 13.43 34.12 43.93
N LYS C 242 12.26 33.85 43.36
CA LYS C 242 11.93 32.56 42.74
C LYS C 242 12.47 32.39 41.32
N ASN C 243 12.80 33.51 40.68
CA ASN C 243 13.16 33.48 39.27
C ASN C 243 14.47 34.20 39.01
N LEU C 244 15.49 33.85 39.78
CA LEU C 244 16.79 34.50 39.63
C LEU C 244 17.62 33.78 38.57
N LEU C 245 18.30 34.54 37.72
CA LEU C 245 19.20 33.95 36.73
C LEU C 245 20.44 34.82 36.53
N LEU C 246 21.57 34.14 36.39
CA LEU C 246 22.86 34.75 36.10
C LEU C 246 23.13 34.57 34.62
N LYS C 247 23.20 35.69 33.91
CA LYS C 247 23.25 35.64 32.46
C LYS C 247 24.61 35.15 31.98
N LYS C 248 25.67 35.85 32.39
CA LYS C 248 27.03 35.45 32.07
C LYS C 248 27.98 35.89 33.19
N ILE C 249 29.19 35.34 33.23
CA ILE C 249 30.12 35.70 34.30
C ILE C 249 31.54 35.99 33.76
N LYS C 250 32.19 37.02 34.30
CA LYS C 250 33.59 37.34 33.97
C LYS C 250 34.50 37.02 35.15
N ARG C 251 35.55 36.23 34.92
CA ARG C 251 36.36 35.75 36.04
C ARG C 251 37.79 36.30 36.08
N CYS C 252 38.21 36.72 37.27
CA CYS C 252 39.58 37.18 37.49
C CYS C 252 40.57 36.03 37.35
N GLU C 253 41.86 36.35 37.26
CA GLU C 253 42.90 35.33 37.13
C GLU C 253 43.76 35.28 38.39
N THR C 257 48.69 31.01 38.00
CA THR C 257 48.11 30.39 39.18
C THR C 257 47.02 29.38 38.82
N GLU C 258 46.11 29.14 39.76
CA GLU C 258 44.99 28.21 39.58
C GLU C 258 43.88 28.54 40.60
N SER C 259 42.62 28.15 40.38
CA SER C 259 42.07 27.52 39.17
C SER C 259 40.64 28.06 38.96
N VAL C 260 39.91 27.58 37.94
CA VAL C 260 38.53 28.10 37.72
C VAL C 260 37.52 28.00 38.85
N THR C 261 37.39 26.78 39.34
CA THR C 261 36.36 26.40 40.29
C THR C 261 36.70 26.84 41.70
N GLU C 262 37.85 27.48 41.85
CA GLU C 262 38.26 27.92 43.16
C GLU C 262 37.90 29.37 43.43
N GLU C 263 37.36 30.03 42.41
CA GLU C 263 36.96 31.42 42.59
C GLU C 263 35.60 31.45 43.26
N LYS C 264 35.56 32.10 44.41
CA LYS C 264 34.36 32.13 45.22
C LYS C 264 33.68 33.47 45.03
N CYS C 265 32.36 33.45 44.98
CA CYS C 265 31.58 34.67 44.82
C CYS C 265 30.38 34.62 45.75
N ALA C 266 29.61 35.69 45.79
CA ALA C 266 28.37 35.71 46.58
C ALA C 266 27.35 36.67 46.00
N VAL C 267 26.10 36.57 46.44
CA VAL C 267 25.13 37.58 46.08
C VAL C 267 24.92 38.54 47.25
N LEU C 268 24.83 39.83 46.92
CA LEU C 268 24.65 40.88 47.92
C LEU C 268 23.22 41.37 47.82
N PHE C 269 22.51 41.25 48.93
CA PHE C 269 21.15 41.74 49.01
C PHE C 269 21.15 43.12 49.65
N SER C 270 20.65 44.11 48.91
CA SER C 270 20.65 45.50 49.33
C SER C 270 19.22 46.01 49.47
N ALA C 271 19.00 46.89 50.44
CA ALA C 271 17.69 47.48 50.67
C ALA C 271 17.83 48.74 51.51
N SER C 272 16.76 49.54 51.58
CA SER C 272 16.79 50.69 52.47
C SER C 272 15.41 51.15 52.93
N PHE C 273 15.33 51.52 54.20
CA PHE C 273 14.26 52.38 54.70
C PHE C 273 15.04 53.21 55.72
N THR C 274 14.80 54.50 55.92
CA THR C 274 13.66 55.38 55.55
C THR C 274 12.43 54.93 56.32
N LEU C 275 12.63 54.89 57.65
CA LEU C 275 11.58 54.70 58.65
C LEU C 275 11.70 55.81 59.69
N GLY C 276 10.56 56.41 60.03
CA GLY C 276 10.50 57.50 60.99
C GLY C 276 10.89 57.16 62.42
N PRO C 277 11.43 58.15 63.18
CA PRO C 277 11.49 59.58 62.86
C PRO C 277 12.41 59.87 61.69
N GLY C 278 12.00 60.76 60.79
CA GLY C 278 12.78 60.94 59.60
C GLY C 278 14.01 61.79 59.81
N LYS C 279 15.06 61.42 59.09
CA LYS C 279 15.00 60.27 58.22
C LYS C 279 16.03 59.26 58.68
N LEU C 280 17.29 59.70 58.65
CA LEU C 280 18.44 58.85 58.99
C LEU C 280 18.22 57.48 58.36
N PRO C 281 18.01 57.46 57.03
CA PRO C 281 17.66 56.19 56.37
C PRO C 281 18.79 55.20 56.52
N ILE C 282 18.46 53.97 56.89
CA ILE C 282 19.50 52.99 57.09
C ILE C 282 19.43 51.94 56.00
N GLN C 283 20.61 51.67 55.47
CA GLN C 283 20.79 50.73 54.38
C GLN C 283 21.06 49.34 54.93
N LEU C 284 20.27 48.39 54.47
CA LEU C 284 20.41 47.00 54.83
C LEU C 284 21.19 46.29 53.75
N GLN C 285 22.18 45.49 54.15
CA GLN C 285 22.83 44.61 53.21
C GLN C 285 23.14 43.28 53.89
N ALA C 286 22.99 42.20 53.14
CA ALA C 286 23.29 40.88 53.65
C ALA C 286 24.04 40.13 52.57
N LEU C 287 25.12 39.47 52.97
CA LEU C 287 25.90 38.69 52.03
C LEU C 287 25.53 37.23 52.19
N SER C 288 25.59 36.48 51.10
CA SER C 288 25.29 35.07 51.13
C SER C 288 26.52 34.30 51.55
N LEU C 289 26.38 32.98 51.69
CA LEU C 289 27.54 32.12 51.83
C LEU C 289 28.32 32.14 50.51
N PRO C 290 29.62 31.83 50.57
CA PRO C 290 30.39 31.82 49.32
C PRO C 290 29.88 30.79 48.32
N LEU C 291 29.88 31.15 47.05
CA LEU C 291 29.49 30.23 46.00
C LEU C 291 30.51 30.15 44.87
N VAL C 292 30.54 29.01 44.19
CA VAL C 292 31.37 28.85 43.01
C VAL C 292 30.45 28.80 41.80
N VAL C 293 30.74 29.62 40.80
CA VAL C 293 29.88 29.70 39.64
C VAL C 293 30.47 28.89 38.49
N ILE C 294 29.67 27.98 37.95
CA ILE C 294 30.14 27.08 36.91
C ILE C 294 29.38 27.31 35.62
N VAL C 295 29.92 26.79 34.53
CA VAL C 295 29.37 27.04 33.20
C VAL C 295 28.75 25.77 32.62
N HIS C 296 29.20 24.63 33.11
CA HIS C 296 28.75 23.33 32.61
C HIS C 296 28.86 22.29 33.72
N GLY C 297 28.07 21.21 33.60
CA GLY C 297 28.07 20.14 34.58
C GLY C 297 29.42 19.57 34.96
N ASN C 298 30.32 19.45 33.99
CA ASN C 298 31.61 18.80 34.22
C ASN C 298 32.52 19.47 35.24
N GLN C 299 32.23 20.71 35.62
CA GLN C 299 33.07 21.40 36.59
C GLN C 299 32.56 21.13 38.01
N ASP C 300 31.39 20.52 38.09
CA ASP C 300 30.66 20.38 39.35
C ASP C 300 31.53 19.77 40.46
N ASN C 301 32.26 18.71 40.12
CA ASN C 301 33.05 17.98 41.10
C ASN C 301 33.99 18.93 41.79
N ASN C 302 34.79 19.62 40.98
CA ASN C 302 35.82 20.48 41.55
C ASN C 302 35.17 21.58 42.36
N ALA C 303 34.06 22.09 41.85
CA ALA C 303 33.37 23.19 42.50
C ALA C 303 32.96 22.71 43.88
N LYS C 304 32.39 21.51 43.91
CA LYS C 304 31.85 20.98 45.14
C LYS C 304 32.94 20.98 46.21
N ALA C 305 34.13 20.53 45.82
CA ALA C 305 35.21 20.39 46.80
C ALA C 305 35.45 21.72 47.45
N THR C 306 35.52 22.76 46.63
CA THR C 306 35.89 24.07 47.13
C THR C 306 34.85 24.46 48.16
N ILE C 307 33.59 24.37 47.76
CA ILE C 307 32.51 24.78 48.63
C ILE C 307 32.54 23.94 49.88
N LEU C 308 32.75 22.63 49.69
CA LEU C 308 32.73 21.70 50.81
C LEU C 308 33.71 22.22 51.84
N TRP C 309 34.92 22.44 51.37
CA TRP C 309 36.02 22.81 52.25
C TRP C 309 35.60 24.03 53.05
N ASP C 310 35.12 25.04 52.34
CA ASP C 310 34.90 26.32 52.97
C ASP C 310 33.87 26.14 54.06
N ASN C 311 32.79 25.43 53.75
CA ASN C 311 31.69 25.36 54.67
C ASN C 311 32.15 24.70 55.95
N ALA C 312 33.00 23.69 55.80
CA ALA C 312 33.47 22.94 56.96
C ALA C 312 34.38 23.83 57.81
N PHE C 313 35.28 24.54 57.15
CA PHE C 313 36.41 25.14 57.84
C PHE C 313 36.40 26.66 57.89
N SER C 314 35.29 27.27 57.48
CA SER C 314 35.22 28.71 57.49
C SER C 314 35.34 29.15 58.94
N GLU C 315 36.26 30.08 59.18
CA GLU C 315 36.43 30.65 60.51
C GLU C 315 35.28 31.56 60.85
N MET C 316 34.83 31.53 62.10
CA MET C 316 33.75 32.43 62.52
C MET C 316 34.29 33.85 62.56
N ASP C 317 33.55 34.79 61.98
CA ASP C 317 33.94 36.18 61.98
C ASP C 317 35.10 36.41 61.01
N ARG C 318 35.38 35.40 60.20
CA ARG C 318 36.49 35.46 59.27
C ARG C 318 36.25 36.46 58.15
N VAL C 319 37.30 37.12 57.70
CA VAL C 319 37.20 38.06 56.60
C VAL C 319 36.87 37.25 55.35
N PRO C 320 35.91 37.74 54.54
CA PRO C 320 35.52 37.02 53.33
C PRO C 320 36.62 37.07 52.26
N PHE C 321 37.00 35.92 51.72
CA PHE C 321 36.54 34.61 52.20
C PHE C 321 37.72 33.71 52.51
N VAL C 322 38.45 34.03 53.58
CA VAL C 322 39.66 33.28 53.90
C VAL C 322 39.29 32.00 54.68
N VAL C 323 40.00 30.92 54.38
CA VAL C 323 39.83 29.66 55.09
C VAL C 323 41.20 28.98 55.16
N ALA C 324 41.39 28.07 56.11
CA ALA C 324 42.69 27.43 56.32
C ALA C 324 43.20 26.67 55.09
N GLU C 325 44.52 26.50 55.03
CA GLU C 325 45.16 25.74 53.95
C GLU C 325 45.21 24.26 54.31
N ARG C 326 45.39 23.97 55.59
CA ARG C 326 45.41 22.59 56.07
C ARG C 326 44.67 22.41 57.38
N VAL C 327 44.21 21.18 57.63
CA VAL C 327 43.38 20.87 58.79
C VAL C 327 43.73 19.52 59.41
N PRO C 328 43.31 19.29 60.68
CA PRO C 328 43.51 17.97 61.29
C PRO C 328 42.78 16.89 60.48
N TRP C 329 43.44 15.75 60.26
CA TRP C 329 42.86 14.67 59.46
C TRP C 329 41.57 14.10 60.03
N GLU C 330 41.47 14.05 61.36
CA GLU C 330 40.28 13.53 62.03
C GLU C 330 39.02 14.35 61.70
N LYS C 331 39.14 15.67 61.73
CA LYS C 331 38.01 16.54 61.41
C LYS C 331 37.62 16.36 59.95
N MET C 332 38.63 16.10 59.12
CA MET C 332 38.39 15.84 57.71
C MET C 332 37.59 14.55 57.56
N CYS C 333 37.88 13.56 58.38
CA CYS C 333 37.12 12.31 58.37
C CYS C 333 35.69 12.54 58.79
N GLU C 334 35.50 13.34 59.84
CA GLU C 334 34.16 13.69 60.30
C GLU C 334 33.33 14.33 59.19
N THR C 335 33.88 15.35 58.55
CA THR C 335 33.19 16.04 57.46
C THR C 335 32.87 15.07 56.32
N LEU C 336 33.85 14.26 55.94
CA LEU C 336 33.67 13.26 54.89
C LEU C 336 32.50 12.33 55.20
N ASN C 337 32.43 11.86 56.45
CA ASN C 337 31.33 10.99 56.86
C ASN C 337 29.99 11.71 56.76
N LEU C 338 29.92 12.90 57.35
CA LEU C 338 28.71 13.73 57.27
C LEU C 338 28.20 13.90 55.84
N LYS C 339 29.08 14.35 54.94
CA LYS C 339 28.68 14.57 53.56
C LYS C 339 28.26 13.25 52.90
N PHE C 340 28.97 12.17 53.23
CA PHE C 340 28.65 10.88 52.64
C PHE C 340 27.21 10.46 52.98
N MET C 341 26.90 10.41 54.27
CA MET C 341 25.56 10.02 54.71
C MET C 341 24.51 10.99 54.20
N ALA C 342 24.89 12.26 54.10
CA ALA C 342 23.95 13.30 53.67
C ALA C 342 23.54 13.14 52.21
N GLU C 343 24.52 12.92 51.34
CA GLU C 343 24.23 12.80 49.90
C GLU C 343 23.75 11.41 49.48
N VAL C 344 24.31 10.36 50.07
CA VAL C 344 23.85 9.01 49.72
C VAL C 344 22.42 8.84 50.18
N GLY C 345 22.11 9.37 51.37
CA GLY C 345 20.79 9.24 51.94
C GLY C 345 20.73 8.01 52.82
N THR C 346 21.70 7.90 53.72
CA THR C 346 21.81 6.72 54.58
C THR C 346 22.02 7.16 56.02
N ASN C 347 21.49 6.37 56.95
CA ASN C 347 21.57 6.66 58.36
C ASN C 347 22.88 6.22 59.02
N ARG C 348 23.59 5.28 58.39
CA ARG C 348 24.87 4.80 58.89
C ARG C 348 25.96 4.91 57.81
N GLY C 349 27.10 5.51 58.17
CA GLY C 349 28.16 5.75 57.21
C GLY C 349 29.47 5.01 57.47
N LEU C 350 30.58 5.72 57.27
CA LEU C 350 31.90 5.10 57.16
C LEU C 350 32.43 4.54 58.49
N LEU C 351 33.26 3.50 58.38
CA LEU C 351 33.83 2.80 59.54
C LEU C 351 35.33 3.12 59.68
N PRO C 352 35.93 2.80 60.85
CA PRO C 352 37.38 2.96 61.08
C PRO C 352 38.27 2.45 59.96
N GLU C 353 38.09 1.19 59.55
CA GLU C 353 38.88 0.61 58.48
C GLU C 353 38.76 1.41 57.19
N HIS C 354 37.56 1.93 56.92
CA HIS C 354 37.34 2.79 55.76
C HIS C 354 38.22 4.04 55.85
N PHE C 355 38.10 4.78 56.95
CA PHE C 355 38.90 5.99 57.18
C PHE C 355 40.40 5.70 57.04
N LEU C 356 40.81 4.54 57.56
CA LEU C 356 42.17 4.07 57.40
C LEU C 356 42.56 3.95 55.93
N PHE C 357 41.75 3.23 55.16
CA PHE C 357 41.96 3.05 53.72
C PHE C 357 42.05 4.38 52.97
N LEU C 358 41.21 5.31 53.38
CA LEU C 358 41.16 6.64 52.78
C LEU C 358 42.44 7.41 53.10
N ALA C 359 42.89 7.30 54.35
CA ALA C 359 44.13 7.93 54.78
C ALA C 359 45.31 7.37 53.97
N GLN C 360 45.33 6.05 53.85
CA GLN C 360 46.35 5.37 53.06
C GLN C 360 46.36 5.89 51.62
N LYS C 361 45.18 5.99 51.00
CA LYS C 361 45.08 6.49 49.64
C LYS C 361 45.59 7.93 49.51
N ILE C 362 45.05 8.84 50.32
CA ILE C 362 45.35 10.27 50.17
C ILE C 362 46.78 10.64 50.58
N PHE C 363 47.35 9.89 51.51
CA PHE C 363 48.68 10.22 52.04
C PHE C 363 49.78 9.44 51.31
N ASN C 364 49.36 8.50 50.47
CA ASN C 364 50.26 7.57 49.78
C ASN C 364 51.04 6.70 50.76
N ASP C 365 50.51 6.53 51.96
CA ASP C 365 51.20 5.77 52.98
C ASP C 365 50.72 4.31 53.03
N ASN C 366 51.66 3.40 53.25
CA ASN C 366 51.35 1.97 53.31
C ASN C 366 51.22 1.47 54.74
N SER C 367 51.21 2.39 55.70
CA SER C 367 51.15 2.08 57.12
C SER C 367 49.84 1.34 57.46
N LEU C 368 49.81 0.66 58.60
CA LEU C 368 48.69 -0.24 58.91
C LEU C 368 47.93 0.07 60.21
N SER C 369 48.36 1.09 60.96
CA SER C 369 47.70 1.38 62.22
C SER C 369 46.84 2.64 62.15
N MET C 370 45.59 2.53 62.58
CA MET C 370 44.67 3.66 62.58
C MET C 370 45.12 4.79 63.50
N GLU C 371 46.10 4.52 64.35
CA GLU C 371 46.55 5.49 65.33
C GLU C 371 47.67 6.34 64.77
N ALA C 372 48.32 5.84 63.73
CA ALA C 372 49.41 6.54 63.09
C ALA C 372 48.97 7.83 62.42
N PHE C 373 47.89 7.74 61.65
CA PHE C 373 47.40 8.86 60.85
C PHE C 373 46.62 9.90 61.68
N GLN C 374 46.21 9.50 62.89
CA GLN C 374 45.18 10.23 63.65
C GLN C 374 45.55 11.67 63.94
N HIS C 375 46.80 11.91 64.31
CA HIS C 375 47.27 13.27 64.56
C HIS C 375 47.95 13.87 63.34
N ARG C 376 47.47 13.53 62.15
CA ARG C 376 48.09 14.08 60.95
C ARG C 376 47.22 15.21 60.41
N SER C 377 47.86 16.10 59.65
CA SER C 377 47.15 17.19 59.03
C SER C 377 47.18 17.00 57.52
N VAL C 378 46.18 17.57 56.86
CA VAL C 378 46.03 17.40 55.42
C VAL C 378 45.79 18.75 54.77
N SER C 379 46.47 18.99 53.64
CA SER C 379 46.39 20.26 52.95
C SER C 379 45.30 20.23 51.89
N TRP C 380 44.95 21.41 51.40
CA TRP C 380 43.94 21.55 50.36
C TRP C 380 44.47 20.99 49.05
N SER C 381 45.76 21.20 48.81
CA SER C 381 46.41 20.72 47.61
C SER C 381 46.37 19.19 47.55
N GLN C 382 46.59 18.54 48.69
CA GLN C 382 46.53 17.09 48.78
C GLN C 382 45.09 16.67 48.51
N PHE C 383 44.17 17.41 49.10
CA PHE C 383 42.76 17.07 49.01
C PHE C 383 42.26 17.08 47.57
N ASN C 384 42.45 18.19 46.86
CA ASN C 384 41.89 18.32 45.53
C ASN C 384 42.78 18.85 44.40
N LYS C 385 43.96 19.35 44.76
CA LYS C 385 44.85 19.96 43.78
C LYS C 385 45.99 19.07 43.33
N GLU C 386 46.08 17.87 43.88
CA GLU C 386 47.20 16.99 43.56
C GLU C 386 46.77 15.65 42.99
N ILE C 387 47.36 15.30 41.84
CA ILE C 387 47.18 13.98 41.26
C ILE C 387 47.92 12.98 42.13
N LEU C 388 47.36 11.77 42.27
CA LEU C 388 48.02 10.77 43.10
C LEU C 388 48.49 9.56 42.30
N LEU C 389 49.77 9.25 42.43
CA LEU C 389 50.34 8.04 41.86
C LEU C 389 50.10 7.89 40.35
N GLY C 390 49.63 6.71 39.98
CA GLY C 390 49.39 6.35 38.59
C GLY C 390 48.07 6.83 38.03
N ARG C 391 47.24 7.43 38.87
CA ARG C 391 45.92 7.87 38.42
C ARG C 391 46.00 9.29 37.85
N GLY C 392 44.96 9.67 37.12
CA GLY C 392 44.89 10.97 36.48
C GLY C 392 44.03 11.98 37.23
N PHE C 393 43.63 11.66 38.45
CA PHE C 393 42.64 12.46 39.14
C PHE C 393 43.01 12.66 40.61
N THR C 394 42.36 13.62 41.23
CA THR C 394 42.65 13.94 42.63
C THR C 394 41.93 12.98 43.57
N PHE C 395 42.27 13.07 44.84
CA PHE C 395 41.60 12.31 45.87
C PHE C 395 40.11 12.62 45.88
N TRP C 396 39.79 13.91 45.96
CA TRP C 396 38.40 14.35 45.95
C TRP C 396 37.61 13.87 44.74
N GLN C 397 38.17 13.96 43.54
CA GLN C 397 37.45 13.51 42.33
C GLN C 397 37.08 12.03 42.45
N TRP C 398 37.98 11.25 43.02
CA TRP C 398 37.72 9.83 43.21
C TRP C 398 36.58 9.67 44.21
N PHE C 399 36.70 10.37 45.33
CA PHE C 399 35.76 10.19 46.42
C PHE C 399 34.34 10.59 46.03
N ASP C 400 34.19 11.75 45.41
CA ASP C 400 32.90 12.19 44.91
C ASP C 400 32.43 11.26 43.79
N GLY C 401 33.37 10.69 43.04
CA GLY C 401 33.03 9.65 42.07
C GLY C 401 32.24 8.52 42.72
N VAL C 402 32.80 7.95 43.79
CA VAL C 402 32.12 6.86 44.47
C VAL C 402 30.84 7.39 45.15
N LEU C 403 30.87 8.65 45.60
CA LEU C 403 29.68 9.30 46.16
C LEU C 403 28.53 9.25 45.16
N ASP C 404 28.78 9.70 43.93
CA ASP C 404 27.74 9.70 42.90
C ASP C 404 27.29 8.29 42.57
N LEU C 405 28.26 7.39 42.40
CA LEU C 405 27.91 6.01 42.08
C LEU C 405 26.93 5.46 43.14
N THR C 406 27.26 5.68 44.41
CA THR C 406 26.49 5.10 45.52
C THR C 406 25.11 5.76 45.65
N LYS C 407 25.07 7.09 45.59
CA LYS C 407 23.82 7.83 45.62
C LYS C 407 22.87 7.33 44.55
N ARG C 408 23.37 7.31 43.31
CA ARG C 408 22.60 6.92 42.14
C ARG C 408 22.10 5.49 42.17
N CYS C 409 22.98 4.54 42.51
CA CYS C 409 22.63 3.13 42.30
C CYS C 409 22.79 2.20 43.49
N LEU C 410 23.38 2.65 44.59
CA LEU C 410 23.80 1.73 45.64
C LEU C 410 23.28 2.02 47.04
N ARG C 411 22.46 3.07 47.18
CA ARG C 411 21.92 3.49 48.48
C ARG C 411 21.28 2.30 49.20
N SER C 412 20.49 1.55 48.45
CA SER C 412 19.81 0.37 48.96
C SER C 412 20.82 -0.68 49.43
N TYR C 413 21.79 -0.97 48.58
CA TYR C 413 22.79 -2.00 48.87
C TYR C 413 23.71 -1.59 50.01
N TRP C 414 24.08 -0.31 50.03
CA TRP C 414 24.98 0.19 51.08
C TRP C 414 24.30 0.22 52.43
N SER C 415 23.07 0.74 52.46
CA SER C 415 22.32 0.83 53.71
C SER C 415 22.14 -0.56 54.31
N ASP C 416 22.07 -1.56 53.42
CA ASP C 416 21.96 -2.96 53.82
C ASP C 416 23.31 -3.59 54.19
N ARG C 417 24.37 -2.78 54.11
CA ARG C 417 25.72 -3.21 54.48
C ARG C 417 26.19 -4.50 53.79
N LEU C 418 26.08 -4.52 52.46
CA LEU C 418 26.53 -5.67 51.67
C LEU C 418 27.83 -5.32 50.96
N ILE C 419 28.25 -4.08 51.09
CA ILE C 419 29.43 -3.55 50.43
C ILE C 419 30.57 -3.18 51.39
N ILE C 420 31.76 -3.72 51.16
CA ILE C 420 32.94 -3.29 51.90
C ILE C 420 33.17 -1.82 51.57
N GLY C 421 32.96 -1.48 50.31
CA GLY C 421 33.10 -0.12 49.81
C GLY C 421 34.53 0.36 49.66
N PHE C 422 35.28 0.37 50.76
CA PHE C 422 36.67 0.78 50.68
C PHE C 422 37.62 -0.31 51.17
N ILE C 423 38.51 -0.74 50.28
CA ILE C 423 39.54 -1.71 50.64
C ILE C 423 40.68 -1.67 49.63
N SER C 424 41.83 -2.19 50.02
CA SER C 424 42.92 -2.40 49.06
C SER C 424 42.92 -3.83 48.53
N LYS C 425 43.38 -4.00 47.28
CA LYS C 425 43.48 -5.32 46.67
C LYS C 425 44.27 -6.27 47.55
N GLN C 426 45.27 -5.69 48.21
CA GLN C 426 46.11 -6.38 49.17
C GLN C 426 45.27 -7.05 50.25
N TYR C 427 44.47 -6.24 50.92
CA TYR C 427 43.73 -6.69 52.07
C TYR C 427 42.60 -7.66 51.67
N VAL C 428 42.08 -7.51 50.44
CA VAL C 428 41.04 -8.41 49.97
C VAL C 428 41.66 -9.76 49.64
N THR C 429 42.88 -9.75 49.12
CA THR C 429 43.58 -10.99 48.83
C THR C 429 43.88 -11.73 50.11
N SER C 430 44.39 -11.01 51.11
CA SER C 430 44.65 -11.61 52.41
C SER C 430 43.37 -12.19 52.99
N LEU C 431 42.28 -11.44 52.88
CA LEU C 431 41.00 -11.85 53.43
C LEU C 431 40.35 -13.06 52.72
N LEU C 432 40.55 -13.20 51.41
CA LEU C 432 39.82 -14.21 50.65
C LEU C 432 40.56 -15.51 50.39
N LEU C 433 41.88 -15.50 50.50
CA LEU C 433 42.68 -16.67 50.22
C LEU C 433 42.35 -17.80 51.20
N ASN C 434 42.15 -17.42 52.47
CA ASN C 434 41.81 -18.37 53.52
C ASN C 434 40.38 -18.88 53.44
N GLU C 435 39.56 -18.23 52.62
CA GLU C 435 38.13 -18.52 52.56
C GLU C 435 37.80 -19.63 51.56
N PRO C 436 36.64 -20.28 51.73
CA PRO C 436 36.30 -21.42 50.87
C PRO C 436 35.95 -21.04 49.44
N ASP C 437 35.78 -22.06 48.60
CA ASP C 437 35.46 -21.89 47.19
C ASP C 437 34.09 -21.25 47.10
N GLY C 438 34.02 -20.13 46.39
CA GLY C 438 32.74 -19.46 46.23
C GLY C 438 32.49 -18.23 47.08
N THR C 439 33.53 -17.74 47.78
CA THR C 439 33.41 -16.53 48.60
C THR C 439 33.78 -15.26 47.83
N PHE C 440 32.95 -14.22 47.92
CA PHE C 440 33.22 -12.98 47.19
C PHE C 440 32.90 -11.72 48.01
N LEU C 441 33.36 -10.57 47.51
CA LEU C 441 33.07 -9.28 48.14
C LEU C 441 33.04 -8.14 47.13
N LEU C 442 32.43 -7.03 47.53
CA LEU C 442 32.32 -5.83 46.69
C LEU C 442 33.22 -4.69 47.17
N ARG C 443 34.02 -4.14 46.27
CA ARG C 443 34.88 -3.02 46.62
C ARG C 443 34.85 -1.93 45.55
N PHE C 444 35.05 -0.68 45.95
CA PHE C 444 35.10 0.41 44.99
C PHE C 444 36.39 0.35 44.18
N SER C 445 36.26 0.58 42.87
CA SER C 445 37.42 0.60 41.99
C SER C 445 38.34 1.75 42.37
N ASP C 446 39.63 1.46 42.52
CA ASP C 446 40.60 2.48 42.88
C ASP C 446 41.18 3.15 41.63
N SER C 447 41.07 2.46 40.51
CA SER C 447 41.67 2.92 39.26
C SER C 447 40.70 3.80 38.46
N GLU C 448 39.42 3.48 38.55
CA GLU C 448 38.39 4.25 37.85
C GLU C 448 37.61 5.17 38.81
N ILE C 449 37.23 6.34 38.32
CA ILE C 449 36.30 7.20 39.06
C ILE C 449 34.85 6.73 38.89
N GLY C 450 34.22 6.40 40.00
CA GLY C 450 32.83 5.99 39.99
C GLY C 450 32.61 4.62 39.41
N GLY C 451 33.28 3.63 39.99
CA GLY C 451 33.14 2.26 39.55
C GLY C 451 33.22 1.33 40.74
N ILE C 452 32.49 0.21 40.67
CA ILE C 452 32.50 -0.77 41.75
C ILE C 452 32.73 -2.14 41.14
N THR C 453 33.55 -2.95 41.82
CA THR C 453 34.02 -4.21 41.26
C THR C 453 33.90 -5.37 42.26
N ILE C 454 33.65 -6.55 41.69
CA ILE C 454 33.49 -7.81 42.40
C ILE C 454 34.81 -8.58 42.51
N ALA C 455 35.13 -9.04 43.71
CA ALA C 455 36.30 -9.91 43.90
C ALA C 455 35.91 -11.27 44.46
N HIS C 456 36.30 -12.35 43.80
CA HIS C 456 35.95 -13.67 44.33
C HIS C 456 37.10 -14.68 44.33
N VAL C 457 36.90 -15.75 45.11
CA VAL C 457 37.94 -16.76 45.30
C VAL C 457 37.60 -18.11 44.63
N ILE C 458 37.97 -18.20 43.35
CA ILE C 458 37.73 -19.35 42.49
C ILE C 458 38.86 -19.64 41.46
N ARG C 459 39.29 -20.89 41.25
CA ARG C 459 38.96 -22.11 41.98
C ARG C 459 40.18 -22.27 42.88
N GLY C 460 40.06 -22.87 44.05
CA GLY C 460 38.94 -23.72 44.43
C GLY C 460 39.37 -25.17 44.32
N GLY C 463 43.79 -28.13 42.78
CA GLY C 463 44.25 -26.83 42.32
C GLY C 463 44.31 -25.79 43.42
N SER C 464 45.37 -24.98 43.40
CA SER C 464 45.53 -23.91 44.38
C SER C 464 44.53 -22.79 44.13
N PRO C 465 43.95 -22.21 45.19
CA PRO C 465 43.00 -21.09 45.09
C PRO C 465 43.61 -19.87 44.38
N GLN C 466 42.88 -19.26 43.44
CA GLN C 466 43.42 -18.09 42.76
C GLN C 466 42.37 -16.98 42.62
N ILE C 467 42.73 -15.72 42.86
CA ILE C 467 41.77 -14.61 42.96
C ILE C 467 41.38 -13.82 41.71
N GLU C 468 40.09 -13.56 41.50
CA GLU C 468 39.72 -12.64 40.41
C GLU C 468 38.91 -11.40 40.74
N ASN C 469 39.20 -10.34 39.98
CA ASN C 469 38.51 -9.05 40.06
C ASN C 469 37.81 -8.73 38.73
N ILE C 470 36.49 -8.77 38.73
CA ILE C 470 35.70 -8.45 37.54
C ILE C 470 35.83 -6.96 37.21
N GLN C 471 35.84 -6.61 35.93
CA GLN C 471 35.92 -5.20 35.50
C GLN C 471 34.84 -4.39 36.19
N PRO C 472 35.17 -3.16 36.65
CA PRO C 472 34.23 -2.38 37.46
C PRO C 472 32.97 -1.99 36.72
N PHE C 473 31.86 -1.86 37.46
CA PHE C 473 30.61 -1.43 36.88
C PHE C 473 30.44 0.06 37.11
N SER C 474 30.14 0.80 36.04
CA SER C 474 29.83 2.22 36.17
C SER C 474 28.36 2.38 36.45
N ALA C 475 27.94 3.61 36.73
CA ALA C 475 26.53 3.91 36.95
C ALA C 475 25.68 3.50 35.75
N LYS C 476 26.24 3.69 34.55
CA LYS C 476 25.59 3.28 33.31
C LYS C 476 25.40 1.77 33.25
N ASP C 477 26.46 1.04 33.60
CA ASP C 477 26.45 -0.42 33.62
C ASP C 477 25.33 -0.93 34.52
N LEU C 478 25.12 -0.22 35.61
CA LEU C 478 24.15 -0.62 36.62
C LEU C 478 22.74 -0.18 36.20
N SER C 479 22.66 0.89 35.42
CA SER C 479 21.40 1.32 34.83
C SER C 479 20.91 0.30 33.82
N ILE C 480 21.83 -0.30 33.07
CA ILE C 480 21.49 -1.31 32.09
C ILE C 480 20.98 -2.60 32.74
N ARG C 481 21.66 -3.03 33.79
CA ARG C 481 21.22 -4.18 34.58
C ARG C 481 21.70 -4.02 36.01
N SER C 482 20.76 -4.14 36.96
CA SER C 482 21.03 -3.80 38.34
C SER C 482 22.14 -4.68 38.93
N LEU C 483 22.84 -4.16 39.92
CA LEU C 483 23.91 -4.89 40.59
C LEU C 483 23.41 -6.24 41.09
N GLY C 484 22.28 -6.23 41.78
CA GLY C 484 21.63 -7.45 42.25
C GLY C 484 21.45 -8.47 41.15
N ASP C 485 20.88 -8.04 40.04
CA ASP C 485 20.61 -8.91 38.90
C ASP C 485 21.91 -9.49 38.34
N ARG C 486 22.89 -8.60 38.16
CA ARG C 486 24.21 -9.00 37.68
C ARG C 486 24.83 -10.07 38.56
N ILE C 487 24.68 -9.90 39.87
CA ILE C 487 25.20 -10.84 40.85
C ILE C 487 24.46 -12.18 40.73
N ARG C 488 23.15 -12.10 40.55
CA ARG C 488 22.33 -13.28 40.33
C ARG C 488 22.80 -14.12 39.14
N ASP C 489 23.11 -13.43 38.05
CA ASP C 489 23.54 -14.07 36.81
C ASP C 489 24.73 -15.01 37.00
N LEU C 490 25.69 -14.58 37.80
CA LEU C 490 26.92 -15.32 38.04
C LEU C 490 26.72 -16.52 38.97
N ALA C 491 26.89 -17.72 38.44
CA ALA C 491 26.67 -18.95 39.20
C ALA C 491 27.80 -19.23 40.19
N GLN C 492 29.02 -18.84 39.85
CA GLN C 492 30.19 -19.16 40.66
C GLN C 492 30.18 -18.41 42.00
N LEU C 493 29.48 -17.28 42.05
CA LEU C 493 29.40 -16.50 43.28
C LEU C 493 28.43 -17.17 44.25
N LYS C 494 28.98 -17.71 45.34
CA LYS C 494 28.17 -18.49 46.29
C LYS C 494 27.94 -17.73 47.58
N ASN C 495 29.02 -17.18 48.16
CA ASN C 495 28.93 -16.49 49.44
C ASN C 495 29.52 -15.09 49.45
N LEU C 496 28.75 -14.17 50.01
CA LEU C 496 29.23 -12.81 50.25
C LEU C 496 30.11 -12.89 51.49
N TYR C 497 31.32 -12.34 51.42
CA TYR C 497 32.22 -12.44 52.55
C TYR C 497 31.65 -11.80 53.83
N PRO C 498 31.63 -12.57 54.94
CA PRO C 498 31.88 -14.00 54.82
C PRO C 498 30.75 -14.80 55.46
N LYS C 499 30.69 -16.10 55.16
CA LYS C 499 29.71 -17.04 55.72
C LYS C 499 28.25 -16.70 55.39
N LYS C 500 28.02 -15.63 54.64
CA LYS C 500 26.67 -15.29 54.20
C LYS C 500 26.42 -15.75 52.77
N PRO C 501 25.29 -16.43 52.53
CA PRO C 501 24.92 -16.93 51.20
C PRO C 501 24.29 -15.87 50.30
N LYS C 502 24.63 -15.87 49.01
CA LYS C 502 24.26 -14.78 48.11
C LYS C 502 22.74 -14.65 47.97
N ASP C 503 22.04 -15.79 47.89
CA ASP C 503 20.60 -15.78 47.69
C ASP C 503 19.90 -15.11 48.86
N GLU C 504 20.39 -15.37 50.07
CA GLU C 504 19.82 -14.79 51.28
C GLU C 504 20.01 -13.29 51.34
N ALA C 505 21.20 -12.85 50.94
CA ALA C 505 21.59 -11.44 51.05
C ALA C 505 20.90 -10.53 50.04
N PHE C 506 20.78 -11.00 48.80
CA PHE C 506 20.31 -10.15 47.72
C PHE C 506 18.88 -10.44 47.26
N ARG C 507 18.10 -11.17 48.08
CA ARG C 507 16.74 -11.55 47.69
C ARG C 507 15.91 -10.34 47.28
N SER C 508 15.96 -9.30 48.09
CA SER C 508 15.13 -8.11 47.90
C SER C 508 15.61 -7.20 46.76
N HIS C 509 16.84 -7.40 46.30
CA HIS C 509 17.39 -6.53 45.28
C HIS C 509 17.23 -7.20 43.92
N TYR C 510 16.81 -8.46 43.95
CA TYR C 510 16.50 -9.18 42.75
C TYR C 510 15.21 -8.61 42.16
N LYS C 511 15.21 -8.33 40.86
CA LYS C 511 14.00 -7.91 40.18
C LYS C 511 13.24 -9.14 39.68
N PRO C 512 11.90 -9.15 39.84
CA PRO C 512 11.16 -10.29 39.32
C PRO C 512 11.07 -10.23 37.80
N GLU C 513 11.28 -11.36 37.12
CA GLU C 513 11.28 -11.36 35.67
C GLU C 513 10.11 -12.17 35.11
N GLN C 514 9.47 -11.64 34.07
CA GLN C 514 8.45 -12.39 33.35
C GLN C 514 9.02 -12.64 31.94
N MET C 515 9.31 -13.89 31.52
CA MET C 515 8.95 -15.21 32.07
C MET C 515 7.46 -15.46 31.79
N GLY C 516 6.90 -14.61 30.94
CA GLY C 516 5.54 -14.71 30.45
C GLY C 516 5.63 -14.34 28.99
N LYS C 517 4.54 -14.46 28.23
CA LYS C 517 4.55 -14.05 26.83
C LYS C 517 3.55 -12.91 26.58
N ASP C 518 4.09 -11.71 26.39
CA ASP C 518 3.28 -10.52 26.13
C ASP C 518 4.19 -9.35 25.75
N GLY C 519 3.69 -8.41 24.95
CA GLY C 519 2.42 -8.57 24.26
C GLY C 519 2.15 -7.58 23.14
N ARG C 520 1.40 -8.03 22.14
CA ARG C 520 0.92 -9.41 22.12
C ARG C 520 1.66 -10.23 21.08
N GLY C 521 2.12 -11.41 21.49
CA GLY C 521 2.86 -12.30 20.63
C GLY C 521 4.36 -12.16 20.86
N VAL C 523 7.51 -12.43 22.95
CA VAL C 523 8.23 -13.02 24.08
C VAL C 523 9.32 -12.05 24.52
N PRO C 524 9.36 -11.76 25.82
CA PRO C 524 10.35 -10.86 26.42
C PRO C 524 11.78 -11.31 26.13
N ALA C 525 12.61 -10.37 25.72
CA ALA C 525 14.02 -10.64 25.53
C ALA C 525 14.77 -10.04 26.70
N THR C 526 15.60 -10.84 27.35
CA THR C 526 16.25 -10.37 28.56
C THR C 526 17.76 -10.46 28.39
N ILE C 527 18.47 -9.64 29.16
CA ILE C 527 19.91 -9.59 29.07
C ILE C 527 20.57 -10.11 30.35
N LYS C 528 21.41 -11.12 30.22
CA LYS C 528 22.18 -11.62 31.34
C LYS C 528 23.66 -11.36 31.11
N MET C 529 24.44 -11.66 32.14
CA MET C 529 25.85 -11.39 32.18
C MET C 529 26.75 -12.62 32.38
N THR C 530 27.87 -12.66 31.66
CA THR C 530 28.86 -13.72 31.86
C THR C 530 30.29 -13.16 31.81
N VAL C 531 31.27 -13.99 32.19
CA VAL C 531 32.67 -13.59 32.18
C VAL C 531 33.55 -14.39 31.21
N GLU C 532 33.09 -15.56 30.82
CA GLU C 532 33.83 -16.43 29.91
C GLU C 532 32.91 -17.40 29.16
N GLN D 6 -29.10 -22.78 -78.06
CA GLN D 6 -29.20 -23.85 -77.07
C GLN D 6 -28.96 -25.26 -77.59
N GLU D 7 -28.38 -26.08 -76.72
CA GLU D 7 -28.20 -27.52 -76.93
C GLU D 7 -29.44 -28.35 -76.55
N GLU D 8 -30.26 -27.79 -75.68
CA GLU D 8 -31.39 -28.50 -75.07
C GLU D 8 -32.47 -29.10 -76.01
N LEU D 9 -32.89 -28.40 -77.06
CA LEU D 9 -33.95 -28.90 -77.97
C LEU D 9 -33.56 -30.09 -78.86
N LYS D 10 -32.32 -30.07 -79.37
CA LYS D 10 -31.79 -31.09 -80.26
C LYS D 10 -32.05 -32.45 -79.61
N PHE D 11 -31.90 -32.44 -78.29
CA PHE D 11 -32.17 -33.59 -77.46
C PHE D 11 -33.56 -34.15 -77.62
N LYS D 12 -34.60 -33.33 -77.46
CA LYS D 12 -35.95 -33.86 -77.56
C LYS D 12 -36.21 -34.35 -78.96
N THR D 13 -35.74 -33.65 -79.99
CA THR D 13 -35.96 -34.20 -81.34
C THR D 13 -35.34 -35.61 -81.42
N GLY D 14 -34.15 -35.74 -80.85
CA GLY D 14 -33.48 -37.02 -80.80
C GLY D 14 -34.30 -38.03 -80.02
N LEU D 15 -35.10 -37.56 -79.07
CA LEU D 15 -35.99 -38.39 -78.25
C LEU D 15 -37.20 -38.84 -79.06
N ARG D 16 -37.66 -37.92 -79.90
CA ARG D 16 -38.79 -38.12 -80.79
C ARG D 16 -38.47 -39.31 -81.66
N ARG D 17 -37.22 -39.37 -82.10
CA ARG D 17 -36.77 -40.51 -82.89
C ARG D 17 -36.97 -41.83 -82.15
N LEU D 18 -36.55 -41.87 -80.89
CA LEU D 18 -36.70 -43.07 -80.08
C LEU D 18 -38.17 -43.45 -79.86
N GLN D 19 -39.04 -42.46 -79.65
CA GLN D 19 -40.46 -42.76 -79.46
C GLN D 19 -41.06 -43.36 -80.74
N HIS D 20 -40.68 -42.80 -81.89
CA HIS D 20 -41.10 -43.34 -83.18
C HIS D 20 -40.58 -44.75 -83.36
N ARG D 21 -39.36 -44.95 -82.86
CA ARG D 21 -38.66 -46.20 -82.99
C ARG D 21 -39.39 -47.30 -82.24
N VAL D 22 -39.79 -46.98 -81.00
CA VAL D 22 -40.48 -47.93 -80.14
C VAL D 22 -41.88 -48.23 -80.65
N GLY D 23 -42.52 -47.21 -81.22
CA GLY D 23 -43.81 -47.43 -81.85
C GLY D 23 -43.72 -48.43 -82.99
N GLU D 24 -42.72 -48.20 -83.83
CA GLU D 24 -42.45 -49.07 -84.96
C GLU D 24 -42.25 -50.52 -84.53
N ILE D 25 -41.31 -50.74 -83.61
CA ILE D 25 -41.04 -52.12 -83.16
C ILE D 25 -42.29 -52.75 -82.54
N HIS D 26 -43.05 -52.00 -81.74
CA HIS D 26 -44.28 -52.57 -81.19
C HIS D 26 -45.23 -53.03 -82.28
N LEU D 27 -45.44 -52.15 -83.24
CA LEU D 27 -46.37 -52.41 -84.33
C LEU D 27 -45.93 -53.69 -85.05
N LEU D 28 -44.63 -53.84 -85.20
CA LEU D 28 -44.09 -54.98 -85.92
C LEU D 28 -44.18 -56.31 -85.19
N ARG D 29 -43.89 -56.27 -83.89
CA ARG D 29 -43.99 -57.45 -83.06
C ARG D 29 -45.46 -57.83 -82.90
N GLU D 30 -46.33 -56.87 -83.17
CA GLU D 30 -47.75 -57.13 -83.17
C GLU D 30 -48.18 -57.87 -84.43
N ALA D 31 -47.87 -57.29 -85.59
CA ALA D 31 -48.27 -57.92 -86.84
C ALA D 31 -47.61 -59.28 -87.10
N LEU D 32 -46.33 -59.45 -86.73
CA LEU D 32 -45.70 -60.77 -86.85
C LEU D 32 -46.58 -61.88 -86.29
N GLN D 33 -47.05 -61.65 -85.07
CA GLN D 33 -47.76 -62.65 -84.28
C GLN D 33 -48.99 -63.20 -84.99
N GLU D 58 -38.29 -61.57 -89.32
CA GLU D 58 -37.44 -61.57 -88.14
C GLU D 58 -35.98 -61.32 -88.52
N ALA D 59 -35.73 -61.18 -89.82
CA ALA D 59 -34.38 -61.02 -90.34
C ALA D 59 -33.82 -59.76 -89.71
N LEU D 60 -34.67 -58.74 -89.73
CA LEU D 60 -34.39 -57.43 -89.17
C LEU D 60 -35.52 -57.08 -88.23
N ALA D 61 -35.21 -56.20 -87.28
CA ALA D 61 -36.03 -55.87 -86.12
C ALA D 61 -35.61 -56.75 -84.94
N MET D 62 -34.90 -57.82 -85.27
CA MET D 62 -33.83 -58.36 -84.47
C MET D 62 -32.82 -57.24 -84.57
N LEU D 63 -32.75 -56.69 -85.77
CA LEU D 63 -31.94 -55.50 -86.08
C LEU D 63 -32.55 -54.19 -85.57
N LEU D 64 -33.87 -54.13 -85.41
CA LEU D 64 -34.50 -52.95 -84.83
C LEU D 64 -34.12 -52.84 -83.36
N GLN D 65 -33.79 -53.98 -82.76
CA GLN D 65 -33.28 -53.97 -81.40
C GLN D 65 -31.87 -53.35 -81.35
N GLU D 66 -31.21 -53.25 -82.48
CA GLU D 66 -29.90 -52.59 -82.55
C GLU D 66 -30.07 -51.07 -82.37
N THR D 67 -31.32 -50.62 -82.35
CA THR D 67 -31.66 -49.22 -82.07
C THR D 67 -31.57 -48.91 -80.57
N THR D 68 -31.49 -49.93 -79.73
CA THR D 68 -31.23 -49.68 -78.32
C THR D 68 -29.82 -49.15 -78.11
N GLY D 69 -28.99 -49.26 -79.15
CA GLY D 69 -27.70 -48.61 -79.12
C GLY D 69 -27.90 -47.11 -79.13
N GLU D 70 -28.91 -46.67 -79.88
CA GLU D 70 -29.22 -45.25 -79.92
C GLU D 70 -29.67 -44.86 -78.53
N LEU D 71 -30.41 -45.76 -77.87
CA LEU D 71 -30.79 -45.48 -76.50
C LEU D 71 -29.57 -45.33 -75.63
N GLU D 72 -28.67 -46.32 -75.69
CA GLU D 72 -27.49 -46.26 -74.85
C GLU D 72 -26.65 -45.05 -75.21
N ALA D 73 -26.76 -44.58 -76.46
CA ALA D 73 -26.05 -43.36 -76.81
C ALA D 73 -26.62 -42.17 -76.03
N ALA D 74 -27.93 -41.97 -76.15
CA ALA D 74 -28.60 -40.84 -75.49
C ALA D 74 -28.30 -40.83 -74.00
N LYS D 75 -28.40 -42.01 -73.40
CA LYS D 75 -28.08 -42.20 -72.00
C LYS D 75 -26.72 -41.64 -71.63
N ALA D 76 -25.69 -42.05 -72.37
CA ALA D 76 -24.35 -41.57 -72.12
C ALA D 76 -24.32 -40.05 -72.14
N LEU D 77 -25.04 -39.47 -73.10
CA LEU D 77 -25.08 -38.02 -73.24
C LEU D 77 -25.64 -37.43 -71.96
N VAL D 78 -26.77 -37.95 -71.51
CA VAL D 78 -27.38 -37.47 -70.28
C VAL D 78 -26.41 -37.61 -69.11
N LEU D 79 -25.67 -38.71 -69.07
CA LEU D 79 -24.69 -38.88 -67.99
C LEU D 79 -23.65 -37.77 -68.00
N LYS D 80 -23.13 -37.46 -69.19
CA LYS D 80 -22.16 -36.39 -69.30
C LYS D 80 -22.80 -35.10 -68.82
N ARG D 81 -24.07 -34.93 -69.19
CA ARG D 81 -24.79 -33.72 -68.85
C ARG D 81 -24.85 -33.62 -67.32
N ILE D 82 -25.08 -34.76 -66.66
CA ILE D 82 -25.05 -34.81 -65.21
C ILE D 82 -23.70 -34.35 -64.67
N GLN D 83 -22.63 -34.86 -65.26
CA GLN D 83 -21.29 -34.45 -64.85
C GLN D 83 -21.15 -32.95 -64.90
N ILE D 84 -21.68 -32.34 -65.97
CA ILE D 84 -21.58 -30.90 -66.15
C ILE D 84 -22.24 -30.21 -64.96
N TRP D 85 -23.42 -30.68 -64.56
CA TRP D 85 -24.07 -30.06 -63.42
C TRP D 85 -23.26 -30.18 -62.17
N LYS D 86 -22.70 -31.35 -61.95
CA LYS D 86 -21.90 -31.58 -60.76
C LYS D 86 -20.76 -30.56 -60.72
N ARG D 87 -20.16 -30.31 -61.88
CA ARG D 87 -19.07 -29.34 -61.95
C ARG D 87 -19.59 -27.96 -61.57
N GLN D 88 -20.75 -27.61 -62.10
CA GLN D 88 -21.40 -26.34 -61.78
C GLN D 88 -21.65 -26.25 -60.28
N GLN D 89 -22.01 -27.37 -59.67
CA GLN D 89 -22.20 -27.38 -58.23
C GLN D 89 -20.92 -27.11 -57.47
N GLN D 90 -19.83 -27.69 -57.94
CA GLN D 90 -18.53 -27.52 -57.30
C GLN D 90 -18.16 -26.04 -57.29
N LEU D 91 -18.47 -25.37 -58.40
CA LEU D 91 -18.19 -23.95 -58.55
C LEU D 91 -19.21 -23.06 -57.83
N ALA D 92 -20.35 -23.62 -57.42
CA ALA D 92 -21.32 -22.83 -56.67
C ALA D 92 -20.69 -22.41 -55.36
N GLY D 93 -19.97 -23.34 -54.75
CA GLY D 93 -19.10 -23.03 -53.64
C GLY D 93 -18.06 -22.17 -54.33
N ASN D 94 -17.73 -21.01 -53.77
CA ASN D 94 -17.04 -19.98 -54.55
C ASN D 94 -18.00 -19.10 -55.36
N GLY D 95 -19.30 -19.26 -55.11
CA GLY D 95 -20.32 -18.36 -55.63
C GLY D 95 -20.52 -18.07 -57.11
N ALA D 96 -20.53 -19.09 -57.95
CA ALA D 96 -20.75 -18.89 -59.39
C ALA D 96 -22.20 -19.19 -59.82
N PRO D 97 -22.81 -18.27 -60.58
CA PRO D 97 -24.21 -18.41 -60.98
C PRO D 97 -24.53 -19.88 -61.20
N PHE D 98 -25.73 -20.29 -60.82
CA PHE D 98 -26.05 -21.70 -60.87
C PHE D 98 -27.48 -21.93 -61.38
N GLU D 99 -27.59 -22.78 -62.40
CA GLU D 99 -28.89 -23.26 -62.79
C GLU D 99 -29.15 -24.42 -61.84
N GLU D 100 -29.51 -24.08 -60.61
CA GLU D 100 -29.48 -25.00 -59.49
C GLU D 100 -30.59 -26.05 -59.58
N SER D 101 -31.56 -25.80 -60.43
CA SER D 101 -32.87 -26.39 -60.30
C SER D 101 -32.85 -27.93 -60.24
N LEU D 102 -32.09 -28.55 -61.14
CA LEU D 102 -31.92 -30.01 -61.18
C LEU D 102 -33.24 -30.74 -61.41
N ALA D 103 -34.29 -30.00 -61.75
CA ALA D 103 -35.59 -30.59 -61.99
C ALA D 103 -35.73 -31.24 -63.39
N PRO D 104 -35.26 -30.57 -64.47
CA PRO D 104 -35.45 -31.18 -65.80
C PRO D 104 -34.64 -32.46 -66.06
N LEU D 105 -33.43 -32.55 -65.50
CA LEU D 105 -32.59 -33.73 -65.69
C LEU D 105 -33.37 -34.97 -65.25
N GLN D 106 -34.15 -34.79 -64.19
CA GLN D 106 -35.03 -35.83 -63.68
C GLN D 106 -35.99 -36.27 -64.77
N GLU D 107 -36.51 -35.32 -65.53
CA GLU D 107 -37.45 -35.63 -66.60
C GLU D 107 -36.76 -36.38 -67.74
N ARG D 108 -35.56 -35.93 -68.08
CA ARG D 108 -34.76 -36.60 -69.11
C ARG D 108 -34.55 -38.08 -68.74
N CYS D 109 -34.09 -38.31 -67.52
CA CYS D 109 -33.83 -39.65 -67.02
C CYS D 109 -35.10 -40.51 -66.99
N GLU D 110 -36.19 -39.97 -66.44
CA GLU D 110 -37.47 -40.66 -66.42
C GLU D 110 -37.90 -41.10 -67.82
N SER D 111 -37.75 -40.20 -68.80
CA SER D 111 -38.05 -40.51 -70.20
C SER D 111 -37.24 -41.73 -70.69
N LEU D 112 -35.94 -41.69 -70.40
CA LEU D 112 -35.04 -42.77 -70.80
C LEU D 112 -35.46 -44.11 -70.18
N VAL D 113 -35.73 -44.12 -68.88
CA VAL D 113 -36.17 -45.35 -68.21
C VAL D 113 -37.54 -45.79 -68.74
N ASP D 114 -38.29 -44.83 -69.29
CA ASP D 114 -39.58 -45.17 -69.88
C ASP D 114 -39.39 -46.02 -71.13
N ILE D 115 -38.61 -45.52 -72.07
CA ILE D 115 -38.38 -46.31 -73.28
C ILE D 115 -37.59 -47.59 -72.98
N TYR D 116 -36.74 -47.58 -71.95
CA TYR D 116 -36.13 -48.82 -71.49
C TYR D 116 -37.24 -49.81 -71.17
N SER D 117 -38.22 -49.34 -70.41
CA SER D 117 -39.35 -50.16 -69.98
C SER D 117 -40.07 -50.77 -71.19
N GLN D 118 -40.50 -49.94 -72.13
CA GLN D 118 -41.21 -50.47 -73.29
C GLN D 118 -40.34 -51.41 -74.12
N LEU D 119 -39.04 -51.16 -74.19
CA LEU D 119 -38.15 -52.06 -74.92
C LEU D 119 -38.04 -53.43 -74.29
N GLN D 120 -37.71 -53.48 -73.00
CA GLN D 120 -37.60 -54.74 -72.27
C GLN D 120 -38.92 -55.50 -72.39
N GLN D 121 -40.04 -54.75 -72.31
CA GLN D 121 -41.36 -55.34 -72.45
C GLN D 121 -41.65 -55.93 -73.83
N GLU D 122 -41.16 -55.26 -74.87
CA GLU D 122 -41.36 -55.74 -76.23
C GLU D 122 -40.52 -56.99 -76.45
N VAL D 123 -39.32 -57.00 -75.87
CA VAL D 123 -38.47 -58.17 -75.86
C VAL D 123 -39.20 -59.30 -75.14
N GLY D 124 -39.95 -58.94 -74.11
CA GLY D 124 -40.69 -59.90 -73.32
C GLY D 124 -41.66 -60.70 -74.17
N ALA D 125 -42.48 -60.04 -74.97
CA ALA D 125 -43.33 -60.78 -75.89
C ALA D 125 -42.47 -61.17 -77.07
N ALA D 126 -42.99 -62.02 -77.95
CA ALA D 126 -42.19 -62.50 -79.08
C ALA D 126 -40.83 -62.98 -78.58
N GLY D 127 -40.78 -64.03 -77.78
CA GLY D 127 -41.90 -64.95 -77.67
C GLY D 127 -41.83 -65.83 -78.90
N GLY D 128 -40.61 -66.03 -79.41
CA GLY D 128 -40.41 -66.99 -80.48
C GLY D 128 -40.43 -66.45 -81.89
N GLU D 129 -40.81 -65.18 -82.04
CA GLU D 129 -40.82 -64.50 -83.33
C GLU D 129 -39.54 -63.72 -83.60
N LEU D 130 -38.57 -63.96 -82.74
CA LEU D 130 -37.29 -63.26 -82.75
C LEU D 130 -36.25 -64.24 -82.19
N GLU D 131 -35.03 -64.20 -82.71
CA GLU D 131 -34.02 -65.21 -82.36
C GLU D 131 -33.53 -65.24 -80.89
N PRO D 132 -33.65 -66.40 -80.22
CA PRO D 132 -33.35 -66.62 -78.79
C PRO D 132 -31.90 -66.35 -78.34
N LYS D 133 -30.89 -66.62 -79.16
CA LYS D 133 -29.50 -66.38 -78.75
C LYS D 133 -29.27 -64.91 -78.40
N THR D 134 -29.89 -64.04 -79.19
CA THR D 134 -29.81 -62.59 -79.01
C THR D 134 -30.51 -62.12 -77.73
N ARG D 135 -31.36 -62.96 -77.15
CA ARG D 135 -32.08 -62.63 -75.92
C ARG D 135 -31.11 -62.22 -74.82
N ALA D 136 -30.03 -62.99 -74.71
CA ALA D 136 -28.98 -62.72 -73.75
C ALA D 136 -28.29 -61.39 -74.03
N SER D 137 -27.93 -61.15 -75.29
CA SER D 137 -27.25 -59.91 -75.65
C SER D 137 -28.11 -58.67 -75.38
N LEU D 138 -29.36 -58.72 -75.81
CA LEU D 138 -30.30 -57.61 -75.62
C LEU D 138 -30.58 -57.32 -74.15
N THR D 139 -31.03 -58.35 -73.42
CA THR D 139 -31.32 -58.19 -72.00
C THR D 139 -30.06 -57.72 -71.28
N GLY D 140 -28.91 -58.22 -71.74
CA GLY D 140 -27.64 -57.79 -71.21
C GLY D 140 -27.38 -56.30 -71.34
N ARG D 141 -27.45 -55.76 -72.55
CA ARG D 141 -27.22 -54.33 -72.70
C ARG D 141 -28.25 -53.53 -71.92
N LEU D 142 -29.49 -53.97 -71.98
CA LEU D 142 -30.59 -53.24 -71.35
C LEU D 142 -30.45 -53.16 -69.83
N ASP D 143 -30.28 -54.30 -69.15
CA ASP D 143 -30.11 -54.24 -67.70
C ASP D 143 -28.82 -53.51 -67.37
N GLU D 144 -27.86 -53.55 -68.29
CA GLU D 144 -26.63 -52.78 -68.12
C GLU D 144 -26.92 -51.28 -68.06
N VAL D 145 -27.63 -50.75 -69.06
CA VAL D 145 -27.94 -49.33 -69.09
C VAL D 145 -28.84 -48.93 -67.92
N LEU D 146 -29.72 -49.84 -67.50
CA LEU D 146 -30.56 -49.57 -66.33
C LEU D 146 -29.66 -49.42 -65.11
N ARG D 147 -28.74 -50.37 -64.96
CA ARG D 147 -27.78 -50.39 -63.86
C ARG D 147 -27.01 -49.11 -63.74
N THR D 148 -26.33 -48.75 -64.83
CA THR D 148 -25.50 -47.56 -64.86
C THR D 148 -26.33 -46.30 -64.62
N LEU D 149 -27.52 -46.24 -65.23
CA LEU D 149 -28.38 -45.09 -65.08
C LEU D 149 -28.78 -44.85 -63.63
N VAL D 150 -29.26 -45.90 -62.97
CA VAL D 150 -29.70 -45.74 -61.58
C VAL D 150 -28.51 -45.51 -60.65
N THR D 151 -27.38 -46.16 -60.90
CA THR D 151 -26.21 -45.93 -60.05
C THR D 151 -25.70 -44.50 -60.22
N SER D 152 -25.98 -43.88 -61.36
CA SER D 152 -25.58 -42.49 -61.60
C SER D 152 -26.70 -41.47 -61.35
N CYS D 153 -27.91 -41.93 -61.06
CA CYS D 153 -29.02 -41.03 -60.79
C CYS D 153 -29.08 -40.72 -59.29
N PHE D 154 -28.04 -41.12 -58.57
CA PHE D 154 -27.94 -40.99 -57.13
C PHE D 154 -27.06 -39.79 -56.76
N LEU D 155 -27.67 -38.64 -56.52
CA LEU D 155 -26.93 -37.39 -56.38
C LEU D 155 -27.00 -36.74 -55.00
N VAL D 156 -25.91 -36.11 -54.57
CA VAL D 156 -25.94 -35.24 -53.40
C VAL D 156 -26.45 -33.87 -53.85
N GLU D 157 -27.68 -33.54 -53.49
CA GLU D 157 -28.28 -32.29 -53.97
C GLU D 157 -27.97 -31.15 -53.03
N LYS D 158 -28.05 -31.39 -51.74
CA LYS D 158 -27.67 -30.37 -50.79
C LYS D 158 -26.37 -30.84 -50.15
N GLN D 159 -25.26 -30.26 -50.58
CA GLN D 159 -23.97 -30.69 -50.06
C GLN D 159 -23.82 -30.27 -48.61
N PRO D 160 -23.09 -31.06 -47.82
CA PRO D 160 -22.72 -30.65 -46.47
C PRO D 160 -21.75 -29.48 -46.50
N PRO D 161 -21.56 -28.78 -45.37
CA PRO D 161 -20.60 -27.67 -45.40
C PRO D 161 -19.17 -28.13 -45.69
N GLN D 162 -18.56 -27.54 -46.71
CA GLN D 162 -17.22 -27.92 -47.14
C GLN D 162 -16.17 -27.59 -46.07
N VAL D 163 -16.46 -26.61 -45.21
CA VAL D 163 -15.66 -26.47 -44.01
C VAL D 163 -16.56 -26.75 -42.82
N LEU D 164 -16.17 -27.73 -42.01
CA LEU D 164 -17.10 -28.38 -41.09
C LEU D 164 -16.51 -28.50 -39.70
N LYS D 165 -17.22 -27.95 -38.71
CA LYS D 165 -16.72 -27.94 -37.35
C LYS D 165 -17.27 -29.14 -36.58
N THR D 166 -16.44 -29.70 -35.71
CA THR D 166 -16.84 -30.83 -34.88
C THR D 166 -17.85 -30.33 -33.86
N GLN D 167 -18.71 -31.24 -33.40
CA GLN D 167 -19.72 -30.93 -32.40
C GLN D 167 -20.60 -29.75 -32.81
N THR D 168 -20.95 -29.69 -34.09
CA THR D 168 -21.88 -28.70 -34.60
C THR D 168 -22.83 -29.38 -35.58
N LYS D 169 -24.11 -29.03 -35.53
CA LYS D 169 -25.08 -29.72 -36.36
C LYS D 169 -25.13 -29.15 -37.76
N PHE D 170 -25.24 -30.05 -38.73
CA PHE D 170 -25.26 -29.68 -40.14
C PHE D 170 -26.23 -30.55 -40.93
N GLN D 171 -26.42 -30.21 -42.19
CA GLN D 171 -27.34 -30.97 -43.03
C GLN D 171 -26.70 -31.37 -44.35
N ALA D 172 -27.32 -32.35 -45.01
CA ALA D 172 -26.96 -32.78 -46.34
C ALA D 172 -28.19 -33.48 -46.88
N GLY D 173 -28.38 -33.45 -48.18
CA GLY D 173 -29.52 -34.16 -48.75
C GLY D 173 -29.17 -34.76 -50.07
N VAL D 174 -29.57 -36.01 -50.26
CA VAL D 174 -29.33 -36.67 -51.53
C VAL D 174 -30.64 -36.80 -52.28
N ARG D 175 -30.52 -36.97 -53.60
CA ARG D 175 -31.67 -37.04 -54.48
C ARG D 175 -31.52 -38.25 -55.39
N PHE D 176 -32.62 -38.96 -55.64
CA PHE D 176 -32.63 -40.06 -56.60
C PHE D 176 -33.65 -39.71 -57.67
N LEU D 177 -33.14 -39.55 -58.88
CA LEU D 177 -33.94 -39.02 -59.98
C LEU D 177 -34.96 -40.05 -60.46
N LEU D 178 -34.65 -41.32 -60.31
CA LEU D 178 -35.51 -42.39 -60.81
C LEU D 178 -36.40 -42.97 -59.70
N GLY D 179 -36.47 -42.27 -58.57
CA GLY D 179 -37.27 -42.71 -57.45
C GLY D 179 -38.75 -42.65 -57.78
N LEU D 180 -39.08 -41.71 -58.65
CA LEU D 180 -40.47 -41.42 -59.01
C LEU D 180 -41.10 -42.45 -59.93
N ARG D 181 -40.30 -43.42 -60.39
CA ARG D 181 -40.80 -44.45 -61.30
C ARG D 181 -40.93 -45.77 -60.55
N PHE D 182 -40.43 -45.80 -59.31
CA PHE D 182 -40.47 -47.01 -58.49
C PHE D 182 -41.34 -46.73 -57.26
N PRO D 186 -45.48 -50.09 -53.11
CA PRO D 186 -44.06 -50.03 -53.45
C PRO D 186 -43.22 -50.79 -52.43
N ALA D 187 -42.11 -51.37 -52.87
CA ALA D 187 -41.23 -52.11 -51.98
C ALA D 187 -40.74 -51.16 -50.90
N LYS D 188 -40.25 -51.70 -49.79
CA LYS D 188 -39.89 -50.86 -48.66
C LYS D 188 -38.77 -49.92 -49.09
N PRO D 189 -38.84 -48.66 -48.65
CA PRO D 189 -37.84 -47.67 -49.03
C PRO D 189 -36.46 -48.01 -48.48
N PRO D 190 -35.41 -47.79 -49.29
CA PRO D 190 -34.09 -48.15 -48.79
C PRO D 190 -33.63 -47.06 -47.85
N LEU D 191 -32.60 -47.34 -47.06
CA LEU D 191 -32.13 -46.37 -46.09
C LEU D 191 -30.72 -45.91 -46.41
N VAL D 192 -30.54 -44.60 -46.51
CA VAL D 192 -29.24 -44.02 -46.79
C VAL D 192 -28.50 -43.74 -45.48
N ARG D 193 -27.25 -44.18 -45.46
CA ARG D 193 -26.36 -43.98 -44.35
C ARG D 193 -25.23 -43.05 -44.78
N ALA D 194 -24.80 -42.20 -43.86
CA ALA D 194 -23.72 -41.26 -44.15
C ALA D 194 -22.51 -41.62 -43.29
N ASP D 195 -21.34 -41.76 -43.93
CA ASP D 195 -20.15 -42.17 -43.18
C ASP D 195 -18.94 -41.29 -43.51
N MET D 196 -18.17 -40.92 -42.50
CA MET D 196 -16.98 -40.12 -42.76
C MET D 196 -15.89 -40.94 -43.41
N VAL D 197 -15.51 -40.55 -44.62
CA VAL D 197 -14.37 -41.17 -45.27
C VAL D 197 -13.26 -40.15 -45.47
N THR D 198 -12.02 -40.64 -45.47
CA THR D 198 -10.86 -39.81 -45.74
C THR D 198 -10.53 -39.85 -47.21
N GLU D 199 -9.60 -38.99 -47.64
CA GLU D 199 -9.15 -38.98 -49.03
C GLU D 199 -8.62 -40.36 -49.40
N LYS D 200 -7.76 -40.89 -48.53
CA LYS D 200 -7.22 -42.23 -48.67
C LYS D 200 -8.33 -43.27 -48.82
N GLN D 201 -9.26 -43.29 -47.87
CA GLN D 201 -10.38 -44.23 -47.94
C GLN D 201 -11.26 -43.99 -49.15
N ALA D 202 -11.31 -42.74 -49.62
CA ALA D 202 -12.20 -42.37 -50.71
C ALA D 202 -11.65 -42.80 -52.07
N ARG D 203 -10.32 -42.90 -52.19
CA ARG D 203 -9.71 -43.38 -53.43
C ARG D 203 -10.23 -44.75 -53.86
N GLU D 204 -10.63 -45.56 -52.87
CA GLU D 204 -10.99 -46.94 -53.10
C GLU D 204 -12.50 -47.16 -53.02
N LEU D 205 -13.15 -47.85 -53.97
CA LEU D 205 -12.60 -48.50 -55.17
C LEU D 205 -11.53 -49.55 -54.87
N GLU D 216 -11.06 -47.30 -36.76
CA GLU D 216 -11.23 -47.52 -38.19
C GLU D 216 -12.27 -46.55 -38.75
N SER D 217 -13.22 -46.18 -37.91
CA SER D 217 -14.27 -45.21 -38.23
C SER D 217 -13.84 -43.82 -38.71
N THR D 218 -12.64 -43.39 -38.31
CA THR D 218 -12.14 -42.01 -38.54
C THR D 218 -13.17 -40.95 -38.11
N GLY D 219 -14.00 -41.31 -37.13
CA GLY D 219 -14.92 -40.37 -36.54
C GLY D 219 -16.32 -40.88 -36.80
N GLU D 220 -17.21 -40.76 -35.82
CA GLU D 220 -18.54 -41.32 -35.98
C GLU D 220 -19.50 -40.16 -36.18
N ILE D 221 -20.57 -40.38 -36.93
CA ILE D 221 -21.52 -39.32 -37.22
C ILE D 221 -22.88 -39.76 -36.72
N ILE D 222 -23.46 -38.94 -35.87
CA ILE D 222 -24.75 -39.25 -35.29
C ILE D 222 -25.88 -39.00 -36.27
N ASN D 223 -27.02 -39.67 -36.06
CA ASN D 223 -28.22 -39.50 -36.88
C ASN D 223 -27.98 -39.65 -38.38
N ASN D 224 -27.17 -40.63 -38.76
CA ASN D 224 -26.75 -40.79 -40.16
C ASN D 224 -27.59 -41.86 -40.84
N THR D 225 -28.81 -42.06 -40.35
CA THR D 225 -29.71 -43.05 -40.93
C THR D 225 -31.00 -42.36 -41.35
N VAL D 226 -31.23 -42.28 -42.67
CA VAL D 226 -32.46 -41.66 -43.16
C VAL D 226 -33.06 -42.47 -44.30
N PRO D 227 -34.40 -42.60 -44.33
CA PRO D 227 -35.00 -43.34 -45.45
C PRO D 227 -35.06 -42.51 -46.73
N LEU D 228 -34.77 -43.14 -47.87
CA LEU D 228 -34.87 -42.45 -49.16
C LEU D 228 -36.34 -42.32 -49.52
N GLU D 229 -36.96 -41.21 -49.10
CA GLU D 229 -38.41 -41.06 -49.24
C GLU D 229 -38.86 -40.44 -50.55
N ASN D 230 -40.11 -40.75 -50.89
CA ASN D 230 -40.71 -40.38 -52.17
C ASN D 230 -41.84 -39.36 -52.04
N SER D 231 -41.58 -38.14 -52.49
CA SER D 231 -42.55 -37.06 -52.38
C SER D 231 -43.31 -36.82 -53.69
N ILE D 232 -44.55 -37.31 -53.72
CA ILE D 232 -45.45 -37.05 -54.85
C ILE D 232 -45.79 -35.56 -55.04
N PRO D 233 -46.08 -34.81 -53.94
CA PRO D 233 -46.34 -33.38 -54.16
C PRO D 233 -45.09 -32.58 -54.50
N GLY D 234 -43.92 -33.06 -54.07
CA GLY D 234 -42.68 -32.37 -54.36
C GLY D 234 -42.15 -32.85 -55.69
N ASN D 235 -42.74 -33.93 -56.18
CA ASN D 235 -42.37 -34.55 -57.44
C ASN D 235 -40.90 -34.97 -57.43
N CYS D 236 -40.42 -35.40 -56.26
CA CYS D 236 -39.00 -35.72 -56.07
C CYS D 236 -38.77 -36.93 -55.17
N CYS D 237 -37.69 -37.66 -55.42
CA CYS D 237 -37.26 -38.70 -54.49
C CYS D 237 -35.99 -38.23 -53.79
N SER D 238 -36.03 -38.13 -52.47
CA SER D 238 -34.92 -37.55 -51.74
C SER D 238 -34.78 -38.04 -50.30
N ALA D 239 -33.59 -37.84 -49.75
CA ALA D 239 -33.33 -38.09 -48.34
C ALA D 239 -32.58 -36.90 -47.75
N LEU D 240 -33.21 -36.18 -46.83
CA LEU D 240 -32.56 -35.04 -46.21
C LEU D 240 -32.19 -35.37 -44.76
N PHE D 241 -30.95 -35.10 -44.38
CA PHE D 241 -30.48 -35.33 -43.02
C PHE D 241 -30.49 -33.99 -42.30
N LYS D 242 -31.60 -33.65 -41.65
CA LYS D 242 -31.75 -32.31 -41.10
C LYS D 242 -30.91 -32.16 -39.83
N ASN D 243 -30.54 -33.29 -39.24
CA ASN D 243 -29.82 -33.31 -37.99
C ASN D 243 -28.61 -34.24 -38.08
N LEU D 244 -27.45 -33.65 -38.31
CA LEU D 244 -26.22 -34.43 -38.40
C LEU D 244 -25.19 -33.80 -37.50
N LEU D 245 -24.44 -34.66 -36.82
CA LEU D 245 -23.43 -34.19 -35.91
C LEU D 245 -22.18 -35.06 -36.00
N LEU D 246 -21.02 -34.42 -35.98
CA LEU D 246 -19.75 -35.16 -35.96
C LEU D 246 -19.19 -35.10 -34.54
N LYS D 247 -19.14 -36.27 -33.90
CA LYS D 247 -18.75 -36.39 -32.49
C LYS D 247 -17.25 -36.28 -32.24
N LYS D 248 -16.46 -37.04 -32.99
CA LYS D 248 -15.02 -37.05 -32.84
C LYS D 248 -14.34 -36.97 -34.20
N ILE D 249 -13.05 -36.64 -34.19
CA ILE D 249 -12.29 -36.54 -35.44
C ILE D 249 -10.88 -37.16 -35.40
N LYS D 250 -10.56 -37.94 -36.43
CA LYS D 250 -9.24 -38.55 -36.60
C LYS D 250 -8.47 -38.05 -37.83
N ARG D 251 -7.24 -37.59 -37.62
CA ARG D 251 -6.43 -36.94 -38.67
C ARG D 251 -5.17 -37.73 -39.07
N CYS D 252 -4.92 -37.86 -40.37
CA CYS D 252 -3.68 -38.46 -40.85
C CYS D 252 -2.46 -37.56 -40.56
N GLU D 253 -1.26 -38.07 -40.79
CA GLU D 253 -0.03 -37.33 -40.50
C GLU D 253 0.59 -36.79 -41.79
N THR D 257 3.71 -29.72 -41.86
CA THR D 257 3.53 -29.59 -43.30
C THR D 257 2.06 -29.70 -43.69
N GLU D 258 1.41 -30.77 -43.29
CA GLU D 258 0.01 -30.98 -43.66
C GLU D 258 -0.85 -29.88 -43.06
N SER D 259 -0.57 -29.54 -41.80
CA SER D 259 -1.24 -28.43 -41.14
C SER D 259 -2.62 -28.84 -40.64
N VAL D 260 -2.97 -30.10 -40.83
CA VAL D 260 -4.28 -30.60 -40.40
C VAL D 260 -5.36 -30.03 -41.31
N THR D 261 -5.39 -28.71 -41.39
CA THR D 261 -6.42 -27.98 -42.13
C THR D 261 -6.48 -28.46 -43.58
N GLU D 262 -5.31 -28.70 -44.17
CA GLU D 262 -5.23 -29.12 -45.57
C GLU D 262 -5.57 -30.59 -45.75
N GLU D 263 -6.20 -31.19 -44.75
CA GLU D 263 -6.55 -32.60 -44.83
C GLU D 263 -8.01 -32.74 -45.27
N LYS D 264 -8.22 -33.39 -46.41
CA LYS D 264 -9.53 -33.44 -47.03
C LYS D 264 -10.24 -34.76 -46.77
N CYS D 265 -11.54 -34.65 -46.54
CA CYS D 265 -12.39 -35.80 -46.31
C CYS D 265 -13.70 -35.59 -47.05
N ALA D 266 -14.56 -36.60 -47.02
CA ALA D 266 -15.90 -36.47 -47.60
C ALA D 266 -16.84 -37.39 -46.85
N VAL D 267 -18.14 -37.19 -47.05
CA VAL D 267 -19.12 -38.12 -46.53
C VAL D 267 -19.60 -39.07 -47.62
N LEU D 268 -19.77 -40.34 -47.25
CA LEU D 268 -20.20 -41.37 -48.18
C LEU D 268 -21.65 -41.71 -47.91
N PHE D 269 -22.49 -41.52 -48.92
CA PHE D 269 -23.89 -41.90 -48.80
C PHE D 269 -24.08 -43.26 -49.42
N SER D 270 -24.52 -44.21 -48.59
CA SER D 270 -24.70 -45.58 -49.00
C SER D 270 -26.15 -46.01 -48.87
N ALA D 271 -26.56 -46.89 -49.78
CA ALA D 271 -27.91 -47.43 -49.79
C ALA D 271 -27.91 -48.68 -50.62
N SER D 272 -28.97 -49.46 -50.56
CA SER D 272 -29.12 -50.59 -51.46
C SER D 272 -30.61 -50.72 -51.66
N PHE D 273 -31.05 -50.98 -52.89
CA PHE D 273 -32.44 -51.41 -53.02
C PHE D 273 -32.67 -52.35 -54.19
N THR D 274 -33.61 -53.27 -54.01
CA THR D 274 -33.92 -54.30 -54.99
C THR D 274 -35.19 -54.01 -55.77
N LEU D 275 -35.28 -54.58 -56.97
CA LEU D 275 -36.51 -54.54 -57.76
C LEU D 275 -36.93 -55.97 -58.09
N GLY D 276 -38.18 -56.31 -57.78
CA GLY D 276 -38.68 -57.63 -58.09
C GLY D 276 -38.87 -57.74 -59.60
N PRO D 277 -38.56 -58.91 -60.19
CA PRO D 277 -38.22 -60.19 -59.57
C PRO D 277 -36.90 -60.13 -58.80
N GLY D 278 -36.85 -60.74 -57.63
CA GLY D 278 -35.66 -60.59 -56.82
C GLY D 278 -34.50 -61.48 -57.24
N LYS D 279 -33.28 -61.01 -56.98
CA LYS D 279 -33.09 -59.68 -56.40
C LYS D 279 -32.10 -58.84 -57.21
N LEU D 280 -30.90 -59.39 -57.41
CA LEU D 280 -29.77 -58.68 -58.05
C LEU D 280 -29.72 -57.24 -57.53
N PRO D 281 -29.65 -57.07 -56.20
CA PRO D 281 -29.74 -55.78 -55.54
C PRO D 281 -28.58 -54.87 -55.86
N ILE D 282 -28.87 -53.60 -56.12
CA ILE D 282 -27.81 -52.68 -56.44
C ILE D 282 -27.55 -51.82 -55.21
N GLN D 283 -26.25 -51.67 -54.96
CA GLN D 283 -25.74 -50.83 -53.90
C GLN D 283 -25.48 -49.46 -54.52
N LEU D 284 -26.11 -48.44 -53.95
CA LEU D 284 -25.92 -47.07 -54.38
C LEU D 284 -24.95 -46.36 -53.45
N GLN D 285 -24.00 -45.65 -54.03
CA GLN D 285 -23.16 -44.77 -53.22
C GLN D 285 -22.92 -43.47 -53.96
N ALA D 286 -22.92 -42.38 -53.20
CA ALA D 286 -22.67 -41.06 -53.75
C ALA D 286 -21.73 -40.35 -52.81
N LEU D 287 -20.71 -39.71 -53.38
CA LEU D 287 -19.74 -38.99 -52.59
C LEU D 287 -20.00 -37.50 -52.62
N SER D 288 -19.64 -36.81 -51.53
CA SER D 288 -19.80 -35.37 -51.45
C SER D 288 -18.61 -34.66 -52.09
N LEU D 289 -18.68 -33.35 -52.15
CA LEU D 289 -17.50 -32.56 -52.48
C LEU D 289 -16.52 -32.69 -51.32
N PRO D 290 -15.22 -32.49 -51.57
CA PRO D 290 -14.27 -32.57 -50.46
C PRO D 290 -14.52 -31.51 -49.40
N LEU D 291 -14.34 -31.89 -48.14
CA LEU D 291 -14.49 -30.97 -47.04
C LEU D 291 -13.30 -30.99 -46.08
N VAL D 292 -13.09 -29.89 -45.38
CA VAL D 292 -12.07 -29.80 -44.34
C VAL D 292 -12.75 -29.75 -42.97
N VAL D 293 -12.32 -30.61 -42.06
CA VAL D 293 -12.95 -30.68 -40.75
C VAL D 293 -12.13 -29.93 -39.71
N ILE D 294 -12.78 -29.00 -39.02
CA ILE D 294 -12.12 -28.12 -38.07
C ILE D 294 -12.64 -28.29 -36.65
N VAL D 295 -11.89 -27.78 -35.69
CA VAL D 295 -12.21 -27.97 -34.28
C VAL D 295 -12.60 -26.65 -33.61
N HIS D 296 -12.18 -25.55 -34.21
CA HIS D 296 -12.46 -24.23 -33.66
C HIS D 296 -12.49 -23.17 -34.77
N GLY D 297 -13.17 -22.07 -34.51
CA GLY D 297 -13.29 -20.97 -35.44
C GLY D 297 -11.99 -20.47 -36.04
N ASN D 298 -10.92 -20.45 -35.26
CA ASN D 298 -9.65 -19.90 -35.72
C ASN D 298 -9.01 -20.65 -36.89
N GLN D 299 -9.47 -21.88 -37.16
CA GLN D 299 -8.94 -22.66 -38.25
C GLN D 299 -9.72 -22.37 -39.53
N ASP D 300 -10.80 -21.60 -39.41
CA ASP D 300 -11.71 -21.35 -40.51
C ASP D 300 -11.00 -20.73 -41.71
N ASN D 301 -10.09 -19.80 -41.46
CA ASN D 301 -9.43 -19.07 -42.54
C ASN D 301 -8.69 -20.02 -43.46
N ASN D 302 -7.75 -20.76 -42.88
CA ASN D 302 -6.88 -21.64 -43.65
C ASN D 302 -7.69 -22.70 -44.37
N ALA D 303 -8.69 -23.23 -43.68
CA ALA D 303 -9.53 -24.28 -44.24
C ALA D 303 -10.21 -23.74 -45.48
N LYS D 304 -10.72 -22.52 -45.37
CA LYS D 304 -11.46 -21.92 -46.48
C LYS D 304 -10.60 -21.94 -47.72
N ALA D 305 -9.31 -21.66 -47.54
CA ALA D 305 -8.43 -21.60 -48.70
C ALA D 305 -8.40 -22.93 -49.43
N THR D 306 -8.25 -24.02 -48.67
CA THR D 306 -8.06 -25.33 -49.29
C THR D 306 -9.27 -25.65 -50.15
N ILE D 307 -10.44 -25.51 -49.54
CA ILE D 307 -11.69 -25.78 -50.22
C ILE D 307 -11.78 -24.87 -51.44
N LEU D 308 -11.44 -23.60 -51.24
CA LEU D 308 -11.55 -22.61 -52.30
C LEU D 308 -10.77 -23.17 -53.47
N TRP D 309 -9.51 -23.49 -53.17
CA TRP D 309 -8.58 -23.92 -54.18
C TRP D 309 -9.19 -25.09 -54.92
N ASP D 310 -9.63 -26.08 -54.16
CA ASP D 310 -10.06 -27.33 -54.75
C ASP D 310 -11.22 -27.04 -55.67
N ASN D 311 -12.16 -26.23 -55.18
CA ASN D 311 -13.40 -26.01 -55.90
C ASN D 311 -13.07 -25.41 -57.25
N ALA D 312 -12.10 -24.51 -57.24
CA ALA D 312 -11.73 -23.82 -58.46
C ALA D 312 -11.03 -24.76 -59.46
N PHE D 313 -10.11 -25.58 -58.96
CA PHE D 313 -9.14 -26.24 -59.84
C PHE D 313 -9.28 -27.76 -59.94
N SER D 314 -10.34 -28.31 -59.36
CA SER D 314 -10.60 -29.74 -59.44
C SER D 314 -10.92 -30.14 -60.88
N GLU D 315 -10.41 -31.29 -61.29
CA GLU D 315 -10.70 -31.83 -62.61
C GLU D 315 -12.15 -32.28 -62.69
N MET D 316 -12.75 -32.19 -63.87
CA MET D 316 -14.14 -32.60 -64.03
C MET D 316 -14.24 -34.08 -63.68
N ASP D 317 -13.27 -34.86 -64.15
CA ASP D 317 -13.10 -36.23 -63.71
C ASP D 317 -11.72 -36.36 -63.10
N ARG D 318 -11.66 -36.80 -61.85
CA ARG D 318 -10.38 -36.88 -61.14
C ARG D 318 -10.40 -37.90 -60.01
N VAL D 319 -9.21 -38.33 -59.60
CA VAL D 319 -9.07 -39.12 -58.38
C VAL D 319 -9.33 -38.32 -57.12
N PRO D 320 -10.07 -38.91 -56.16
CA PRO D 320 -10.25 -38.18 -54.91
C PRO D 320 -8.95 -38.23 -54.10
N PHE D 321 -8.43 -37.09 -53.67
CA PHE D 321 -8.93 -35.78 -54.04
C PHE D 321 -7.78 -34.94 -54.60
N VAL D 322 -7.29 -35.30 -55.79
CA VAL D 322 -6.11 -34.65 -56.37
C VAL D 322 -6.46 -33.35 -57.10
N VAL D 323 -5.59 -32.36 -56.96
CA VAL D 323 -5.73 -31.09 -57.66
C VAL D 323 -4.32 -30.55 -57.99
N ALA D 324 -4.24 -29.63 -58.96
CA ALA D 324 -2.98 -29.08 -59.46
C ALA D 324 -2.09 -28.39 -58.42
N GLU D 325 -0.81 -28.33 -58.73
CA GLU D 325 0.19 -27.68 -57.89
C GLU D 325 0.30 -26.18 -58.14
N ARG D 326 0.15 -25.77 -59.40
CA ARG D 326 0.17 -24.36 -59.77
C ARG D 326 -0.84 -24.05 -60.88
N VAL D 327 -1.25 -22.79 -60.97
CA VAL D 327 -2.29 -22.38 -61.91
C VAL D 327 -1.99 -21.05 -62.59
N PRO D 328 -2.66 -20.77 -63.72
CA PRO D 328 -2.51 -19.45 -64.34
C PRO D 328 -2.96 -18.34 -63.38
N TRP D 329 -2.17 -17.28 -63.28
CA TRP D 329 -2.48 -16.18 -62.37
C TRP D 329 -3.79 -15.48 -62.70
N GLU D 330 -4.10 -15.41 -64.00
CA GLU D 330 -5.33 -14.80 -64.50
C GLU D 330 -6.62 -15.50 -64.02
N LYS D 331 -6.63 -16.82 -64.07
CA LYS D 331 -7.79 -17.58 -63.61
C LYS D 331 -7.95 -17.41 -62.11
N MET D 332 -6.82 -17.28 -61.42
CA MET D 332 -6.79 -17.02 -60.00
C MET D 332 -7.44 -15.67 -59.73
N CYS D 333 -7.20 -14.73 -60.64
CA CYS D 333 -7.81 -13.42 -60.52
C CYS D 333 -9.32 -13.54 -60.67
N GLU D 334 -9.76 -14.35 -61.64
CA GLU D 334 -11.18 -14.60 -61.83
C GLU D 334 -11.83 -15.15 -60.54
N THR D 335 -11.22 -16.18 -59.98
CA THR D 335 -11.73 -16.80 -58.76
C THR D 335 -11.80 -15.81 -57.60
N LEU D 336 -10.70 -15.07 -57.39
CA LEU D 336 -10.65 -14.07 -56.32
C LEU D 336 -11.78 -13.05 -56.46
N ASN D 337 -12.02 -12.57 -57.68
CA ASN D 337 -13.11 -11.63 -57.92
C ASN D 337 -14.47 -12.25 -57.58
N LEU D 338 -14.74 -13.43 -58.15
CA LEU D 338 -15.97 -14.16 -57.82
C LEU D 338 -16.23 -14.34 -56.31
N LYS D 339 -15.25 -14.85 -55.58
CA LYS D 339 -15.42 -15.06 -54.14
C LYS D 339 -15.63 -13.73 -53.43
N PHE D 340 -14.94 -12.69 -53.89
CA PHE D 340 -15.08 -11.36 -53.29
C PHE D 340 -16.52 -10.87 -53.40
N MET D 341 -17.03 -10.84 -54.63
CA MET D 341 -18.38 -10.38 -54.90
C MET D 341 -19.43 -11.24 -54.21
N ALA D 342 -19.16 -12.54 -54.12
CA ALA D 342 -20.08 -13.49 -53.52
C ALA D 342 -20.21 -13.29 -52.03
N GLU D 343 -19.07 -13.14 -51.36
CA GLU D 343 -19.07 -13.04 -49.90
C GLU D 343 -19.36 -11.64 -49.37
N VAL D 344 -18.86 -10.61 -50.03
CA VAL D 344 -19.17 -9.25 -49.62
C VAL D 344 -20.66 -9.00 -49.82
N GLY D 345 -21.17 -9.50 -50.94
CA GLY D 345 -22.57 -9.28 -51.27
C GLY D 345 -22.65 -8.03 -52.11
N THR D 346 -21.82 -7.98 -53.15
CA THR D 346 -21.70 -6.80 -53.99
C THR D 346 -21.81 -7.18 -55.45
N ASN D 347 -22.41 -6.28 -56.22
CA ASN D 347 -22.61 -6.51 -57.64
C ASN D 347 -21.39 -6.18 -58.48
N ARG D 348 -20.53 -5.31 -57.95
CA ARG D 348 -19.30 -4.94 -58.63
C ARG D 348 -18.08 -5.08 -57.74
N GLY D 349 -17.08 -5.82 -58.22
CA GLY D 349 -15.89 -6.12 -57.45
C GLY D 349 -14.61 -5.52 -58.02
N LEU D 350 -13.55 -6.32 -58.02
CA LEU D 350 -12.19 -5.82 -58.21
C LEU D 350 -11.87 -5.33 -59.63
N LEU D 351 -10.95 -4.36 -59.69
CA LEU D 351 -10.52 -3.74 -60.95
C LEU D 351 -9.08 -4.15 -61.28
N PRO D 352 -8.64 -3.93 -62.54
CA PRO D 352 -7.26 -4.18 -62.99
C PRO D 352 -6.15 -3.69 -62.05
N GLU D 353 -6.20 -2.42 -61.65
CA GLU D 353 -5.19 -1.84 -60.76
C GLU D 353 -5.06 -2.63 -59.47
N HIS D 354 -6.20 -3.07 -58.96
CA HIS D 354 -6.28 -3.87 -57.76
C HIS D 354 -5.51 -5.17 -57.98
N PHE D 355 -5.87 -5.88 -59.05
CA PHE D 355 -5.24 -7.14 -59.42
C PHE D 355 -3.72 -6.98 -59.52
N LEU D 356 -3.31 -5.85 -60.10
CA LEU D 356 -1.91 -5.48 -60.18
C LEU D 356 -1.26 -5.40 -58.80
N PHE D 357 -1.86 -4.62 -57.91
CA PHE D 357 -1.37 -4.50 -56.53
C PHE D 357 -1.29 -5.86 -55.83
N LEU D 358 -2.26 -6.72 -56.12
CA LEU D 358 -2.34 -8.06 -55.54
C LEU D 358 -1.19 -8.92 -56.02
N ALA D 359 -0.92 -8.83 -57.32
CA ALA D 359 0.17 -9.54 -57.96
C ALA D 359 1.50 -9.09 -57.35
N GLN D 360 1.62 -7.77 -57.21
CA GLN D 360 2.77 -7.14 -56.58
C GLN D 360 2.99 -7.69 -55.17
N LYS D 361 1.91 -7.74 -54.39
CA LYS D 361 1.97 -8.23 -53.01
C LYS D 361 2.47 -9.68 -52.96
N ILE D 362 1.77 -10.56 -53.68
CA ILE D 362 2.05 -11.99 -53.60
C ILE D 362 3.35 -12.45 -54.27
N PHE D 363 3.77 -11.75 -55.32
CA PHE D 363 4.93 -12.18 -56.10
C PHE D 363 6.19 -11.49 -55.61
N ASN D 364 6.01 -10.51 -54.73
CA ASN D 364 7.08 -9.63 -54.27
C ASN D 364 7.71 -8.90 -55.44
N ASP D 365 6.96 -8.80 -56.53
CA ASP D 365 7.49 -8.14 -57.71
C ASP D 365 7.00 -6.70 -57.66
N ASN D 366 7.89 -5.78 -57.97
CA ASN D 366 7.60 -4.36 -57.90
C ASN D 366 7.21 -3.78 -59.25
N SER D 367 6.93 -4.65 -60.20
CA SER D 367 6.62 -4.27 -61.57
C SER D 367 5.39 -3.36 -61.62
N LEU D 368 5.23 -2.66 -62.74
CA LEU D 368 4.22 -1.61 -62.85
C LEU D 368 3.26 -1.87 -63.99
N SER D 369 3.49 -2.96 -64.71
CA SER D 369 2.70 -3.25 -65.90
C SER D 369 1.72 -4.39 -65.68
N MET D 370 0.47 -4.14 -66.04
CA MET D 370 -0.60 -5.11 -65.93
C MET D 370 -0.35 -6.31 -66.87
N GLU D 371 0.60 -6.15 -67.80
CA GLU D 371 0.92 -7.20 -68.76
C GLU D 371 2.07 -8.12 -68.34
N ALA D 372 2.91 -7.67 -67.42
CA ALA D 372 4.05 -8.49 -66.98
C ALA D 372 3.64 -9.76 -66.25
N PHE D 373 2.73 -9.62 -65.29
CA PHE D 373 2.32 -10.72 -64.43
C PHE D 373 1.34 -11.69 -65.06
N GLN D 374 0.64 -11.26 -66.10
CA GLN D 374 -0.55 -11.98 -66.54
C GLN D 374 -0.19 -13.38 -67.01
N HIS D 375 0.96 -13.49 -67.66
CA HIS D 375 1.44 -14.78 -68.15
C HIS D 375 2.35 -15.43 -67.12
N ARG D 376 1.78 -15.77 -65.97
CA ARG D 376 2.58 -16.33 -64.89
C ARG D 376 1.82 -17.44 -64.16
N SER D 377 2.56 -18.29 -63.47
CA SER D 377 1.90 -19.34 -62.71
C SER D 377 2.06 -19.07 -61.23
N VAL D 378 1.11 -19.56 -60.44
CA VAL D 378 1.15 -19.36 -59.01
C VAL D 378 0.85 -20.67 -58.33
N SER D 379 1.67 -21.02 -57.35
CA SER D 379 1.50 -22.28 -56.68
C SER D 379 0.68 -22.09 -55.42
N TRP D 380 0.21 -23.20 -54.88
CA TRP D 380 -0.56 -23.23 -53.65
C TRP D 380 0.27 -22.79 -52.47
N SER D 381 1.53 -23.21 -52.47
CA SER D 381 2.44 -22.87 -51.40
C SER D 381 2.62 -21.36 -51.34
N GLN D 382 2.71 -20.73 -52.51
CA GLN D 382 2.80 -19.26 -52.61
C GLN D 382 1.52 -18.67 -52.06
N PHE D 383 0.40 -19.29 -52.41
CA PHE D 383 -0.92 -18.81 -52.05
C PHE D 383 -1.18 -18.76 -50.55
N ASN D 384 -1.01 -19.88 -49.86
CA ASN D 384 -1.38 -19.98 -48.46
C ASN D 384 -0.33 -20.59 -47.53
N LYS D 385 0.74 -21.16 -48.07
CA LYS D 385 1.72 -21.78 -47.18
C LYS D 385 2.93 -20.91 -46.86
N GLU D 386 3.26 -19.97 -47.72
CA GLU D 386 4.46 -19.16 -47.51
C GLU D 386 4.17 -17.80 -46.86
N ILE D 387 4.94 -17.49 -45.82
CA ILE D 387 4.90 -16.15 -45.24
C ILE D 387 5.36 -15.16 -46.30
N LEU D 388 4.74 -14.00 -46.37
CA LEU D 388 5.23 -12.95 -47.28
C LEU D 388 5.89 -11.74 -46.60
N LEU D 389 7.00 -11.29 -47.18
CA LEU D 389 7.63 -10.01 -46.87
C LEU D 389 7.80 -9.57 -45.40
N GLY D 390 8.32 -10.43 -44.54
CA GLY D 390 8.54 -10.02 -43.17
C GLY D 390 7.27 -9.91 -42.33
N ARG D 391 6.12 -10.06 -42.95
CA ARG D 391 4.86 -10.02 -42.22
C ARG D 391 4.70 -11.38 -41.56
N GLY D 392 3.72 -11.51 -40.69
CA GLY D 392 3.55 -12.75 -39.98
C GLY D 392 2.50 -13.66 -40.58
N PHE D 393 2.01 -13.31 -41.77
CA PHE D 393 0.87 -14.02 -42.33
C PHE D 393 1.01 -14.28 -43.83
N THR D 394 0.22 -15.21 -44.35
CA THR D 394 0.25 -15.54 -45.79
C THR D 394 -0.62 -14.58 -46.59
N PHE D 395 -0.52 -14.67 -47.92
CA PHE D 395 -1.34 -13.85 -48.81
C PHE D 395 -2.83 -14.09 -48.59
N TRP D 396 -3.26 -15.35 -48.65
CA TRP D 396 -4.65 -15.69 -48.41
C TRP D 396 -5.16 -15.20 -47.06
N GLN D 397 -4.35 -15.38 -46.03
CA GLN D 397 -4.75 -14.96 -44.68
C GLN D 397 -5.08 -13.47 -44.68
N TRP D 398 -4.29 -12.70 -45.44
CA TRP D 398 -4.51 -11.28 -45.58
C TRP D 398 -5.79 -10.99 -46.34
N PHE D 399 -5.95 -11.67 -47.48
CA PHE D 399 -7.07 -11.41 -48.39
C PHE D 399 -8.38 -11.74 -47.70
N ASP D 400 -8.42 -12.88 -47.04
CA ASP D 400 -9.58 -13.29 -46.26
C ASP D 400 -9.82 -12.32 -45.12
N GLY D 401 -8.74 -11.77 -44.56
CA GLY D 401 -8.86 -10.68 -43.60
C GLY D 401 -9.67 -9.50 -44.10
N VAL D 402 -9.26 -8.97 -45.26
CA VAL D 402 -9.96 -7.81 -45.82
C VAL D 402 -11.37 -8.21 -46.25
N LEU D 403 -11.51 -9.45 -46.70
CA LEU D 403 -12.79 -10.02 -47.05
C LEU D 403 -13.79 -9.94 -45.89
N ASP D 404 -13.34 -10.40 -44.72
CA ASP D 404 -14.18 -10.36 -43.52
C ASP D 404 -14.49 -8.93 -43.15
N LEU D 405 -13.47 -8.07 -43.15
CA LEU D 405 -13.68 -6.66 -42.82
C LEU D 405 -14.75 -6.02 -43.71
N THR D 406 -14.65 -6.25 -45.02
CA THR D 406 -15.54 -5.60 -45.99
C THR D 406 -16.95 -6.14 -45.87
N LYS D 407 -17.08 -7.45 -45.79
CA LYS D 407 -18.39 -8.08 -45.59
C LYS D 407 -19.09 -7.51 -44.36
N ARG D 408 -18.37 -7.53 -43.23
CA ARG D 408 -18.92 -7.09 -41.95
C ARG D 408 -19.26 -5.60 -41.85
N CYS D 409 -18.36 -4.73 -42.29
CA CYS D 409 -18.50 -3.31 -41.99
C CYS D 409 -18.47 -2.33 -43.17
N LEU D 410 -18.13 -2.82 -44.36
CA LEU D 410 -17.82 -1.92 -45.46
C LEU D 410 -18.58 -2.16 -46.77
N ARG D 411 -19.45 -3.17 -46.78
CA ARG D 411 -20.18 -3.57 -47.98
C ARG D 411 -20.85 -2.36 -48.65
N SER D 412 -21.51 -1.56 -47.82
CA SER D 412 -22.23 -0.38 -48.26
C SER D 412 -21.27 0.62 -48.89
N TYR D 413 -20.16 0.88 -48.20
CA TYR D 413 -19.18 1.85 -48.67
C TYR D 413 -18.52 1.36 -49.95
N TRP D 414 -18.28 0.05 -50.02
CA TRP D 414 -17.61 -0.52 -51.18
C TRP D 414 -18.48 -0.49 -52.43
N SER D 415 -19.74 -0.92 -52.30
CA SER D 415 -20.66 -0.91 -53.44
C SER D 415 -20.83 0.51 -53.96
N ASP D 416 -20.67 1.48 -53.06
CA ASP D 416 -20.73 2.89 -53.39
C ASP D 416 -19.42 3.37 -54.03
N ARG D 417 -18.47 2.44 -54.16
CA ARG D 417 -17.17 2.72 -54.76
C ARG D 417 -16.51 3.93 -54.11
N LEU D 418 -16.45 3.91 -52.78
CA LEU D 418 -15.80 5.00 -52.04
C LEU D 418 -14.44 4.55 -51.49
N ILE D 419 -14.15 3.26 -51.63
CA ILE D 419 -12.90 2.69 -51.17
C ILE D 419 -12.08 2.24 -52.37
N ILE D 420 -10.86 2.75 -52.48
CA ILE D 420 -9.91 2.25 -53.45
C ILE D 420 -9.58 0.80 -53.11
N GLY D 421 -9.47 0.54 -51.82
CA GLY D 421 -9.20 -0.79 -51.30
C GLY D 421 -7.80 -1.33 -51.43
N PHE D 422 -7.29 -1.45 -52.66
CA PHE D 422 -5.94 -1.97 -52.83
C PHE D 422 -5.01 -0.99 -53.55
N ILE D 423 -3.93 -0.62 -52.87
CA ILE D 423 -2.88 0.21 -53.45
C ILE D 423 -1.58 0.03 -52.67
N SER D 424 -0.46 0.39 -53.30
CA SER D 424 0.78 0.55 -52.57
C SER D 424 0.90 1.95 -51.98
N LYS D 425 1.55 2.05 -50.83
CA LYS D 425 1.76 3.32 -50.15
C LYS D 425 2.45 4.32 -51.08
N GLN D 426 3.31 3.76 -51.93
CA GLN D 426 3.99 4.52 -52.96
C GLN D 426 2.99 5.28 -53.81
N TYR D 427 2.02 4.53 -54.32
CA TYR D 427 1.06 5.06 -55.26
C TYR D 427 0.12 6.08 -54.57
N VAL D 428 -0.09 5.97 -53.25
CA VAL D 428 -0.90 6.97 -52.56
C VAL D 428 -0.07 8.24 -52.43
N THR D 429 1.25 8.10 -52.21
CA THR D 429 2.08 9.28 -52.08
C THR D 429 2.07 10.05 -53.40
N SER D 430 2.31 9.31 -54.50
CA SER D 430 2.29 9.90 -55.83
C SER D 430 0.95 10.52 -56.19
N LEU D 431 -0.14 9.81 -55.90
CA LEU D 431 -1.47 10.28 -56.25
C LEU D 431 -1.90 11.49 -55.42
N LEU D 432 -1.45 11.57 -54.17
CA LEU D 432 -1.98 12.59 -53.28
C LEU D 432 -1.11 13.84 -53.18
N LEU D 433 0.17 13.74 -53.52
CA LEU D 433 1.03 14.92 -53.43
C LEU D 433 0.58 16.06 -54.35
N ASN D 434 0.09 15.73 -55.54
CA ASN D 434 -0.41 16.74 -56.46
C ASN D 434 -1.74 17.35 -56.02
N GLU D 435 -2.38 16.74 -55.03
CA GLU D 435 -3.72 17.17 -54.64
C GLU D 435 -3.65 18.25 -53.56
N PRO D 436 -4.70 19.08 -53.46
CA PRO D 436 -4.71 20.21 -52.51
C PRO D 436 -4.86 19.77 -51.08
N ASP D 437 -4.75 20.70 -50.13
CA ASP D 437 -4.93 20.37 -48.72
C ASP D 437 -6.37 19.93 -48.47
N GLY D 438 -6.53 18.77 -47.86
CA GLY D 438 -7.84 18.22 -47.53
C GLY D 438 -8.33 17.08 -48.40
N THR D 439 -7.46 16.55 -49.26
CA THR D 439 -7.78 15.39 -50.10
C THR D 439 -7.35 14.07 -49.44
N PHE D 440 -8.23 13.08 -49.43
CA PHE D 440 -7.90 11.82 -48.76
C PHE D 440 -8.38 10.59 -49.53
N LEU D 441 -7.91 9.43 -49.13
CA LEU D 441 -8.38 8.17 -49.71
C LEU D 441 -8.31 7.05 -48.68
N LEU D 442 -9.08 6.00 -48.94
CA LEU D 442 -9.17 4.84 -48.06
C LEU D 442 -8.47 3.63 -48.68
N ARG D 443 -7.56 3.02 -47.92
CA ARG D 443 -6.87 1.82 -48.40
C ARG D 443 -6.76 0.74 -47.33
N PHE D 444 -6.73 -0.52 -47.75
CA PHE D 444 -6.59 -1.63 -46.80
C PHE D 444 -5.19 -1.65 -46.21
N SER D 445 -5.11 -1.89 -44.91
CA SER D 445 -3.82 -2.02 -44.24
C SER D 445 -3.11 -3.26 -44.76
N ASP D 446 -1.84 -3.08 -45.13
CA ASP D 446 -1.03 -4.17 -45.62
C ASP D 446 -0.34 -4.86 -44.44
N SER D 447 -0.19 -4.13 -43.34
CA SER D 447 0.55 -4.63 -42.19
C SER D 447 -0.32 -5.39 -41.19
N GLU D 448 -1.57 -4.96 -41.04
CA GLU D 448 -2.50 -5.65 -40.15
C GLU D 448 -3.49 -6.49 -40.97
N ILE D 449 -3.88 -7.65 -40.43
CA ILE D 449 -4.95 -8.45 -41.01
C ILE D 449 -6.31 -7.87 -40.66
N GLY D 450 -7.09 -7.51 -41.68
CA GLY D 450 -8.43 -7.01 -41.47
C GLY D 450 -8.42 -5.60 -40.92
N GLY D 451 -7.79 -4.68 -41.64
CA GLY D 451 -7.71 -3.31 -41.22
C GLY D 451 -7.79 -2.37 -42.41
N ILE D 452 -8.37 -1.20 -42.18
CA ILE D 452 -8.48 -0.18 -43.22
C ILE D 452 -7.98 1.14 -42.67
N THR D 453 -7.25 1.87 -43.49
CA THR D 453 -6.56 3.06 -43.03
C THR D 453 -6.80 4.22 -43.98
N ILE D 454 -6.88 5.41 -43.37
CA ILE D 454 -7.09 6.66 -44.06
C ILE D 454 -5.76 7.34 -44.39
N ALA D 455 -5.60 7.79 -45.64
CA ALA D 455 -4.43 8.59 -46.01
C ALA D 455 -4.90 9.96 -46.48
N HIS D 456 -4.38 11.03 -45.90
CA HIS D 456 -4.79 12.37 -46.30
C HIS D 456 -3.60 13.31 -46.53
N VAL D 457 -3.88 14.47 -47.12
CA VAL D 457 -2.81 15.41 -47.51
C VAL D 457 -2.72 16.65 -46.64
N ILE D 458 -1.51 16.86 -46.15
CA ILE D 458 -1.11 17.95 -45.29
C ILE D 458 0.24 18.36 -45.85
N ARG D 459 0.65 19.62 -45.78
CA ARG D 459 -0.15 20.78 -45.33
C ARG D 459 -0.34 21.81 -46.45
N GLY D 460 -1.38 22.61 -46.34
CA GLY D 460 -1.63 23.70 -47.27
C GLY D 460 -0.62 24.83 -47.13
N GLN D 461 -0.47 25.61 -48.19
CA GLN D 461 0.46 26.74 -48.23
C GLN D 461 1.96 26.40 -48.12
N ASP D 462 2.68 27.09 -47.24
CA ASP D 462 4.13 27.17 -47.30
C ASP D 462 4.91 25.86 -47.16
N GLY D 463 4.52 24.99 -46.23
CA GLY D 463 5.19 23.72 -46.08
C GLY D 463 4.88 22.87 -47.31
N SER D 464 5.85 22.11 -47.81
CA SER D 464 5.55 21.30 -48.96
C SER D 464 4.69 20.19 -48.40
N PRO D 465 3.63 19.81 -49.11
CA PRO D 465 2.69 18.81 -48.61
C PRO D 465 3.34 17.47 -48.23
N GLN D 466 2.92 16.93 -47.10
CA GLN D 466 3.41 15.64 -46.62
C GLN D 466 2.23 14.76 -46.21
N ILE D 467 2.30 13.48 -46.55
CA ILE D 467 1.14 12.62 -46.41
C ILE D 467 1.12 11.92 -45.05
N GLU D 468 -0.06 11.87 -44.40
CA GLU D 468 -0.22 11.15 -43.14
C GLU D 468 -1.14 9.92 -43.30
N ASN D 469 -0.78 8.85 -42.59
CA ASN D 469 -1.54 7.61 -42.60
C ASN D 469 -2.08 7.27 -41.21
N ILE D 470 -3.39 7.37 -41.03
CA ILE D 470 -4.03 7.03 -39.76
C ILE D 470 -3.97 5.53 -39.51
N GLN D 471 -3.74 5.13 -38.26
CA GLN D 471 -3.70 3.71 -37.89
C GLN D 471 -5.01 3.02 -38.30
N PRO D 472 -4.92 1.77 -38.75
CA PRO D 472 -6.07 1.05 -39.33
C PRO D 472 -7.23 0.78 -38.38
N PHE D 473 -8.43 0.70 -38.95
CA PHE D 473 -9.64 0.35 -38.21
C PHE D 473 -9.96 -1.13 -38.37
N SER D 474 -10.19 -1.81 -37.25
CA SER D 474 -10.64 -3.21 -37.28
C SER D 474 -12.15 -3.28 -37.35
N ALA D 475 -12.69 -4.48 -37.52
CA ALA D 475 -14.13 -4.69 -37.50
C ALA D 475 -14.72 -4.21 -36.18
N LYS D 476 -14.00 -4.43 -35.08
CA LYS D 476 -14.39 -3.95 -33.76
C LYS D 476 -14.43 -2.42 -33.70
N ASP D 477 -13.37 -1.79 -34.19
CA ASP D 477 -13.28 -0.33 -34.19
C ASP D 477 -14.47 0.29 -34.91
N LEU D 478 -14.93 -0.37 -35.97
CA LEU D 478 -16.04 0.14 -36.77
C LEU D 478 -17.38 -0.24 -36.13
N SER D 479 -17.40 -1.34 -35.39
CA SER D 479 -18.60 -1.70 -34.64
C SER D 479 -18.85 -0.67 -33.55
N ILE D 480 -17.76 -0.16 -32.97
CA ILE D 480 -17.84 0.87 -31.94
C ILE D 480 -18.32 2.20 -32.52
N ARG D 481 -17.79 2.58 -33.67
CA ARG D 481 -18.26 3.76 -34.40
C ARG D 481 -18.02 3.54 -35.88
N SER D 482 -19.08 3.72 -36.68
CA SER D 482 -19.03 3.36 -38.10
C SER D 482 -18.00 4.20 -38.83
N LEU D 483 -17.47 3.66 -39.93
CA LEU D 483 -16.49 4.37 -40.75
C LEU D 483 -16.98 5.75 -41.16
N GLY D 484 -18.20 5.82 -41.68
CA GLY D 484 -18.82 7.08 -42.07
C GLY D 484 -18.76 8.14 -40.98
N ASP D 485 -19.21 7.77 -39.78
CA ASP D 485 -19.22 8.69 -38.64
C ASP D 485 -17.80 9.10 -38.23
N ARG D 486 -16.88 8.13 -38.17
CA ARG D 486 -15.49 8.42 -37.84
C ARG D 486 -14.95 9.46 -38.82
N ILE D 487 -15.32 9.31 -40.08
CA ILE D 487 -14.94 10.24 -41.12
C ILE D 487 -15.56 11.61 -40.86
N ARG D 488 -16.84 11.62 -40.48
CA ARG D 488 -17.56 12.84 -40.13
C ARG D 488 -16.87 13.65 -39.04
N ASP D 489 -16.41 12.96 -38.00
CA ASP D 489 -15.75 13.62 -36.87
C ASP D 489 -14.61 14.52 -37.34
N LEU D 490 -13.84 13.99 -38.28
CA LEU D 490 -12.66 14.68 -38.81
C LEU D 490 -13.01 15.81 -39.80
N ALA D 491 -12.77 17.04 -39.37
CA ALA D 491 -13.03 18.22 -40.18
C ALA D 491 -11.94 18.49 -41.23
N GLN D 492 -10.71 18.09 -40.91
CA GLN D 492 -9.53 18.51 -41.67
C GLN D 492 -9.42 17.99 -43.12
N LEU D 493 -10.01 16.83 -43.41
CA LEU D 493 -10.06 16.34 -44.79
C LEU D 493 -11.24 16.97 -45.53
N LYS D 494 -10.99 17.60 -46.66
CA LYS D 494 -12.05 18.30 -47.39
C LYS D 494 -12.63 17.45 -48.52
N ASN D 495 -11.77 16.81 -49.29
CA ASN D 495 -12.23 16.07 -50.46
C ASN D 495 -11.77 14.62 -50.51
N LEU D 496 -12.68 13.72 -50.87
CA LEU D 496 -12.31 12.34 -51.15
C LEU D 496 -11.69 12.34 -52.54
N TYR D 497 -10.53 11.72 -52.67
CA TYR D 497 -9.83 11.69 -53.96
C TYR D 497 -10.67 10.98 -55.02
N PRO D 498 -10.79 11.59 -56.20
CA PRO D 498 -10.41 12.97 -56.49
C PRO D 498 -11.62 13.91 -56.65
N LYS D 499 -11.45 15.16 -56.20
CA LYS D 499 -12.43 16.23 -56.36
C LYS D 499 -13.83 16.04 -55.77
N LYS D 500 -14.07 14.91 -55.09
CA LYS D 500 -15.35 14.70 -54.45
C LYS D 500 -15.27 15.14 -52.99
N PRO D 501 -16.18 16.04 -52.57
CA PRO D 501 -16.20 16.55 -51.20
C PRO D 501 -16.88 15.59 -50.24
N LYS D 502 -16.35 15.46 -49.03
CA LYS D 502 -16.74 14.38 -48.13
C LYS D 502 -18.23 14.42 -47.79
N ASP D 503 -18.77 15.62 -47.59
CA ASP D 503 -20.14 15.77 -47.13
C ASP D 503 -21.13 15.20 -48.14
N GLU D 504 -20.86 15.44 -49.42
CA GLU D 504 -21.72 14.95 -50.49
C GLU D 504 -21.66 13.42 -50.61
N ALA D 505 -20.45 12.88 -50.47
CA ALA D 505 -20.20 11.46 -50.69
C ALA D 505 -20.76 10.54 -49.59
N PHE D 506 -20.62 10.95 -48.33
CA PHE D 506 -20.97 10.08 -47.21
C PHE D 506 -22.29 10.44 -46.54
N ARG D 507 -23.12 11.24 -47.21
CA ARG D 507 -24.41 11.67 -46.66
C ARG D 507 -25.21 10.47 -46.19
N SER D 508 -25.23 9.42 -47.00
CA SER D 508 -26.06 8.24 -46.75
C SER D 508 -25.56 7.37 -45.60
N HIS D 509 -24.31 7.55 -45.19
CA HIS D 509 -23.73 6.69 -44.14
C HIS D 509 -23.69 7.36 -42.77
N TYR D 510 -24.01 8.64 -42.71
CA TYR D 510 -24.02 9.34 -41.43
C TYR D 510 -25.16 8.84 -40.57
N LYS D 511 -24.85 8.58 -39.31
CA LYS D 511 -25.90 8.26 -38.37
C LYS D 511 -26.41 9.57 -37.85
N PRO D 512 -27.74 9.73 -37.82
CA PRO D 512 -28.26 10.98 -37.30
C PRO D 512 -28.14 11.04 -35.80
N GLU D 513 -27.74 12.20 -35.30
CA GLU D 513 -27.63 12.36 -33.86
C GLU D 513 -29.00 12.86 -33.46
N GLN D 514 -29.58 12.18 -32.47
CA GLN D 514 -30.98 12.39 -32.13
C GLN D 514 -31.32 13.78 -31.60
N MET D 515 -30.45 14.32 -30.76
CA MET D 515 -30.73 15.54 -30.01
C MET D 515 -31.65 15.12 -28.85
N GLY D 516 -32.09 16.06 -28.04
CA GLY D 516 -33.05 15.78 -26.99
C GLY D 516 -32.44 15.23 -25.71
N LYS D 517 -33.28 15.04 -24.69
CA LYS D 517 -32.83 14.57 -23.39
C LYS D 517 -33.28 13.16 -22.97
N ASP D 518 -33.93 12.42 -23.85
CA ASP D 518 -34.48 11.14 -23.44
C ASP D 518 -33.49 10.01 -23.12
N GLY D 519 -33.86 9.11 -22.20
CA GLY D 519 -34.98 9.34 -21.30
C GLY D 519 -35.09 8.38 -20.12
N ARG D 520 -35.56 8.88 -18.97
CA ARG D 520 -35.89 10.29 -18.79
C ARG D 520 -34.84 10.96 -17.89
N GLY D 521 -34.39 12.15 -18.29
CA GLY D 521 -33.40 12.92 -17.57
C GLY D 521 -32.01 12.78 -18.16
N VAL D 523 -29.35 13.09 -20.74
CA VAL D 523 -28.77 13.67 -21.94
C VAL D 523 -27.83 12.66 -22.59
N PRO D 524 -28.00 12.40 -23.89
CA PRO D 524 -27.20 11.42 -24.63
C PRO D 524 -25.70 11.70 -24.56
N ALA D 525 -24.93 10.66 -24.27
CA ALA D 525 -23.48 10.77 -24.29
C ALA D 525 -22.92 10.10 -25.53
N THR D 526 -22.15 10.85 -26.30
CA THR D 526 -21.63 10.33 -27.56
C THR D 526 -20.12 10.43 -27.65
N ILE D 527 -19.54 9.58 -28.48
CA ILE D 527 -18.10 9.56 -28.66
C ILE D 527 -17.73 10.02 -30.07
N LYS D 528 -16.82 10.99 -30.13
CA LYS D 528 -16.28 11.43 -31.40
C LYS D 528 -14.84 10.94 -31.40
N MET D 529 -14.19 11.02 -32.56
CA MET D 529 -12.86 10.46 -32.67
C MET D 529 -11.89 11.56 -33.10
N THR D 530 -10.70 11.55 -32.52
CA THR D 530 -9.69 12.55 -32.87
C THR D 530 -8.29 11.95 -32.99
N VAL D 531 -7.35 12.77 -33.47
CA VAL D 531 -5.99 12.29 -33.73
C VAL D 531 -4.86 12.86 -32.86
N GLU D 532 -5.08 14.02 -32.25
CA GLU D 532 -4.01 14.69 -31.53
C GLU D 532 -4.50 15.64 -30.45
#